data_3BBI
# 
_entry.id   3BBI 
# 
_audit_conform.dict_name       mmcif_pdbx.dic 
_audit_conform.dict_version    5.377 
_audit_conform.dict_location   http://mmcif.pdb.org/dictionaries/ascii/mmcif_pdbx.dic 
# 
loop_
_database_2.database_id 
_database_2.database_code 
_database_2.pdbx_database_accession 
_database_2.pdbx_DOI 
PDB   3BBI         pdb_00003bbi 10.2210/pdb3bbi/pdb 
NDB   UR0134       ?            ?                   
RCSB  RCSB045317   ?            ?                   
WWPDB D_1000045317 ?            ?                   
# 
loop_
_pdbx_database_related.db_name 
_pdbx_database_related.db_id 
_pdbx_database_related.details 
_pdbx_database_related.content_type 
PDB 2P7F 
;The Novel Use of a 2',5'-Phosphodiester Linkage as a Reaction Intermediate at the Active Site of a Small Ribozyme
;
unspecified 
PDB 3B58 .                                                                                                                   
unspecified 
PDB 3B5A .                                                                                                                   
unspecified 
PDB 3B5F .                                                                                                                   
unspecified 
PDB 3B5S .                                                                                                                   
unspecified 
PDB 3B91 .                                                                                                                   
unspecified 
PDB 3BBK .                                                                                                                   
unspecified 
PDB 3BBM .                                                                                                                   
unspecified 
# 
_pdbx_database_status.entry_id                        3BBI 
_pdbx_database_status.status_code                     REL 
_pdbx_database_status.status_code_sf                  REL 
_pdbx_database_status.deposit_site                    RCSB 
_pdbx_database_status.process_site                    RCSB 
_pdbx_database_status.recvd_initial_deposition_date   2007-11-09 
_pdbx_database_status.SG_entry                        N 
_pdbx_database_status.status_code_mr                  ? 
_pdbx_database_status.pdb_format_compatible           Y 
_pdbx_database_status.status_code_cs                  ? 
_pdbx_database_status.status_code_nmr_data            ? 
_pdbx_database_status.methods_development_category    ? 
# 
loop_
_audit_author.name 
_audit_author.pdbx_ordinal 
'MacElrevey, C.' 1 
'Krucinska, J.'  2 
'Wedekind, J.E.' 3 
# 
_citation.id                        primary 
_citation.title                     
'Structural effects of nucleobase variations at key active site residue Ade38 in the hairpin ribozyme.' 
_citation.journal_abbrev            Rna 
_citation.journal_volume            14 
_citation.page_first                1600 
_citation.page_last                 1616 
_citation.year                      2008 
_citation.journal_id_ASTM           RNARFU 
_citation.country                   UK 
_citation.journal_id_ISSN           1355-8382 
_citation.journal_id_CSD            2122 
_citation.book_publisher            ? 
_citation.pdbx_database_id_PubMed   18596253 
_citation.pdbx_database_id_DOI      10.1261/rna.1055308 
# 
loop_
_citation_author.citation_id 
_citation_author.name 
_citation_author.ordinal 
_citation_author.identifier_ORCID 
primary 'MacElrevey, C.' 1 ? 
primary 'Salter, J.D.'   2 ? 
primary 'Krucinska, J.'  3 ? 
primary 'Wedekind, J.E.' 4 ? 
# 
_cell.entry_id           3BBI 
_cell.length_a           93.250 
_cell.length_b           93.250 
_cell.length_c           132.830 
_cell.angle_alpha        90.00 
_cell.angle_beta         90.00 
_cell.angle_gamma        120.00 
_cell.Z_PDB              12 
_cell.pdbx_unique_axis   ? 
_cell.length_a_esd       ? 
_cell.length_b_esd       ? 
_cell.length_c_esd       ? 
_cell.angle_alpha_esd    ? 
_cell.angle_beta_esd     ? 
_cell.angle_gamma_esd    ? 
# 
_symmetry.entry_id                         3BBI 
_symmetry.space_group_name_H-M             'P 61 2 2' 
_symmetry.pdbx_full_space_group_name_H-M   ? 
_symmetry.Int_Tables_number                178 
_symmetry.cell_setting                     ? 
_symmetry.space_group_name_Hall            ? 
# 
loop_
_entity.id 
_entity.type 
_entity.src_method 
_entity.pdbx_description 
_entity.formula_weight 
_entity.pdbx_number_of_molecules 
_entity.pdbx_ec 
_entity.pdbx_mutation 
_entity.pdbx_fragment 
_entity.details 
1 polymer     syn 'Loop A Substrate strand'           4066.497 1  ? ?                ? 
;2'-O-methyl modification at residue 5
;
2 polymer     syn 'Loop A and Loop B Ribozyme strand' 9762.989 1  ? ?                ? 
'Synthetic polyethylene glycol linker at hinge position 14' 
3 polymer     syn 'Loop B S-turn strand'              5991.568 1  ? 'A38(2AP), U39C' ? ? 
4 non-polymer syn 'SULFATE ION'                       96.063   1  ? ?                ? ? 
5 non-polymer syn 'COBALT HEXAMMINE(III)'             161.116  2  ? ?                ? ? 
6 water       nat water                               18.015   56 ? ?                ? ? 
# 
loop_
_entity_poly.entity_id 
_entity_poly.type 
_entity_poly.nstd_linkage 
_entity_poly.nstd_monomer 
_entity_poly.pdbx_seq_one_letter_code 
_entity_poly.pdbx_seq_one_letter_code_can 
_entity_poly.pdbx_strand_id 
_entity_poly.pdbx_target_identifier 
1 polyribonucleotide no yes 'UCCC(A2M)GUCCACCG'                  UCCCAGUCCACCG                  A ? 
2 polyribonucleotide no yes 'CGGUGAGAAGGG(S9L)GGCAGAGAAACACACGA' CGGUGAGAAGGGXGGCAGAGAAACACACGA B ? 
3 polyribonucleotide no yes 'UCGUGGU(MTU)CAUUACCUGCC'            UCGUGGUACAUUACCUGCC            C ? 
# 
loop_
_entity_poly_seq.entity_id 
_entity_poly_seq.num 
_entity_poly_seq.mon_id 
_entity_poly_seq.hetero 
1 1  U   n 
1 2  C   n 
1 3  C   n 
1 4  C   n 
1 5  A2M n 
1 6  G   n 
1 7  U   n 
1 8  C   n 
1 9  C   n 
1 10 A   n 
1 11 C   n 
1 12 C   n 
1 13 G   n 
2 1  C   n 
2 2  G   n 
2 3  G   n 
2 4  U   n 
2 5  G   n 
2 6  A   n 
2 7  G   n 
2 8  A   n 
2 9  A   n 
2 10 G   n 
2 11 G   n 
2 12 G   n 
2 13 S9L n 
2 14 G   n 
2 15 G   n 
2 16 C   n 
2 17 A   n 
2 18 G   n 
2 19 A   n 
2 20 G   n 
2 21 A   n 
2 22 A   n 
2 23 A   n 
2 24 C   n 
2 25 A   n 
2 26 C   n 
2 27 A   n 
2 28 C   n 
2 29 G   n 
2 30 A   n 
3 1  U   n 
3 2  C   n 
3 3  G   n 
3 4  U   n 
3 5  G   n 
3 6  G   n 
3 7  U   n 
3 8  MTU n 
3 9  C   n 
3 10 A   n 
3 11 U   n 
3 12 U   n 
3 13 A   n 
3 14 C   n 
3 15 C   n 
3 16 U   n 
3 17 G   n 
3 18 C   n 
3 19 C   n 
# 
loop_
_pdbx_entity_src_syn.entity_id 
_pdbx_entity_src_syn.pdbx_src_id 
_pdbx_entity_src_syn.pdbx_alt_source_flag 
_pdbx_entity_src_syn.pdbx_beg_seq_num 
_pdbx_entity_src_syn.pdbx_end_seq_num 
_pdbx_entity_src_syn.organism_scientific 
_pdbx_entity_src_syn.organism_common_name 
_pdbx_entity_src_syn.ncbi_taxonomy_id 
_pdbx_entity_src_syn.details 
1 1 sample ? ? ? ? ? 'solid phase chemical synthesis at Dharmacon, Colorado' 
2 1 sample ? ? ? ? ? 'solid phase chemical synthesis at Dharmacon, Colorado' 
3 1 sample ? ? ? ? ? 'solid phase chemical synthesis at Dharmacon, Colorado' 
# 
loop_
_struct_ref.id 
_struct_ref.entity_id 
_struct_ref.db_name 
_struct_ref.db_code 
_struct_ref.pdbx_db_accession 
_struct_ref.pdbx_align_begin 
_struct_ref.pdbx_seq_one_letter_code 
_struct_ref.pdbx_db_isoform 
1 1 PDB 3BBI 3BBI 1 'UCCC(A2M)GUCCACCG'                  ? 
2 2 PDB 3BBI 3BBI 1 'CGGUGAGAAGGG(S9L)GGCAGAGAAACACACGA' ? 
3 3 PDB 3BBI 3BBI 1 'UCGUGGU(MTU)CAUUACCUGCC'            ? 
# 
loop_
_struct_ref_seq.align_id 
_struct_ref_seq.ref_id 
_struct_ref_seq.pdbx_PDB_id_code 
_struct_ref_seq.pdbx_strand_id 
_struct_ref_seq.seq_align_beg 
_struct_ref_seq.pdbx_seq_align_beg_ins_code 
_struct_ref_seq.seq_align_end 
_struct_ref_seq.pdbx_seq_align_end_ins_code 
_struct_ref_seq.pdbx_db_accession 
_struct_ref_seq.db_align_beg 
_struct_ref_seq.pdbx_db_align_beg_ins_code 
_struct_ref_seq.db_align_end 
_struct_ref_seq.pdbx_db_align_end_ins_code 
_struct_ref_seq.pdbx_auth_seq_align_beg 
_struct_ref_seq.pdbx_auth_seq_align_end 
1 1 3BBI A 1 ? 13 ? 3BBI 1  ? 13 ? 1  13 
2 2 3BBI B 1 ? 30 ? 3BBI 2  ? 31 ? 2  31 
3 3 3BBI C 1 ? 19 ? 3BBI 31 ? 49 ? 31 49 
# 
loop_
_chem_comp.id 
_chem_comp.type 
_chem_comp.mon_nstd_flag 
_chem_comp.name 
_chem_comp.pdbx_synonyms 
_chem_comp.formula 
_chem_comp.formula_weight 
A   'RNA linking' y "ADENOSINE-5'-MONOPHOSPHATE"                              ? 'C10 H14 N5 O7 P' 347.221 
A2M 'RNA linking' n 
;2'-O-methyladenosine 5'-(dihydrogen phosphate)
;
? 'C11 H16 N5 O7 P' 361.248 
C   'RNA linking' y "CYTIDINE-5'-MONOPHOSPHATE"                               ? 'C9 H14 N3 O8 P'  323.197 
G   'RNA linking' y "GUANOSINE-5'-MONOPHOSPHATE"                              ? 'C10 H14 N5 O8 P' 363.221 
HOH non-polymer   . WATER                                                     ? 'H2 O'            18.015  
MTU 'RNA linking' n 9-BETA-D-RIBOFURANOSYL-9H-PURIN-2-AMINE                   ? 'C10 H14 N5 O7 P' 347.221 
NCO non-polymer   . 'COBALT HEXAMMINE(III)'                                   ? 'Co H18 N6 3'     161.116 
S9L non-polymer   . '2-[2-(2-HYDROXYETHOXY)ETHOXY]ETHYL DIHYDROGEN PHOSPHATE' ? 'C6 H15 O7 P'     230.153 
SO4 non-polymer   . 'SULFATE ION'                                             ? 'O4 S -2'         96.063  
U   'RNA linking' y "URIDINE-5'-MONOPHOSPHATE"                                ? 'C9 H13 N2 O9 P'  324.181 
# 
_exptl.entry_id          3BBI 
_exptl.method            'X-RAY DIFFRACTION' 
_exptl.crystals_number   1 
# 
_exptl_crystal.id                    1 
_exptl_crystal.density_meas          ? 
_exptl_crystal.density_Matthews      4.21 
_exptl_crystal.density_percent_sol   78 
_exptl_crystal.description           ? 
_exptl_crystal.F_000                 ? 
_exptl_crystal.preparation           ? 
# 
_exptl_crystal_grow.crystal_id      1 
_exptl_crystal_grow.method          'VAPOR DIFFUSION, HANGING DROP' 
_exptl_crystal_grow.temp            293 
_exptl_crystal_grow.pH              7.8 
_exptl_crystal_grow.pdbx_details    
'PEG 2K MME, lithium sulfate, HEPES, spermidine, cobalt hexaammine, pH 7.8, VAPOR DIFFUSION, HANGING DROP, temperature 293K' 
_exptl_crystal_grow.temp_details    ? 
_exptl_crystal_grow.pdbx_pH_range   . 
# 
loop_
_exptl_crystal_grow_comp.crystal_id 
_exptl_crystal_grow_comp.id 
_exptl_crystal_grow_comp.sol_id 
_exptl_crystal_grow_comp.name 
_exptl_crystal_grow_comp.conc 
_exptl_crystal_grow_comp.volume 
_exptl_crystal_grow_comp.details 
1 1 1 'PEG 2K MME'        ? ? ? 
1 2 1 Li2SO4              ? ? ? 
1 3 1 HEPES               ? ? ? 
1 4 1 spermidine          ? ? ? 
1 5 1 'cobalt hexaammine' ? ? ? 
1 6 2 'PEG 2K MME'        ? ? ? 
1 7 2 Li2SO4              ? ? ? 
1 8 2 HEPES               ? ? ? 
1 9 2 spermidine          ? ? ? 
# 
_diffrn.id                     1 
_diffrn.ambient_temp           100 
_diffrn.ambient_temp_details   ? 
_diffrn.crystal_id             1 
# 
_diffrn_detector.diffrn_id              1 
_diffrn_detector.detector               'IMAGE PLATE' 
_diffrn_detector.type                   'RIGAKU RAXIS IV' 
_diffrn_detector.pdbx_collection_date   2006-06-26 
_diffrn_detector.details                'Osmic confocal blue' 
# 
_diffrn_radiation.diffrn_id                        1 
_diffrn_radiation.wavelength_id                    1 
_diffrn_radiation.pdbx_monochromatic_or_laue_m_l   M 
_diffrn_radiation.monochromator                    'osmic confocal blue' 
_diffrn_radiation.pdbx_diffrn_protocol             'SINGLE WAVELENGTH' 
_diffrn_radiation.pdbx_scattering_type             x-ray 
# 
_diffrn_radiation_wavelength.id           1 
_diffrn_radiation_wavelength.wavelength   1.5418 
_diffrn_radiation_wavelength.wt           1.0 
# 
_diffrn_source.diffrn_id                   1 
_diffrn_source.source                      'ROTATING ANODE' 
_diffrn_source.type                        'RIGAKU RUH2R' 
_diffrn_source.pdbx_synchrotron_site       ? 
_diffrn_source.pdbx_synchrotron_beamline   ? 
_diffrn_source.pdbx_wavelength             ? 
_diffrn_source.pdbx_wavelength_list        1.5418 
# 
_reflns.entry_id                     3BBI 
_reflns.observed_criterion_sigma_I   ? 
_reflns.observed_criterion_sigma_F   ? 
_reflns.d_resolution_low             23.31 
_reflns.d_resolution_high            2.35 
_reflns.number_obs                   14740 
_reflns.number_all                   14797 
_reflns.percent_possible_obs         99.6 
_reflns.pdbx_Rmerge_I_obs            ? 
_reflns.pdbx_Rsym_value              0.031 
_reflns.pdbx_netI_over_sigmaI        23.4 
_reflns.B_iso_Wilson_estimate        108.0 
_reflns.pdbx_redundancy              6.5 
_reflns.R_free_details               ? 
_reflns.pdbx_chi_squared             ? 
_reflns.pdbx_scaling_rejects         ? 
_reflns.pdbx_ordinal                 1 
_reflns.pdbx_diffrn_id               1 
# 
_reflns_shell.d_res_high             2.35 
_reflns_shell.d_res_low              2.43 
_reflns_shell.percent_possible_all   100.0 
_reflns_shell.Rmerge_I_obs           ? 
_reflns_shell.pdbx_Rsym_value        0.449 
_reflns_shell.meanI_over_sigI_obs    3.3 
_reflns_shell.pdbx_redundancy        6.4 
_reflns_shell.percent_possible_obs   ? 
_reflns_shell.number_unique_all      1433 
_reflns_shell.number_measured_all    ? 
_reflns_shell.number_measured_obs    ? 
_reflns_shell.number_unique_obs      ? 
_reflns_shell.pdbx_chi_squared       ? 
_reflns_shell.pdbx_ordinal           1 
_reflns_shell.pdbx_diffrn_id         1 
# 
_refine.entry_id                                 3BBI 
_refine.ls_number_reflns_obs                     14726 
_refine.ls_number_reflns_all                     ? 
_refine.pdbx_ls_sigma_I                          ? 
_refine.pdbx_ls_sigma_F                          -3.0 
_refine.pdbx_data_cutoff_high_absF               785211.37 
_refine.pdbx_data_cutoff_low_absF                0.000000 
_refine.pdbx_data_cutoff_high_rms_absF           ? 
_refine.ls_d_res_low                             23.08 
_refine.ls_d_res_high                            2.35 
_refine.ls_percent_reflns_obs                    99.4 
_refine.ls_R_factor_obs                          0.2281 
_refine.ls_R_factor_all                          ? 
_refine.ls_R_factor_R_work                       0.228 
_refine.ls_R_factor_R_free                       0.238 
_refine.ls_R_factor_R_free_error                 0.007 
_refine.ls_R_factor_R_free_error_details         ? 
_refine.ls_percent_reflns_R_free                 7.0 
_refine.ls_number_reflns_R_free                  1029 
_refine.ls_number_parameters                     ? 
_refine.ls_number_restraints                     ? 
_refine.occupancy_min                            ? 
_refine.occupancy_max                            ? 
_refine.correlation_coeff_Fo_to_Fc               ? 
_refine.correlation_coeff_Fo_to_Fc_free          ? 
_refine.B_iso_mean                               67.5 
_refine.aniso_B[1][1]                            -8.94 
_refine.aniso_B[2][2]                            -8.94 
_refine.aniso_B[3][3]                            17.87 
_refine.aniso_B[1][2]                            -8.38 
_refine.aniso_B[1][3]                            0.00 
_refine.aniso_B[2][3]                            0.00 
_refine.solvent_model_details                    'FLAT MODEL' 
_refine.solvent_model_param_ksol                 0.32 
_refine.solvent_model_param_bsol                 60 
_refine.pdbx_solvent_vdw_probe_radii             ? 
_refine.pdbx_solvent_ion_probe_radii             ? 
_refine.pdbx_solvent_shrinkage_radii             ? 
_refine.pdbx_ls_cross_valid_method               THROUGHOUT 
_refine.details                                  'alternate conformations in chain A at resi 1 and resi 5' 
_refine.pdbx_starting_model                      2OUE 
_refine.pdbx_method_to_determine_struct          'FOURIER SYNTHESIS' 
_refine.pdbx_isotropic_thermal_model             RESTRAINED 
_refine.pdbx_stereochemistry_target_values       'Engh & Huber' 
_refine.pdbx_stereochem_target_val_spec_case     ? 
_refine.pdbx_R_Free_selection_details            RANDOM 
_refine.pdbx_overall_ESU_R                       ? 
_refine.pdbx_overall_ESU_R_Free                  ? 
_refine.overall_SU_ML                            ? 
_refine.overall_SU_B                             ? 
_refine.ls_redundancy_reflns_obs                 ? 
_refine.overall_SU_R_Cruickshank_DPI             ? 
_refine.overall_SU_R_free                        ? 
_refine.ls_wR_factor_R_free                      ? 
_refine.ls_wR_factor_R_work                      ? 
_refine.overall_FOM_free_R_set                   ? 
_refine.overall_FOM_work_R_set                   ? 
_refine.pdbx_overall_phase_error                 ? 
_refine.pdbx_refine_id                           'X-RAY DIFFRACTION' 
_refine.pdbx_diffrn_id                           1 
_refine.pdbx_TLS_residual_ADP_flag               ? 
_refine.pdbx_overall_SU_R_free_Cruickshank_DPI   ? 
_refine.pdbx_overall_SU_R_Blow_DPI               ? 
_refine.pdbx_overall_SU_R_free_Blow_DPI          ? 
# 
_refine_analyze.entry_id                        3BBI 
_refine_analyze.Luzzati_coordinate_error_obs    0.45 
_refine_analyze.Luzzati_sigma_a_obs             0.49 
_refine_analyze.Luzzati_d_res_low_obs           23.31 
_refine_analyze.Luzzati_coordinate_error_free   0.44 
_refine_analyze.Luzzati_sigma_a_free            0.53 
_refine_analyze.Luzzati_d_res_low_free          ? 
_refine_analyze.number_disordered_residues      ? 
_refine_analyze.occupancy_sum_hydrogen          ? 
_refine_analyze.occupancy_sum_non_hydrogen      ? 
_refine_analyze.pdbx_refine_id                  'X-RAY DIFFRACTION' 
# 
_refine_hist.pdbx_refine_id                   'X-RAY DIFFRACTION' 
_refine_hist.cycle_id                         LAST 
_refine_hist.pdbx_number_atoms_protein        0 
_refine_hist.pdbx_number_atoms_nucleic_acid   1311 
_refine_hist.pdbx_number_atoms_ligand         19 
_refine_hist.number_atoms_solvent             56 
_refine_hist.number_atoms_total               1386 
_refine_hist.d_res_high                       2.35 
_refine_hist.d_res_low                        23.08 
# 
loop_
_refine_ls_restr.type 
_refine_ls_restr.dev_ideal 
_refine_ls_restr.dev_ideal_target 
_refine_ls_restr.weight 
_refine_ls_restr.number 
_refine_ls_restr.pdbx_refine_id 
_refine_ls_restr.pdbx_restraint_function 
c_bond_d           0.007 ? ? ? 'X-RAY DIFFRACTION' ? 
c_angle_deg        1.5   ? ? ? 'X-RAY DIFFRACTION' ? 
c_dihedral_angle_d 18.2  ? ? ? 'X-RAY DIFFRACTION' ? 
c_improper_angle_d 2.29  ? ? ? 'X-RAY DIFFRACTION' ? 
# 
_refine_ls_shell.pdbx_total_number_of_bins_used   4 
_refine_ls_shell.d_res_high                       2.35 
_refine_ls_shell.d_res_low                        2.59 
_refine_ls_shell.number_reflns_R_work             3354 
_refine_ls_shell.R_factor_R_work                  0.478 
_refine_ls_shell.percent_reflns_obs               100.0 
_refine_ls_shell.R_factor_R_free                  0.511 
_refine_ls_shell.R_factor_R_free_error            0.033 
_refine_ls_shell.percent_reflns_R_free            6.7 
_refine_ls_shell.number_reflns_R_free             241 
_refine_ls_shell.number_reflns_all                ? 
_refine_ls_shell.R_factor_all                     ? 
_refine_ls_shell.number_reflns_obs                3595 
_refine_ls_shell.redundancy_reflns_obs            ? 
_refine_ls_shell.pdbx_refine_id                   'X-RAY DIFFRACTION' 
# 
loop_
_pdbx_xplor_file.serial_no 
_pdbx_xplor_file.param_file 
_pdbx_xplor_file.topol_file 
_pdbx_xplor_file.pdbx_refine_id 
1 water_rep.param dna-rna0107.top 'X-RAY DIFFRACTION' 
2 dna-rna0107.par water.top       'X-RAY DIFFRACTION' 
3 cobalt.par      cobalt.top      'X-RAY DIFFRACTION' 
4 ion.param       ion.top         'X-RAY DIFFRACTION' 
# 
_struct.entry_id                  3BBI 
_struct.title                     
;Minimally Junctioned Hairpin Ribozyme Incorporating A38(2AP) and A-1 2'-O-Me Modifications near Active Site
;
_struct.pdbx_model_details        ? 
_struct.pdbx_CASP_flag            N 
_struct.pdbx_model_type_details   ? 
# 
_struct_keywords.entry_id        3BBI 
_struct_keywords.pdbx_keywords   RNA 
_struct_keywords.text            
;hairpin ribozyme, 2-aminopurine, 2'O-methyl, phosphoryl transfer, RNA, linker
;
# 
loop_
_struct_asym.id 
_struct_asym.pdbx_blank_PDB_chainid_flag 
_struct_asym.pdbx_modified 
_struct_asym.entity_id 
_struct_asym.details 
A N N 1 ? 
B N N 2 ? 
C N N 3 ? 
D N N 4 ? 
E N N 5 ? 
F N N 5 ? 
G N N 6 ? 
H N N 6 ? 
I N N 6 ? 
# 
_struct_biol.id        1 
_struct_biol.details   ? 
# 
loop_
_struct_conn.id 
_struct_conn.conn_type_id 
_struct_conn.pdbx_leaving_atom_flag 
_struct_conn.pdbx_PDB_id 
_struct_conn.ptnr1_label_asym_id 
_struct_conn.ptnr1_label_comp_id 
_struct_conn.ptnr1_label_seq_id 
_struct_conn.ptnr1_label_atom_id 
_struct_conn.pdbx_ptnr1_label_alt_id 
_struct_conn.pdbx_ptnr1_PDB_ins_code 
_struct_conn.pdbx_ptnr1_standard_comp_id 
_struct_conn.ptnr1_symmetry 
_struct_conn.ptnr2_label_asym_id 
_struct_conn.ptnr2_label_comp_id 
_struct_conn.ptnr2_label_seq_id 
_struct_conn.ptnr2_label_atom_id 
_struct_conn.pdbx_ptnr2_label_alt_id 
_struct_conn.pdbx_ptnr2_PDB_ins_code 
_struct_conn.ptnr1_auth_asym_id 
_struct_conn.ptnr1_auth_comp_id 
_struct_conn.ptnr1_auth_seq_id 
_struct_conn.ptnr2_auth_asym_id 
_struct_conn.ptnr2_auth_comp_id 
_struct_conn.ptnr2_auth_seq_id 
_struct_conn.ptnr2_symmetry 
_struct_conn.pdbx_ptnr3_label_atom_id 
_struct_conn.pdbx_ptnr3_label_seq_id 
_struct_conn.pdbx_ptnr3_label_comp_id 
_struct_conn.pdbx_ptnr3_label_asym_id 
_struct_conn.pdbx_ptnr3_label_alt_id 
_struct_conn.pdbx_ptnr3_PDB_ins_code 
_struct_conn.details 
_struct_conn.pdbx_dist_value 
_struct_conn.pdbx_value_order 
_struct_conn.pdbx_role 
covale1  covale both ? A C   4  "O3'" ? ? ? 1_555 A A2M 5  P  ? ? A C   4  A A2M 5  1_555 ? ? ? ? ? ? ?                    1.613 ? 
? 
covale2  covale one  ? A A2M 5  "O3'" A ? ? 1_555 A G   6  P  A ? A A2M 5  A G   6  1_555 ? ? ? ? ? ? ?                    1.614 ? 
? 
covale3  covale one  ? A A2M 5  "O3'" B ? ? 1_555 A G   6  P  B ? A A2M 5  A G   6  1_555 ? ? ? ? ? ? ?                    1.569 ? 
? 
covale4  covale both ? B G   12 "O3'" ? ? ? 1_555 B S9L 13 P  ? ? B G   13 B S9L 14 1_555 ? ? ? ? ? ? ?                    1.626 ? 
? 
covale5  covale both ? B S9L 13 "O3'" ? ? ? 1_555 B G   14 P  ? ? B S9L 14 B G   15 1_555 ? ? ? ? ? ? ?                    1.604 ? 
? 
covale6  covale one  ? C U   7  "O3'" ? ? ? 1_555 C MTU 8  P  ? ? C U   37 C MTU 38 1_555 ? ? ? ? ? ? ?                    1.592 ? 
? 
covale7  covale both ? C MTU 8  "O3'" ? ? ? 1_555 C C   9  P  ? ? C MTU 38 C C   39 1_555 ? ? ? ? ? ? ?                    1.619 ? 
? 
hydrog1  hydrog ?    ? A C   2  N3    ? ? ? 1_555 B G   12 N1 ? ? A C   2  B G   13 1_555 ? ? ? ? ? ? WATSON-CRICK         ?     ? 
? 
hydrog2  hydrog ?    ? A C   2  N4    ? ? ? 1_555 B G   12 O6 ? ? A C   2  B G   13 1_555 ? ? ? ? ? ? WATSON-CRICK         ?     ? 
? 
hydrog3  hydrog ?    ? A C   2  O2    ? ? ? 1_555 B G   12 N2 ? ? A C   2  B G   13 1_555 ? ? ? ? ? ? WATSON-CRICK         ?     ? 
? 
hydrog4  hydrog ?    ? A C   3  N3    ? ? ? 1_555 B G   11 N1 ? ? A C   3  B G   12 1_555 ? ? ? ? ? ? WATSON-CRICK         ?     ? 
? 
hydrog5  hydrog ?    ? A C   3  N4    ? ? ? 1_555 B G   11 O6 ? ? A C   3  B G   12 1_555 ? ? ? ? ? ? WATSON-CRICK         ?     ? 
? 
hydrog6  hydrog ?    ? A C   3  O2    ? ? ? 1_555 B G   11 N2 ? ? A C   3  B G   12 1_555 ? ? ? ? ? ? WATSON-CRICK         ?     ? 
? 
hydrog7  hydrog ?    ? A C   4  N3    ? ? ? 1_555 B G   10 N1 ? ? A C   4  B G   11 1_555 ? ? ? ? ? ? WATSON-CRICK         ?     ? 
? 
hydrog8  hydrog ?    ? A C   4  N4    ? ? ? 1_555 B G   10 O6 ? ? A C   4  B G   11 1_555 ? ? ? ? ? ? WATSON-CRICK         ?     ? 
? 
hydrog9  hydrog ?    ? A C   4  O2    ? ? ? 1_555 B G   10 N2 ? ? A C   4  B G   11 1_555 ? ? ? ? ? ? WATSON-CRICK         ?     ? 
? 
hydrog10 hydrog ?    ? A A2M 5  N3    ? ? ? 1_555 B A   8  N6 ? ? A A2M 5  B A   9  1_555 ? ? ? ? ? ? 'A2M-A MISPAIR'      ?     ? 
? 
hydrog11 hydrog ?    ? A G   6  N1    ? ? ? 1_555 B C   24 N3 ? ? A G   6  B C   25 1_555 ? ? ? ? ? ? WATSON-CRICK         ?     ? 
? 
hydrog12 hydrog ?    ? A G   6  N2    ? ? ? 1_555 B C   24 O2 ? ? A G   6  B C   25 1_555 ? ? ? ? ? ? WATSON-CRICK         ?     ? 
? 
hydrog13 hydrog ?    ? A G   6  O6    ? ? ? 1_555 B C   24 N4 ? ? A G   6  B C   25 1_555 ? ? ? ? ? ? WATSON-CRICK         ?     ? 
? 
hydrog14 hydrog ?    ? A U   7  O4    ? ? ? 1_555 B G   7  N2 ? ? A U   7  B G   8  1_555 ? ? ? ? ? ? 'U-G MISPAIR'        ?     ? 
? 
hydrog15 hydrog ?    ? A C   8  N4    ? ? ? 1_555 B A   6  N1 ? ? A C   8  B A   7  1_555 ? ? ? ? ? ? 'C-A MISPAIR'        ?     ? 
? 
hydrog16 hydrog ?    ? A C   9  N3    ? ? ? 1_555 B G   5  N1 ? ? A C   9  B G   6  1_555 ? ? ? ? ? ? WATSON-CRICK         ?     ? 
? 
hydrog17 hydrog ?    ? A C   9  N4    ? ? ? 1_555 B G   5  O6 ? ? A C   9  B G   6  1_555 ? ? ? ? ? ? WATSON-CRICK         ?     ? 
? 
hydrog18 hydrog ?    ? A C   9  O2    ? ? ? 1_555 B G   5  N2 ? ? A C   9  B G   6  1_555 ? ? ? ? ? ? WATSON-CRICK         ?     ? 
? 
hydrog19 hydrog ?    ? A A   10 N1    ? ? ? 1_555 B U   4  N3 ? ? A A   10 B U   5  1_555 ? ? ? ? ? ? WATSON-CRICK         ?     ? 
? 
hydrog20 hydrog ?    ? A A   10 N6    ? ? ? 1_555 B U   4  O4 ? ? A A   10 B U   5  1_555 ? ? ? ? ? ? WATSON-CRICK         ?     ? 
? 
hydrog21 hydrog ?    ? A C   11 N3    ? ? ? 1_555 B G   3  N1 ? ? A C   11 B G   4  1_555 ? ? ? ? ? ? WATSON-CRICK         ?     ? 
? 
hydrog22 hydrog ?    ? A C   11 N4    ? ? ? 1_555 B G   3  O6 ? ? A C   11 B G   4  1_555 ? ? ? ? ? ? WATSON-CRICK         ?     ? 
? 
hydrog23 hydrog ?    ? A C   11 O2    ? ? ? 1_555 B G   3  N2 ? ? A C   11 B G   4  1_555 ? ? ? ? ? ? WATSON-CRICK         ?     ? 
? 
hydrog24 hydrog ?    ? A C   12 N3    ? ? ? 1_555 B G   2  N1 ? ? A C   12 B G   3  1_555 ? ? ? ? ? ? WATSON-CRICK         ?     ? 
? 
hydrog25 hydrog ?    ? A C   12 N4    ? ? ? 1_555 B G   2  O6 ? ? A C   12 B G   3  1_555 ? ? ? ? ? ? WATSON-CRICK         ?     ? 
? 
hydrog26 hydrog ?    ? A C   12 O2    ? ? ? 1_555 B G   2  N2 ? ? A C   12 B G   3  1_555 ? ? ? ? ? ? WATSON-CRICK         ?     ? 
? 
hydrog27 hydrog ?    ? A G   13 N1    ? ? ? 1_555 B C   1  N3 ? ? A G   13 B C   2  1_555 ? ? ? ? ? ? WATSON-CRICK         ?     ? 
? 
hydrog28 hydrog ?    ? A G   13 N2    ? ? ? 1_555 B C   1  O2 ? ? A G   13 B C   2  1_555 ? ? ? ? ? ? WATSON-CRICK         ?     ? 
? 
hydrog29 hydrog ?    ? A G   13 O6    ? ? ? 1_555 B C   1  N4 ? ? A G   13 B C   2  1_555 ? ? ? ? ? ? WATSON-CRICK         ?     ? 
? 
hydrog30 hydrog ?    ? B G   14 N1    ? ? ? 1_555 C C   19 N3 ? ? B G   15 C C   49 1_555 ? ? ? ? ? ? WATSON-CRICK         ?     ? 
? 
hydrog31 hydrog ?    ? B G   14 N2    ? ? ? 1_555 C C   19 O2 ? ? B G   15 C C   49 1_555 ? ? ? ? ? ? WATSON-CRICK         ?     ? 
? 
hydrog32 hydrog ?    ? B G   14 O6    ? ? ? 1_555 C C   19 N4 ? ? B G   15 C C   49 1_555 ? ? ? ? ? ? WATSON-CRICK         ?     ? 
? 
hydrog33 hydrog ?    ? B G   15 N1    ? ? ? 1_555 C C   18 N3 ? ? B G   16 C C   48 1_555 ? ? ? ? ? ? WATSON-CRICK         ?     ? 
? 
hydrog34 hydrog ?    ? B G   15 N2    ? ? ? 1_555 C C   18 O2 ? ? B G   16 C C   48 1_555 ? ? ? ? ? ? WATSON-CRICK         ?     ? 
? 
hydrog35 hydrog ?    ? B G   15 O6    ? ? ? 1_555 C C   18 N4 ? ? B G   16 C C   48 1_555 ? ? ? ? ? ? WATSON-CRICK         ?     ? 
? 
hydrog36 hydrog ?    ? B C   16 N3    ? ? ? 1_555 C G   17 N1 ? ? B C   17 C G   47 1_555 ? ? ? ? ? ? WATSON-CRICK         ?     ? 
? 
hydrog37 hydrog ?    ? B C   16 N4    ? ? ? 1_555 C G   17 O6 ? ? B C   17 C G   47 1_555 ? ? ? ? ? ? WATSON-CRICK         ?     ? 
? 
hydrog38 hydrog ?    ? B C   16 O2    ? ? ? 1_555 C G   17 N2 ? ? B C   17 C G   47 1_555 ? ? ? ? ? ? WATSON-CRICK         ?     ? 
? 
hydrog39 hydrog ?    ? B A   17 N1    ? ? ? 1_555 C U   16 N3 ? ? B A   18 C U   46 1_555 ? ? ? ? ? ? WATSON-CRICK         ?     ? 
? 
hydrog40 hydrog ?    ? B A   17 N6    ? ? ? 1_555 C U   16 O4 ? ? B A   18 C U   46 1_555 ? ? ? ? ? ? WATSON-CRICK         ?     ? 
? 
hydrog41 hydrog ?    ? B G   18 N1    ? ? ? 1_555 C C   15 N3 ? ? B G   19 C C   45 1_555 ? ? ? ? ? ? WATSON-CRICK         ?     ? 
? 
hydrog42 hydrog ?    ? B G   18 N2    ? ? ? 1_555 C C   15 O2 ? ? B G   19 C C   45 1_555 ? ? ? ? ? ? WATSON-CRICK         ?     ? 
? 
hydrog43 hydrog ?    ? B G   18 O6    ? ? ? 1_555 C C   15 N4 ? ? B G   19 C C   45 1_555 ? ? ? ? ? ? WATSON-CRICK         ?     ? 
? 
hydrog44 hydrog ?    ? B A   19 N1    ? ? ? 1_555 C C   14 N4 ? ? B A   20 C C   44 1_555 ? ? ? ? ? ? 'A-C MISPAIR'        ?     ? 
? 
hydrog45 hydrog ?    ? B G   20 N2    ? ? ? 1_555 C A   13 N7 ? ? B G   21 C A   43 1_555 ? ? ? ? ? ? TYPE_11_PAIR         ?     ? 
? 
hydrog46 hydrog ?    ? B G   20 N3    ? ? ? 1_555 C A   13 N6 ? ? B G   21 C A   43 1_555 ? ? ? ? ? ? TYPE_11_PAIR         ?     ? 
? 
hydrog47 hydrog ?    ? B A   21 N6    ? ? ? 1_555 C U   11 O2 ? ? B A   22 C U   41 1_555 ? ? ? ? ? ? 'REVERSED HOOGSTEEN' ?     ? 
? 
hydrog48 hydrog ?    ? B A   21 N7    ? ? ? 1_555 C U   11 N3 ? ? B A   22 C U   41 1_555 ? ? ? ? ? ? 'REVERSED HOOGSTEEN' ?     ? 
? 
hydrog49 hydrog ?    ? B A   22 N6    ? ? ? 1_555 C A   10 N1 ? ? B A   23 C A   40 1_555 ? ? ? ? ? ? 'A-A MISPAIR'        ?     ? 
? 
hydrog50 hydrog ?    ? B A   23 N6    ? ? ? 1_555 C MTU 8  N7 ? ? B A   24 C MTU 38 1_555 ? ? ? ? ? ? 'A-MTU MISPAIR'      ?     ? 
? 
hydrog51 hydrog ?    ? B A   25 N1    ? ? ? 1_555 C G   6  N1 ? ? B A   26 C G   36 1_555 ? ? ? ? ? ? TYPE_8_PAIR          ?     ? 
? 
hydrog52 hydrog ?    ? B A   25 N6    ? ? ? 1_555 C G   6  O6 ? ? B A   26 C G   36 1_555 ? ? ? ? ? ? TYPE_8_PAIR          ?     ? 
? 
hydrog53 hydrog ?    ? B C   26 N3    ? ? ? 1_555 C G   5  N1 ? ? B C   27 C G   35 1_555 ? ? ? ? ? ? WATSON-CRICK         ?     ? 
? 
hydrog54 hydrog ?    ? B C   26 N4    ? ? ? 1_555 C G   5  O6 ? ? B C   27 C G   35 1_555 ? ? ? ? ? ? WATSON-CRICK         ?     ? 
? 
hydrog55 hydrog ?    ? B C   26 O2    ? ? ? 1_555 C G   5  N2 ? ? B C   27 C G   35 1_555 ? ? ? ? ? ? WATSON-CRICK         ?     ? 
? 
hydrog56 hydrog ?    ? B A   27 N1    ? ? ? 1_555 C U   4  N3 ? ? B A   28 C U   34 1_555 ? ? ? ? ? ? WATSON-CRICK         ?     ? 
? 
hydrog57 hydrog ?    ? B A   27 N6    ? ? ? 1_555 C U   4  O4 ? ? B A   28 C U   34 1_555 ? ? ? ? ? ? WATSON-CRICK         ?     ? 
? 
hydrog58 hydrog ?    ? B C   28 N3    ? ? ? 1_555 C G   3  N1 ? ? B C   29 C G   33 1_555 ? ? ? ? ? ? WATSON-CRICK         ?     ? 
? 
hydrog59 hydrog ?    ? B C   28 N4    ? ? ? 1_555 C G   3  O6 ? ? B C   29 C G   33 1_555 ? ? ? ? ? ? WATSON-CRICK         ?     ? 
? 
hydrog60 hydrog ?    ? B C   28 O2    ? ? ? 1_555 C G   3  N2 ? ? B C   29 C G   33 1_555 ? ? ? ? ? ? WATSON-CRICK         ?     ? 
? 
hydrog61 hydrog ?    ? B G   29 N1    ? ? ? 1_555 C C   2  N3 ? ? B G   30 C C   32 1_555 ? ? ? ? ? ? WATSON-CRICK         ?     ? 
? 
hydrog62 hydrog ?    ? B G   29 N2    ? ? ? 1_555 C C   2  O2 ? ? B G   30 C C   32 1_555 ? ? ? ? ? ? WATSON-CRICK         ?     ? 
? 
hydrog63 hydrog ?    ? B G   29 O6    ? ? ? 1_555 C C   2  N4 ? ? B G   30 C C   32 1_555 ? ? ? ? ? ? WATSON-CRICK         ?     ? 
? 
hydrog64 hydrog ?    ? B A   30 N1    ? ? ? 1_555 C U   1  N3 ? ? B A   31 C U   31 1_555 ? ? ? ? ? ? WATSON-CRICK         ?     ? 
? 
hydrog65 hydrog ?    ? B A   30 N6    ? ? ? 1_555 C U   1  O4 ? ? B A   31 C U   31 1_555 ? ? ? ? ? ? WATSON-CRICK         ?     ? 
? 
# 
loop_
_struct_conn_type.id 
_struct_conn_type.criteria 
_struct_conn_type.reference 
covale ? ? 
hydrog ? ? 
# 
_struct_site.id                   AC1 
_struct_site.pdbx_evidence_code   Software 
_struct_site.pdbx_auth_asym_id    B 
_struct_site.pdbx_auth_comp_id    S9L 
_struct_site.pdbx_auth_seq_id     14 
_struct_site.pdbx_auth_ins_code   ? 
_struct_site.pdbx_num_residues    1 
_struct_site.details              'BINDING SITE FOR RESIDUE S9L B 14' 
# 
_struct_site_gen.id                   1 
_struct_site_gen.site_id              AC1 
_struct_site_gen.pdbx_num_res         1 
_struct_site_gen.label_comp_id        HOH 
_struct_site_gen.label_asym_id        H 
_struct_site_gen.label_seq_id         . 
_struct_site_gen.pdbx_auth_ins_code   ? 
_struct_site_gen.auth_comp_id         HOH 
_struct_site_gen.auth_asym_id         B 
_struct_site_gen.auth_seq_id          103 
_struct_site_gen.label_atom_id        . 
_struct_site_gen.label_alt_id         ? 
_struct_site_gen.symmetry             1_555 
_struct_site_gen.details              ? 
# 
_atom_sites.entry_id                    3BBI 
_atom_sites.fract_transf_matrix[1][1]   0.00908722 
_atom_sites.fract_transf_matrix[1][2]   -0.00805796 
_atom_sites.fract_transf_matrix[1][3]   0.00241339 
_atom_sites.fract_transf_matrix[2][1]   0.00303037 
_atom_sites.fract_transf_matrix[2][2]   -0.00258486 
_atom_sites.fract_transf_matrix[2][3]   0.01172493 
_atom_sites.fract_transf_matrix[3][1]   -0.00500226 
_atom_sites.fract_transf_matrix[3][2]   -0.00562543 
_atom_sites.fract_transf_matrix[3][3]   0.00005269 
_atom_sites.fract_transf_vector[1]      0.435492 
_atom_sites.fract_transf_vector[2]      0.209385 
_atom_sites.fract_transf_vector[3]      0.383774 
# 
loop_
_atom_type.symbol 
C  
CO 
N  
O  
P  
S  
# 
loop_
_atom_site.group_PDB 
_atom_site.id 
_atom_site.type_symbol 
_atom_site.label_atom_id 
_atom_site.label_alt_id 
_atom_site.label_comp_id 
_atom_site.label_asym_id 
_atom_site.label_entity_id 
_atom_site.label_seq_id 
_atom_site.pdbx_PDB_ins_code 
_atom_site.Cartn_x 
_atom_site.Cartn_y 
_atom_site.Cartn_z 
_atom_site.occupancy 
_atom_site.B_iso_or_equiv 
_atom_site.pdbx_formal_charge 
_atom_site.auth_seq_id 
_atom_site.auth_comp_id 
_atom_site.auth_asym_id 
_atom_site.auth_atom_id 
_atom_site.pdbx_PDB_model_num 
ATOM   1    O  "O5'" A U   A 1 1  ? 2.713   -15.978 9.382   0.50 82.88  ? 1   U   A "O5'" 1 
ATOM   2    O  "O5'" B U   A 1 1  ? 2.905   -15.830 9.433   0.50 82.91  ? 1   U   A "O5'" 1 
ATOM   3    C  "C5'" A U   A 1 1  ? 2.482   -17.032 10.332  0.50 80.10  ? 1   U   A "C5'" 1 
ATOM   4    C  "C5'" B U   A 1 1  ? 2.894   -16.754 10.516  0.50 79.19  ? 1   U   A "C5'" 1 
ATOM   5    C  "C4'" A U   A 1 1  ? 1.721   -16.511 11.527  0.50 78.82  ? 1   U   A "C4'" 1 
ATOM   6    C  "C4'" B U   A 1 1  ? 1.914   -16.368 11.596  0.50 77.88  ? 1   U   A "C4'" 1 
ATOM   7    O  "O4'" A U   A 1 1  ? 2.621   -16.196 12.624  0.50 80.02  ? 1   U   A "O4'" 1 
ATOM   8    O  "O4'" B U   A 1 1  ? 2.652   -15.942 12.776  0.50 79.40  ? 1   U   A "O4'" 1 
ATOM   9    C  "C3'" A U   A 1 1  ? 0.988   -15.222 11.227  0.50 78.46  ? 1   U   A "C3'" 1 
ATOM   10   C  "C3'" B U   A 1 1  ? 0.985   -15.194 11.288  0.50 77.50  ? 1   U   A "C3'" 1 
ATOM   11   O  "O3'" A U   A 1 1  ? -0.270  -15.544 10.655  0.50 75.37  ? 1   U   A "O3'" 1 
ATOM   12   O  "O3'" B U   A 1 1  ? -0.183  -15.591 10.562  0.50 74.93  ? 1   U   A "O3'" 1 
ATOM   13   C  "C2'" A U   A 1 1  ? 0.948   -14.541 12.594  0.50 79.86  ? 1   U   A "C2'" 1 
ATOM   14   C  "C2'" B U   A 1 1  ? 0.603   -14.725 12.687  0.50 78.29  ? 1   U   A "C2'" 1 
ATOM   15   O  "O2'" A U   A 1 1  ? -0.054  -15.029 13.464  0.50 81.49  ? 1   U   A "O2'" 1 
ATOM   16   O  "O2'" B U   A 1 1  ? -0.423  -15.494 13.282  0.50 80.66  ? 1   U   A "O2'" 1 
ATOM   17   C  "C1'" A U   A 1 1  ? 2.338   -14.896 13.132  0.50 79.69  ? 1   U   A "C1'" 1 
ATOM   18   C  "C1'" B U   A 1 1  ? 1.906   -14.950 13.452  0.50 77.90  ? 1   U   A "C1'" 1 
ATOM   19   N  N1    A U   A 1 1  ? 3.383   -14.034 12.569  0.50 77.53  ? 1   U   A N1    1 
ATOM   20   N  N1    B U   A 1 1  ? 2.715   -13.733 13.627  0.50 75.93  ? 1   U   A N1    1 
ATOM   21   C  C2    A U   A 1 1  ? 3.710   -12.826 13.154  0.50 76.19  ? 1   U   A C2    1 
ATOM   22   C  C2    B U   A 1 1  ? 3.653   -13.378 12.661  0.50 75.96  ? 1   U   A C2    1 
ATOM   23   O  O2    A U   A 1 1  ? 3.209   -12.371 14.161  0.50 76.18  ? 1   U   A O2    1 
ATOM   24   O  O2    B U   A 1 1  ? 3.956   -14.068 11.699  0.50 77.97  ? 1   U   A O2    1 
ATOM   25   N  N3    A U   A 1 1  ? 4.680   -12.145 12.473  0.50 74.94  ? 1   U   A N3    1 
ATOM   26   N  N3    B U   A 1 1  ? 4.239   -12.175 12.891  0.50 75.08  ? 1   U   A N3    1 
ATOM   27   C  C4    A U   A 1 1  ? 5.318   -12.530 11.327  0.50 74.13  ? 1   U   A C4    1 
ATOM   28   C  C4    B U   A 1 1  ? 4.003   -11.338 13.953  0.50 74.34  ? 1   U   A C4    1 
ATOM   29   O  O4    A U   A 1 1  ? 6.145   -11.820 10.822  0.50 72.11  ? 1   U   A O4    1 
ATOM   30   O  O4    B U   A 1 1  ? 4.687   -10.350 14.071  0.50 72.95  ? 1   U   A O4    1 
ATOM   31   C  C5    A U   A 1 1  ? 4.922   -13.803 10.794  0.50 74.56  ? 1   U   A C5    1 
ATOM   32   C  C5    B U   A 1 1  ? 3.058   -11.777 14.941  0.50 72.59  ? 1   U   A C5    1 
ATOM   33   C  C6    A U   A 1 1  ? 3.989   -14.500 11.438  0.50 76.24  ? 1   U   A C6    1 
ATOM   34   C  C6    B U   A 1 1  ? 2.462   -12.929 14.728  0.50 73.72  ? 1   U   A C6    1 
ATOM   35   P  P     . C   A 1 2  ? -0.971  -14.526 9.629   1.00 72.47  ? 2   C   A P     1 
ATOM   36   O  OP1   . C   A 1 2  ? -2.391  -14.947 9.574   1.00 72.07  ? 2   C   A OP1   1 
ATOM   37   O  OP2   . C   A 1 2  ? -0.199  -14.385 8.363   1.00 67.52  ? 2   C   A OP2   1 
ATOM   38   O  "O5'" . C   A 1 2  ? -0.924  -13.150 10.420  1.00 61.16  ? 2   C   A "O5'" 1 
ATOM   39   C  "C5'" . C   A 1 2  ? -1.741  -12.939 11.556  1.00 53.00  ? 2   C   A "C5'" 1 
ATOM   40   C  "C4'" . C   A 1 2  ? -1.466  -11.580 12.129  1.00 54.42  ? 2   C   A "C4'" 1 
ATOM   41   O  "O4'" . C   A 1 2  ? -0.058  -11.514 12.478  1.00 57.20  ? 2   C   A "O4'" 1 
ATOM   42   C  "C3'" . C   A 1 2  ? -1.627  -10.431 11.143  1.00 54.16  ? 2   C   A "C3'" 1 
ATOM   43   O  "O3'" . C   A 1 2  ? -2.978  -10.000 11.024  1.00 49.29  ? 2   C   A "O3'" 1 
ATOM   44   C  "C2'" . C   A 1 2  ? -0.743  -9.361  11.761  1.00 50.69  ? 2   C   A "C2'" 1 
ATOM   45   O  "O2'" . C   A 1 2  ? -1.360  -8.722  12.855  1.00 53.09  ? 2   C   A "O2'" 1 
ATOM   46   C  "C1'" . C   A 1 2  ? 0.424   -10.200 12.272  1.00 51.94  ? 2   C   A "C1'" 1 
ATOM   47   N  N1    . C   A 1 2  ? 1.555   -10.223 11.330  1.00 50.45  ? 2   C   A N1    1 
ATOM   48   C  C2    . C   A 1 2  ? 2.402   -9.127  11.319  1.00 49.86  ? 2   C   A C2    1 
ATOM   49   O  O2    . C   A 1 2  ? 2.172   -8.186  12.086  1.00 50.93  ? 2   C   A O2    1 
ATOM   50   N  N3    . C   A 1 2  ? 3.446   -9.102  10.475  1.00 47.16  ? 2   C   A N3    1 
ATOM   51   C  C4    . C   A 1 2  ? 3.655   -10.118 9.649   1.00 47.93  ? 2   C   A C4    1 
ATOM   52   N  N4    . C   A 1 2  ? 4.706   -10.033 8.834   1.00 47.02  ? 2   C   A N4    1 
ATOM   53   C  C5    . C   A 1 2  ? 2.803   -11.258 9.626   1.00 46.21  ? 2   C   A C5    1 
ATOM   54   C  C6    . C   A 1 2  ? 1.774   -11.272 10.485  1.00 47.22  ? 2   C   A C6    1 
ATOM   55   P  P     . C   A 1 3  ? -3.496  -9.369  9.642   1.00 50.42  ? 3   C   A P     1 
ATOM   56   O  OP1   . C   A 1 3  ? -4.975  -9.356  9.668   1.00 50.79  ? 3   C   A OP1   1 
ATOM   57   O  OP2   . C   A 1 3  ? -2.791  -10.030 8.522   1.00 50.87  ? 3   C   A OP2   1 
ATOM   58   O  "O5'" . C   A 1 3  ? -2.965  -7.872  9.682   1.00 50.84  ? 3   C   A "O5'" 1 
ATOM   59   C  "C5'" . C   A 1 3  ? -3.558  -6.904  10.535  1.00 52.61  ? 3   C   A "C5'" 1 
ATOM   60   C  "C4'" . C   A 1 3  ? -2.893  -5.573  10.335  1.00 51.34  ? 3   C   A "C4'" 1 
ATOM   61   O  "O4'" . C   A 1 3  ? -1.487  -5.723  10.641  1.00 49.44  ? 3   C   A "O4'" 1 
ATOM   62   C  "C3'" . C   A 1 3  ? -2.892  -5.083  8.902   1.00 52.72  ? 3   C   A "C3'" 1 
ATOM   63   O  "O3'" . C   A 1 3  ? -4.111  -4.450  8.546   1.00 47.21  ? 3   C   A "O3'" 1 
ATOM   64   C  "C2'" . C   A 1 3  ? -1.698  -4.142  8.890   1.00 52.61  ? 3   C   A "C2'" 1 
ATOM   65   O  "O2'" . C   A 1 3  ? -1.954  -2.906  9.517   1.00 53.12  ? 3   C   A "O2'" 1 
ATOM   66   C  "C1'" . C   A 1 3  ? -0.719  -4.907  9.772   1.00 53.58  ? 3   C   A "C1'" 1 
ATOM   67   N  N1    . C   A 1 3  ? 0.238   -5.742  9.008   1.00 52.92  ? 3   C   A N1    1 
ATOM   68   C  C2    . C   A 1 3  ? 1.356   -5.107  8.458   1.00 52.92  ? 3   C   A C2    1 
ATOM   69   O  O2    . C   A 1 3  ? 1.476   -3.891  8.606   1.00 52.92  ? 3   C   A O2    1 
ATOM   70   N  N3    . C   A 1 3  ? 2.273   -5.825  7.781   1.00 51.28  ? 3   C   A N3    1 
ATOM   71   C  C4    . C   A 1 3  ? 2.111   -7.137  7.636   1.00 51.52  ? 3   C   A C4    1 
ATOM   72   N  N4    . C   A 1 3  ? 3.068   -7.802  6.981   1.00 49.72  ? 3   C   A N4    1 
ATOM   73   C  C5    . C   A 1 3  ? 0.968   -7.823  8.164   1.00 50.62  ? 3   C   A C5    1 
ATOM   74   C  C6    . C   A 1 3  ? 0.062   -7.091  8.839   1.00 52.05  ? 3   C   A C6    1 
ATOM   75   P  P     . C   A 1 4  ? -4.721  -4.684  7.082   1.00 53.21  ? 4   C   A P     1 
ATOM   76   O  OP1   . C   A 1 4  ? -6.070  -4.074  7.030   1.00 58.39  ? 4   C   A OP1   1 
ATOM   77   O  OP2   . C   A 1 4  ? -4.532  -6.097  6.712   1.00 49.59  ? 4   C   A OP2   1 
ATOM   78   O  "O5'" . C   A 1 4  ? -3.768  -3.857  6.117   1.00 53.83  ? 4   C   A "O5'" 1 
ATOM   79   C  "C5'" . C   A 1 4  ? -3.656  -2.445  6.249   1.00 50.68  ? 4   C   A "C5'" 1 
ATOM   80   C  "C4'" . C   A 1 4  ? -2.491  -1.922  5.449   1.00 51.61  ? 4   C   A "C4'" 1 
ATOM   81   O  "O4'" . C   A 1 4  ? -1.288  -2.621  5.860   1.00 52.01  ? 4   C   A "O4'" 1 
ATOM   82   C  "C3'" . C   A 1 4  ? -2.570  -2.233  3.962   1.00 51.97  ? 4   C   A "C3'" 1 
ATOM   83   O  "O3'" . C   A 1 4  ? -3.346  -1.244  3.290   1.00 57.22  ? 4   C   A "O3'" 1 
ATOM   84   C  "C2'" . C   A 1 4  ? -1.111  -2.151  3.541   1.00 51.62  ? 4   C   A "C2'" 1 
ATOM   85   O  "O2'" . C   A 1 4  ? -0.674  -0.826  3.407   1.00 52.17  ? 4   C   A "O2'" 1 
ATOM   86   C  "C1'" . C   A 1 4  ? -0.408  -2.710  4.765   1.00 50.55  ? 4   C   A "C1'" 1 
ATOM   87   N  N1    . C   A 1 4  ? 0.184   -4.050  4.628   1.00 50.10  ? 4   C   A N1    1 
ATOM   88   C  C2    . C   A 1 4  ? 1.375   -4.116  3.955   1.00 50.54  ? 4   C   A C2    1 
ATOM   89   O  O2    . C   A 1 4  ? 1.845   -3.071  3.532   1.00 54.87  ? 4   C   A O2    1 
ATOM   90   N  N3    . C   A 1 4  ? 1.993   -5.295  3.776   1.00 48.22  ? 4   C   A N3    1 
ATOM   91   C  C4    . C   A 1 4  ? 1.446   -6.404  4.255   1.00 49.86  ? 4   C   A C4    1 
ATOM   92   N  N4    . C   A 1 4  ? 2.096   -7.553  4.054   1.00 46.30  ? 4   C   A N4    1 
ATOM   93   C  C5    . C   A 1 4  ? 0.206   -6.383  4.962   1.00 46.29  ? 4   C   A C5    1 
ATOM   94   C  C6    . C   A 1 4  ? -0.389  -5.185  5.127   1.00 47.01  ? 4   C   A C6    1 
HETATM 95   P  P     . A2M A 1 5  ? -4.487  -1.682  2.237   1.00 60.05  ? 5   A2M A P     1 
HETATM 96   O  OP1   . A2M A 1 5  ? -5.178  -0.423  1.847   1.00 63.31  ? 5   A2M A OP1   1 
HETATM 97   O  "O5'" . A2M A 1 5  ? -3.699  -2.301  0.994   1.00 58.99  ? 5   A2M A "O5'" 1 
HETATM 98   C  "C5'" . A2M A 1 5  ? -3.043  -1.502  0.011   1.00 57.54  ? 5   A2M A "C5'" 1 
HETATM 99   C  "C4'" . A2M A 1 5  ? -2.282  -2.411  -0.926  1.00 57.41  ? 5   A2M A "C4'" 1 
HETATM 100  O  "O4'" . A2M A 1 5  ? -1.568  -3.395  -0.130  1.00 53.65  ? 5   A2M A "O4'" 1 
HETATM 101  C  "C3'" . A2M A 1 5  ? -3.271  -3.223  -1.777  1.00 58.57  ? 5   A2M A "C3'" 1 
HETATM 102  O  "O3'" A A2M A 1 5  ? -2.570  -3.125  -3.013  0.60 60.29  ? 5   A2M A "O3'" 1 
HETATM 103  O  "O3'" B A2M A 1 5  ? -3.334  -3.378  -3.175  0.40 60.91  ? 5   A2M A "O3'" 1 
HETATM 104  C  "C2'" . A2M A 1 5  ? -3.448  -4.549  -1.070  1.00 56.68  ? 5   A2M A "C2'" 1 
HETATM 105  O  "O2'" . A2M A 1 5  ? -3.639  -5.646  -1.903  1.00 60.51  ? 5   A2M A "O2'" 1 
HETATM 106  C  "C1'" . A2M A 1 5  ? -2.089  -4.680  -0.406  1.00 55.33  ? 5   A2M A "C1'" 1 
HETATM 107  C  "CM'" . A2M A 1 5  ? -5.073  -5.904  -2.073  1.00 50.62  ? 5   A2M A "CM'" 1 
HETATM 108  N  N9    . A2M A 1 5  ? -2.041  -5.569  0.742   1.00 52.90  ? 5   A2M A N9    1 
HETATM 109  C  C8    . A2M A 1 5  ? -2.741  -5.524  1.919   1.00 52.57  ? 5   A2M A C8    1 
HETATM 110  N  N7    . A2M A 1 5  ? -2.507  -6.545  2.704   1.00 54.83  ? 5   A2M A N7    1 
HETATM 111  C  C5    . A2M A 1 5  ? -1.573  -7.300  2.003   1.00 55.20  ? 5   A2M A C5    1 
HETATM 112  C  C6    . A2M A 1 5  ? -0.912  -8.507  2.300   1.00 57.92  ? 5   A2M A C6    1 
HETATM 113  N  N6    . A2M A 1 5  ? -1.077  -9.169  3.443   1.00 62.43  ? 5   A2M A N6    1 
HETATM 114  N  N1    . A2M A 1 5  ? -0.059  -9.010  1.378   1.00 58.52  ? 5   A2M A N1    1 
HETATM 115  C  C2    . A2M A 1 5  ? 0.128   -8.321  0.248   1.00 56.98  ? 5   A2M A C2    1 
HETATM 116  N  N3    . A2M A 1 5  ? -0.417  -7.163  -0.137  1.00 55.50  ? 5   A2M A N3    1 
HETATM 117  C  C4    . A2M A 1 5  ? -1.272  -6.706  0.799   1.00 53.30  ? 5   A2M A C4    1 
HETATM 118  O  OP2   . A2M A 1 5  ? -5.285  -2.821  2.783   1.00 60.57  ? 5   A2M A OP2   1 
ATOM   119  P  P     A G   A 1 6  ? -3.060  -3.919  -4.330  0.60 57.52  ? 6   G   A P     1 
ATOM   120  P  P     B G   A 1 6  ? -4.383  -2.692  -4.118  0.40 53.36  ? 6   G   A P     1 
ATOM   121  O  OP1   A G   A 1 6  ? -4.522  -3.729  -4.486  0.60 57.82  ? 6   G   A OP1   1 
ATOM   122  O  OP1   B G   A 1 6  ? -4.731  -1.317  -3.669  0.40 53.84  ? 6   G   A OP1   1 
ATOM   123  O  OP2   A G   A 1 6  ? -2.488  -5.295  -4.352  0.60 49.22  ? 6   G   A OP2   1 
ATOM   124  O  OP2   B G   A 1 6  ? -5.480  -3.606  -4.536  0.40 58.13  ? 6   G   A OP2   1 
ATOM   125  O  "O5'" A G   A 1 6  ? -2.355  -3.115  -5.533  0.60 60.51  ? 6   G   A "O5'" 1 
ATOM   126  O  "O5'" B G   A 1 6  ? -3.503  -2.578  -5.440  0.40 60.98  ? 6   G   A "O5'" 1 
ATOM   127  C  "C5'" . G   A 1 6  ? -2.396  -1.700  -5.551  1.00 62.31  ? 6   G   A "C5'" 1 
ATOM   128  C  "C4'" . G   A 1 6  ? -2.502  -1.149  -6.947  1.00 61.36  ? 6   G   A "C4'" 1 
ATOM   129  O  "O4'" . G   A 1 6  ? -2.103  0.229   -6.957  1.00 58.32  ? 6   G   A "O4'" 1 
ATOM   130  C  "C3'" . G   A 1 6  ? -1.661  -1.861  -7.992  1.00 59.19  ? 6   G   A "C3'" 1 
ATOM   131  O  "O3'" . G   A 1 6  ? -2.403  -1.848  -9.210  1.00 57.13  ? 6   G   A "O3'" 1 
ATOM   132  C  "C2'" . G   A 1 6  ? -0.403  -1.010  -8.119  1.00 57.47  ? 6   G   A "C2'" 1 
ATOM   133  O  "O2'" . G   A 1 6  ? 0.007   -0.866  -9.456  1.00 60.66  ? 6   G   A "O2'" 1 
ATOM   134  C  "C1'" . G   A 1 6  ? -0.933  0.366   -7.709  1.00 56.25  ? 6   G   A "C1'" 1 
ATOM   135  N  N9    . G   A 1 6  ? 0.041   1.232   -7.050  1.00 55.39  ? 6   G   A N9    1 
ATOM   136  C  C8    . G   A 1 6  ? -0.109  2.601   -7.069  1.00 51.55  ? 6   G   A C8    1 
ATOM   137  N  N7    . G   A 1 6  ? 0.848   3.227   -6.454  1.00 52.62  ? 6   G   A N7    1 
ATOM   138  C  C5    . G   A 1 6  ? 1.675   2.209   -5.999  1.00 52.08  ? 6   G   A C5    1 
ATOM   139  C  C6    . G   A 1 6  ? 2.884   2.272   -5.311  1.00 52.66  ? 6   G   A C6    1 
ATOM   140  O  O6    . G   A 1 6  ? 3.527   3.276   -4.988  1.00 54.41  ? 6   G   A O6    1 
ATOM   141  N  N1    . G   A 1 6  ? 3.370   1.000   -5.010  1.00 53.16  ? 6   G   A N1    1 
ATOM   142  C  C2    . G   A 1 6  ? 2.764   -0.176  -5.362  1.00 51.13  ? 6   G   A C2    1 
ATOM   143  N  N2    . G   A 1 6  ? 3.358   -1.299  -4.960  1.00 45.61  ? 6   G   A N2    1 
ATOM   144  N  N3    . G   A 1 6  ? 1.654   -0.244  -6.050  1.00 51.06  ? 6   G   A N3    1 
ATOM   145  C  C4    . G   A 1 6  ? 1.165   0.980   -6.332  1.00 53.31  ? 6   G   A C4    1 
ATOM   146  P  P     . U   A 1 7  ? -3.128  -3.167  -9.771  1.00 60.85  ? 7   U   A P     1 
ATOM   147  O  OP1   . U   A 1 7  ? -3.859  -2.675  -10.959 1.00 64.47  ? 7   U   A OP1   1 
ATOM   148  O  OP2   . U   A 1 7  ? -3.861  -3.912  -8.719  1.00 63.33  ? 7   U   A OP2   1 
ATOM   149  O  "O5'" . U   A 1 7  ? -1.936  -4.068  -10.297 1.00 58.55  ? 7   U   A "O5'" 1 
ATOM   150  C  "C5'" . U   A 1 7  ? -1.141  -3.604  -11.362 1.00 61.22  ? 7   U   A "C5'" 1 
ATOM   151  C  "C4'" . U   A 1 7  ? -0.096  -4.615  -11.723 1.00 63.14  ? 7   U   A "C4'" 1 
ATOM   152  O  "O4'" . U   A 1 7  ? 0.817   -4.760  -10.603 1.00 65.30  ? 7   U   A "O4'" 1 
ATOM   153  C  "C3'" . U   A 1 7  ? -0.614  -6.028  -11.947 1.00 61.48  ? 7   U   A "C3'" 1 
ATOM   154  O  "O3'" . U   A 1 7  ? -1.112  -6.202  -13.267 1.00 64.47  ? 7   U   A "O3'" 1 
ATOM   155  C  "C2'" . U   A 1 7  ? 0.642   -6.851  -11.714 1.00 63.40  ? 7   U   A "C2'" 1 
ATOM   156  O  "O2'" . U   A 1 7  ? 1.521   -6.803  -12.819 1.00 69.49  ? 7   U   A "O2'" 1 
ATOM   157  C  "C1'" . U   A 1 7  ? 1.294   -6.093  -10.558 1.00 64.50  ? 7   U   A "C1'" 1 
ATOM   158  N  N1    . U   A 1 7  ? 0.983   -6.702  -9.256  1.00 63.76  ? 7   U   A N1    1 
ATOM   159  C  C2    . U   A 1 7  ? 1.619   -7.895  -8.979  1.00 63.28  ? 7   U   A C2    1 
ATOM   160  O  O2    . U   A 1 7  ? 2.436   -8.390  -9.737  1.00 65.11  ? 7   U   A O2    1 
ATOM   161  N  N3    . U   A 1 7  ? 1.271   -8.485  -7.789  1.00 63.71  ? 7   U   A N3    1 
ATOM   162  C  C4    . U   A 1 7  ? 0.383   -8.004  -6.857  1.00 63.95  ? 7   U   A C4    1 
ATOM   163  O  O4    . U   A 1 7  ? 0.213   -8.634  -5.815  1.00 65.47  ? 7   U   A O4    1 
ATOM   164  C  C5    . U   A 1 7  ? -0.224  -6.748  -7.197  1.00 62.42  ? 7   U   A C5    1 
ATOM   165  C  C6    . U   A 1 7  ? 0.094   -6.148  -8.359  1.00 62.06  ? 7   U   A C6    1 
ATOM   166  P  P     . C   A 1 8  ? -2.270  -7.274  -13.549 1.00 69.10  ? 8   C   A P     1 
ATOM   167  O  OP1   . C   A 1 8  ? -2.415  -7.393  -15.024 1.00 67.86  ? 8   C   A OP1   1 
ATOM   168  O  OP2   . C   A 1 8  ? -3.443  -6.916  -12.717 1.00 61.41  ? 8   C   A OP2   1 
ATOM   169  O  "O5'" . C   A 1 8  ? -1.661  -8.634  -13.003 1.00 67.91  ? 8   C   A "O5'" 1 
ATOM   170  C  "C5'" . C   A 1 8  ? -0.559  -9.259  -13.648 1.00 73.51  ? 8   C   A "C5'" 1 
ATOM   171  C  "C4'" . C   A 1 8  ? -0.257  -10.572 -12.974 1.00 77.96  ? 8   C   A "C4'" 1 
ATOM   172  O  "O4'" . C   A 1 8  ? 0.239   -10.319 -11.632 1.00 79.56  ? 8   C   A "O4'" 1 
ATOM   173  C  "C3'" . C   A 1 8  ? -1.490  -11.429 -12.726 1.00 81.18  ? 8   C   A "C3'" 1 
ATOM   174  O  "O3'" . C   A 1 8  ? -1.884  -12.159 -13.875 1.00 84.85  ? 8   C   A "O3'" 1 
ATOM   175  C  "C2'" . C   A 1 8  ? -1.051  -12.319 -11.573 1.00 80.40  ? 8   C   A "C2'" 1 
ATOM   176  O  "O2'" . C   A 1 8  ? -0.258  -13.419 -11.962 1.00 81.91  ? 8   C   A "O2'" 1 
ATOM   177  C  "C1'" . C   A 1 8  ? -0.213  -11.340 -10.752 1.00 78.32  ? 8   C   A "C1'" 1 
ATOM   178  N  N1    . C   A 1 8  ? -1.005  -10.736 -9.671  1.00 76.28  ? 8   C   A N1    1 
ATOM   179  C  C2    . C   A 1 8  ? -1.083  -11.420 -8.451  1.00 75.94  ? 8   C   A C2    1 
ATOM   180  O  O2    . C   A 1 8  ? -0.486  -12.502 -8.335  1.00 77.05  ? 8   C   A O2    1 
ATOM   181  N  N3    . C   A 1 8  ? -1.806  -10.894 -7.437  1.00 74.37  ? 8   C   A N3    1 
ATOM   182  C  C4    . C   A 1 8  ? -2.437  -9.727  -7.605  1.00 74.30  ? 8   C   A C4    1 
ATOM   183  N  N4    . C   A 1 8  ? -3.133  -9.234  -6.570  1.00 71.01  ? 8   C   A N4    1 
ATOM   184  C  C5    . C   A 1 8  ? -2.381  -9.007  -8.842  1.00 73.26  ? 8   C   A C5    1 
ATOM   185  C  C6    . C   A 1 8  ? -1.657  -9.544  -9.838  1.00 73.39  ? 8   C   A C6    1 
ATOM   186  P  P     . C   A 1 9  ? -3.417  -12.594 -14.045 1.00 87.01  ? 9   C   A P     1 
ATOM   187  O  OP1   . C   A 1 9  ? -3.458  -13.327 -15.326 1.00 88.28  ? 9   C   A OP1   1 
ATOM   188  O  OP2   . C   A 1 9  ? -4.323  -11.436 -13.835 1.00 83.51  ? 9   C   A OP2   1 
ATOM   189  O  "O5'" . C   A 1 9  ? -3.635  -13.607 -12.841 1.00 88.05  ? 9   C   A "O5'" 1 
ATOM   190  C  "C5'" . C   A 1 9  ? -2.953  -14.849 -12.814 1.00 87.63  ? 9   C   A "C5'" 1 
ATOM   191  C  "C4'" . C   A 1 9  ? -3.469  -15.701 -11.684 1.00 91.05  ? 9   C   A "C4'" 1 
ATOM   192  O  "O4'" . C   A 1 9  ? -3.109  -15.076 -10.422 1.00 89.77  ? 9   C   A "O4'" 1 
ATOM   193  C  "C3'" . C   A 1 9  ? -4.987  -15.830 -11.602 1.00 93.67  ? 9   C   A "C3'" 1 
ATOM   194  O  "O3'" . C   A 1 9  ? -5.524  -16.820 -12.482 1.00 96.83  ? 9   C   A "O3'" 1 
ATOM   195  C  "C2'" . C   A 1 9  ? -5.197  -16.181 -10.133 1.00 93.93  ? 9   C   A "C2'" 1 
ATOM   196  O  "O2'" . C   A 1 9  ? -4.987  -17.550 -9.839  1.00 95.13  ? 9   C   A "O2'" 1 
ATOM   197  C  "C1'" . C   A 1 9  ? -4.126  -15.317 -9.463  1.00 89.46  ? 9   C   A "C1'" 1 
ATOM   198  N  N1    . C   A 1 9  ? -4.673  -14.033 -9.001  1.00 88.42  ? 9   C   A N1    1 
ATOM   199  C  C2    . C   A 1 9  ? -5.299  -13.992 -7.752  1.00 88.69  ? 9   C   A C2    1 
ATOM   200  O  O2    . C   A 1 9  ? -5.332  -15.032 -7.062  1.00 90.54  ? 9   C   A O2    1 
ATOM   201  N  N3    . C   A 1 9  ? -5.848  -12.832 -7.325  1.00 86.62  ? 9   C   A N3    1 
ATOM   202  C  C4    . C   A 1 9  ? -5.782  -11.743 -8.087  1.00 85.12  ? 9   C   A C4    1 
ATOM   203  N  N4    . C   A 1 9  ? -6.338  -10.629 -7.625  1.00 83.21  ? 9   C   A N4    1 
ATOM   204  C  C5    . C   A 1 9  ? -5.137  -11.750 -9.358  1.00 85.22  ? 9   C   A C5    1 
ATOM   205  C  C6    . C   A 1 9  ? -4.598  -12.905 -9.772  1.00 87.18  ? 9   C   A C6    1 
ATOM   206  P  P     . A   A 1 10 ? -7.101  -16.812 -12.834 1.00 100.20 ? 10  A   A P     1 
ATOM   207  O  OP1   . A   A 1 10 ? -7.337  -17.900 -13.810 1.00 101.16 ? 10  A   A OP1   1 
ATOM   208  O  OP2   . A   A 1 10 ? -7.544  -15.432 -13.161 1.00 96.41  ? 10  A   A OP2   1 
ATOM   209  O  "O5'" . A   A 1 10 ? -7.802  -17.219 -11.465 1.00 98.59  ? 10  A   A "O5'" 1 
ATOM   210  C  "C5'" . A   A 1 10 ? -7.677  -18.535 -10.939 1.00 100.18 ? 10  A   A "C5'" 1 
ATOM   211  C  "C4'" . A   A 1 10 ? -8.585  -18.689 -9.747  1.00 101.79 ? 10  A   A "C4'" 1 
ATOM   212  O  "O4'" . A   A 1 10 ? -8.084  -17.871 -8.659  1.00 101.09 ? 10  A   A "O4'" 1 
ATOM   213  C  "C3'" . A   A 1 10 ? -10.011 -18.205 -9.958  1.00 103.90 ? 10  A   A "C3'" 1 
ATOM   214  O  "O3'" . A   A 1 10 ? -10.843 -19.183 -10.568 1.00 106.16 ? 10  A   A "O3'" 1 
ATOM   215  C  "C2'" . A   A 1 10 ? -10.460 -17.888 -8.539  1.00 103.40 ? 10  A   A "C2'" 1 
ATOM   216  O  "O2'" . A   A 1 10 ? -10.889 -19.017 -7.802  1.00 105.92 ? 10  A   A "O2'" 1 
ATOM   217  C  "C1'" . A   A 1 10 ? -9.176  -17.304 -7.950  1.00 101.59 ? 10  A   A "C1'" 1 
ATOM   218  N  N9    . A   A 1 10 ? -9.140  -15.859 -8.155  1.00 99.20  ? 10  A   A N9    1 
ATOM   219  C  C8    . A   A 1 10 ? -8.435  -15.146 -9.097  1.00 98.03  ? 10  A   A C8    1 
ATOM   220  N  N7    . A   A 1 10 ? -8.606  -13.850 -9.015  1.00 96.95  ? 10  A   A N7    1 
ATOM   221  C  C5    . A   A 1 10 ? -9.485  -13.700 -7.950  1.00 97.17  ? 10  A   A C5    1 
ATOM   222  C  C6    . A   A 1 10 ? -10.054 -12.564 -7.345  1.00 96.57  ? 10  A   A C6    1 
ATOM   223  N  N6    . A   A 1 10 ? -9.810  -11.310 -7.740  1.00 95.11  ? 10  A   A N6    1 
ATOM   224  N  N1    . A   A 1 10 ? -10.892 -12.764 -6.302  1.00 96.55  ? 10  A   A N1    1 
ATOM   225  C  C2    . A   A 1 10 ? -11.134 -14.022 -5.903  1.00 97.17  ? 10  A   A C2    1 
ATOM   226  N  N3    . A   A 1 10 ? -10.657 -15.166 -6.389  1.00 97.01  ? 10  A   A N3    1 
ATOM   227  C  C4    . A   A 1 10 ? -9.827  -14.931 -7.420  1.00 97.64  ? 10  A   A C4    1 
ATOM   228  P  P     . C   A 1 11 ? -12.149 -18.715 -11.378 1.00 109.26 ? 11  C   A P     1 
ATOM   229  O  OP1   . C   A 1 11 ? -12.715 -19.914 -12.041 1.00 110.64 ? 11  C   A OP1   1 
ATOM   230  O  OP2   . C   A 1 11 ? -11.756 -17.531 -12.194 1.00 108.23 ? 11  C   A OP2   1 
ATOM   231  O  "O5'" . C   A 1 11 ? -13.172 -18.246 -10.248 1.00 107.32 ? 11  C   A "O5'" 1 
ATOM   232  C  "C5'" . C   A 1 11 ? -13.779 -19.202 -9.387  1.00 107.27 ? 11  C   A "C5'" 1 
ATOM   233  C  "C4'" . C   A 1 11 ? -14.618 -18.519 -8.333  1.00 107.67 ? 11  C   A "C4'" 1 
ATOM   234  O  "O4'" . C   A 1 11 ? -13.769 -17.646 -7.538  1.00 106.76 ? 11  C   A "O4'" 1 
ATOM   235  C  "C3'" . C   A 1 11 ? -15.687 -17.580 -8.857  1.00 108.59 ? 11  C   A "C3'" 1 
ATOM   236  O  "O3'" . C   A 1 11 ? -16.872 -18.236 -9.249  1.00 111.76 ? 11  C   A "O3'" 1 
ATOM   237  C  "C2'" . C   A 1 11 ? -15.921 -16.654 -7.673  1.00 107.07 ? 11  C   A "C2'" 1 
ATOM   238  O  "O2'" . C   A 1 11 ? -16.766 -17.192 -6.672  1.00 107.16 ? 11  C   A "O2'" 1 
ATOM   239  C  "C1'" . C   A 1 11 ? -14.495 -16.485 -7.153  1.00 103.85 ? 11  C   A "C1'" 1 
ATOM   240  N  N1    . C   A 1 11 ? -13.890 -15.304 -7.791  1.00 100.61 ? 11  C   A N1    1 
ATOM   241  C  C2    . C   A 1 11 ? -14.286 -14.039 -7.349  1.00 99.77  ? 11  C   A C2    1 
ATOM   242  O  O2    . C   A 1 11 ? -15.072 -13.956 -6.393  1.00 99.97  ? 11  C   A O2    1 
ATOM   243  N  N3    . C   A 1 11 ? -13.807 -12.943 -7.970  1.00 98.15  ? 11  C   A N3    1 
ATOM   244  C  C4    . C   A 1 11 ? -12.956 -13.075 -8.985  1.00 98.16  ? 11  C   A C4    1 
ATOM   245  N  N4    . C   A 1 11 ? -12.533 -11.967 -9.586  1.00 98.72  ? 11  C   A N4    1 
ATOM   246  C  C5    . C   A 1 11 ? -12.504 -14.349 -9.436  1.00 97.77  ? 11  C   A C5    1 
ATOM   247  C  C6    . C   A 1 11 ? -12.989 -15.428 -8.812  1.00 99.15  ? 11  C   A C6    1 
ATOM   248  P  P     . C   A 1 12 ? -17.896 -17.478 -10.225 1.00 114.86 ? 12  C   A P     1 
ATOM   249  O  OP1   . C   A 1 12 ? -19.049 -18.383 -10.450 1.00 115.57 ? 12  C   A OP1   1 
ATOM   250  O  OP2   . C   A 1 12 ? -17.112 -16.980 -11.383 1.00 115.43 ? 12  C   A OP2   1 
ATOM   251  O  "O5'" . C   A 1 12 ? -18.417 -16.243 -9.364  1.00 110.08 ? 12  C   A "O5'" 1 
ATOM   252  C  "C5'" . C   A 1 12 ? -19.309 -16.464 -8.285  1.00 106.07 ? 12  C   A "C5'" 1 
ATOM   253  C  "C4'" . C   A 1 12 ? -19.880 -15.164 -7.793  1.00 104.24 ? 12  C   A "C4'" 1 
ATOM   254  O  "O4'" . C   A 1 12 ? -18.798 -14.356 -7.264  1.00 104.12 ? 12  C   A "O4'" 1 
ATOM   255  C  "C3'" . C   A 1 12 ? -20.492 -14.271 -8.855  1.00 103.61 ? 12  C   A "C3'" 1 
ATOM   256  O  "O3'" . C   A 1 12 ? -21.807 -14.625 -9.228  1.00 104.79 ? 12  C   A "O3'" 1 
ATOM   257  C  "C2'" . C   A 1 12 ? -20.426 -12.905 -8.196  1.00 102.42 ? 12  C   A "C2'" 1 
ATOM   258  O  "O2'" . C   A 1 12 ? -21.438 -12.722 -7.218  1.00 99.21  ? 12  C   A "O2'" 1 
ATOM   259  C  "C1'" . C   A 1 12 ? -19.057 -12.982 -7.523  1.00 100.74 ? 12  C   A "C1'" 1 
ATOM   260  N  N1    . C   A 1 12 ? -17.993 -12.439 -8.399  1.00 97.86  ? 12  C   A N1    1 
ATOM   261  C  C2    . C   A 1 12 ? -17.755 -11.049 -8.382  1.00 97.25  ? 12  C   A C2    1 
ATOM   262  O  O2    . C   A 1 12 ? -18.417 -10.329 -7.604  1.00 97.33  ? 12  C   A O2    1 
ATOM   263  N  N3    . C   A 1 12 ? -16.812 -10.533 -9.208  1.00 94.70  ? 12  C   A N3    1 
ATOM   264  C  C4    . C   A 1 12 ? -16.113 -11.338 -10.014 1.00 93.10  ? 12  C   A C4    1 
ATOM   265  N  N4    . C   A 1 12 ? -15.200 -10.784 -10.811 1.00 91.34  ? 12  C   A N4    1 
ATOM   266  C  C5    . C   A 1 12 ? -16.322 -12.747 -10.039 1.00 93.16  ? 12  C   A C5    1 
ATOM   267  C  C6    . C   A 1 12 ? -17.262 -13.253 -9.222  1.00 95.35  ? 12  C   A C6    1 
ATOM   268  P  P     . G   A 1 13 ? -22.372 -14.136 -10.647 1.00 105.32 ? 13  G   A P     1 
ATOM   269  O  OP1   . G   A 1 13 ? -23.725 -14.727 -10.812 1.00 105.21 ? 13  G   A OP1   1 
ATOM   270  O  OP2   . G   A 1 13 ? -21.314 -14.399 -11.668 1.00 102.96 ? 13  G   A OP2   1 
ATOM   271  O  "O5'" . G   A 1 13 ? -22.545 -12.561 -10.470 1.00 102.89 ? 13  G   A "O5'" 1 
ATOM   272  C  "C5'" . G   A 1 13 ? -23.525 -12.021 -9.579  1.00 97.75  ? 13  G   A "C5'" 1 
ATOM   273  C  "C4'" . G   A 1 13 ? -23.464 -10.516 -9.607  1.00 94.36  ? 13  G   A "C4'" 1 
ATOM   274  O  "O4'" . G   A 1 13 ? -22.119 -10.109 -9.244  1.00 92.77  ? 13  G   A "O4'" 1 
ATOM   275  C  "C3'" . G   A 1 13 ? -23.679 -9.886  -10.974 1.00 94.08  ? 13  G   A "C3'" 1 
ATOM   276  O  "O3'" . G   A 1 13 ? -25.041 -9.830  -11.410 1.00 95.13  ? 13  G   A "O3'" 1 
ATOM   277  C  "C2'" . G   A 1 13 ? -22.950 -8.552  -10.841 1.00 92.55  ? 13  G   A "C2'" 1 
ATOM   278  O  "O2'" . G   A 1 13 ? -23.680 -7.528  -10.184 1.00 91.33  ? 13  G   A "O2'" 1 
ATOM   279  C  "C1'" . G   A 1 13 ? -21.739 -8.959  -9.992  1.00 88.33  ? 13  G   A "C1'" 1 
ATOM   280  N  N9    . G   A 1 13 ? -20.541 -9.283  -10.775 1.00 82.58  ? 13  G   A N9    1 
ATOM   281  C  C8    . G   A 1 13 ? -20.088 -10.535 -11.137 1.00 80.42  ? 13  G   A C8    1 
ATOM   282  N  N7    . G   A 1 13 ? -18.983 -10.500 -11.839 1.00 79.95  ? 13  G   A N7    1 
ATOM   283  C  C5    . G   A 1 13 ? -18.684 -9.147  -11.949 1.00 77.41  ? 13  G   A C5    1 
ATOM   284  C  C6    . G   A 1 13 ? -17.596 -8.486  -12.609 1.00 75.23  ? 13  G   A C6    1 
ATOM   285  O  O6    . G   A 1 13 ? -16.640 -8.989  -13.241 1.00 73.14  ? 13  G   A O6    1 
ATOM   286  N  N1    . G   A 1 13 ? -17.695 -7.099  -12.479 1.00 73.62  ? 13  G   A N1    1 
ATOM   287  C  C2    . G   A 1 13 ? -18.698 -6.431  -11.801 1.00 76.89  ? 13  G   A C2    1 
ATOM   288  N  N2    . G   A 1 13 ? -18.625 -5.084  -11.789 1.00 76.35  ? 13  G   A N2    1 
ATOM   289  N  N3    . G   A 1 13 ? -19.703 -7.034  -11.181 1.00 77.49  ? 13  G   A N3    1 
ATOM   290  C  C4    . G   A 1 13 ? -19.636 -8.380  -11.296 1.00 79.37  ? 13  G   A C4    1 
ATOM   291  O  "O5'" . C   B 2 1  ? -11.762 -0.915  -14.731 1.00 95.58  ? 2   C   B "O5'" 1 
ATOM   292  C  "C5'" . C   B 2 1  ? -12.486 0.319   -14.729 1.00 94.26  ? 2   C   B "C5'" 1 
ATOM   293  C  "C4'" . C   B 2 1  ? -13.813 0.236   -14.003 1.00 94.16  ? 2   C   B "C4'" 1 
ATOM   294  O  "O4'" . C   B 2 1  ? -14.686 -0.690  -14.710 1.00 93.70  ? 2   C   B "O4'" 1 
ATOM   295  C  "C3'" . C   B 2 1  ? -13.767 -0.343  -12.596 1.00 95.61  ? 2   C   B "C3'" 1 
ATOM   296  O  "O3'" . C   B 2 1  ? -13.299 0.563   -11.599 1.00 98.01  ? 2   C   B "O3'" 1 
ATOM   297  C  "C2'" . C   B 2 1  ? -15.201 -0.843  -12.398 1.00 93.01  ? 2   C   B "C2'" 1 
ATOM   298  O  "O2'" . C   B 2 1  ? -16.171 0.144   -12.076 1.00 93.69  ? 2   C   B "O2'" 1 
ATOM   299  C  "C1'" . C   B 2 1  ? -15.499 -1.405  -13.784 1.00 88.80  ? 2   C   B "C1'" 1 
ATOM   300  N  N1    . C   B 2 1  ? -15.163 -2.839  -13.866 1.00 83.63  ? 2   C   B N1    1 
ATOM   301  C  C2    . C   B 2 1  ? -16.105 -3.770  -13.412 1.00 82.35  ? 2   C   B C2    1 
ATOM   302  O  O2    . C   B 2 1  ? -17.194 -3.352  -12.961 1.00 82.72  ? 2   C   B O2    1 
ATOM   303  N  N3    . C   B 2 1  ? -15.807 -5.095  -13.469 1.00 78.96  ? 2   C   B N3    1 
ATOM   304  C  C4    . C   B 2 1  ? -14.625 -5.494  -13.953 1.00 78.11  ? 2   C   B C4    1 
ATOM   305  N  N4    . C   B 2 1  ? -14.364 -6.807  -13.979 1.00 77.22  ? 2   C   B N4    1 
ATOM   306  C  C5    . C   B 2 1  ? -13.654 -4.566  -14.429 1.00 78.36  ? 2   C   B C5    1 
ATOM   307  C  C6    . C   B 2 1  ? -13.960 -3.262  -14.367 1.00 80.83  ? 2   C   B C6    1 
ATOM   308  P  P     . G   B 2 2  ? -12.704 -0.018  -10.218 1.00 97.78  ? 3   G   B P     1 
ATOM   309  O  OP1   . G   B 2 2  ? -12.313 1.161   -9.400  1.00 99.12  ? 3   G   B OP1   1 
ATOM   310  O  OP2   . G   B 2 2  ? -11.680 -1.054  -10.547 1.00 89.87  ? 3   G   B OP2   1 
ATOM   311  O  "O5'" . G   B 2 2  ? -13.974 -0.720  -9.535  1.00 93.59  ? 3   G   B "O5'" 1 
ATOM   312  C  "C5'" . G   B 2 2  ? -15.118 0.059   -9.168  1.00 92.84  ? 3   G   B "C5'" 1 
ATOM   313  C  "C4'" . G   B 2 2  ? -16.177 -0.790  -8.500  1.00 92.58  ? 3   G   B "C4'" 1 
ATOM   314  O  "O4'" . G   B 2 2  ? -16.798 -1.658  -9.486  1.00 91.55  ? 3   G   B "O4'" 1 
ATOM   315  C  "C3'" . G   B 2 2  ? -15.707 -1.752  -7.420  1.00 93.77  ? 3   G   B "C3'" 1 
ATOM   316  O  "O3'" . G   B 2 2  ? -15.480 -1.154  -6.155  1.00 96.51  ? 3   G   B "O3'" 1 
ATOM   317  C  "C2'" . G   B 2 2  ? -16.831 -2.780  -7.398  1.00 90.60  ? 3   G   B "C2'" 1 
ATOM   318  O  "O2'" . G   B 2 2  ? -17.999 -2.365  -6.712  1.00 90.97  ? 3   G   B "O2'" 1 
ATOM   319  C  "C1'" . G   B 2 2  ? -17.126 -2.905  -8.885  1.00 85.95  ? 3   G   B "C1'" 1 
ATOM   320  N  N9    . G   B 2 2  ? -16.248 -3.929  -9.431  1.00 80.83  ? 3   G   B N9    1 
ATOM   321  C  C8    . G   B 2 2  ? -15.080 -3.751  -10.136 1.00 79.07  ? 3   G   B C8    1 
ATOM   322  N  N7    . G   B 2 2  ? -14.510 -4.876  -10.480 1.00 77.01  ? 3   G   B N7    1 
ATOM   323  C  C5    . G   B 2 2  ? -15.362 -5.857  -9.977  1.00 76.46  ? 3   G   B C5    1 
ATOM   324  C  C6    . G   B 2 2  ? -15.280 -7.284  -10.048 1.00 76.49  ? 3   G   B C6    1 
ATOM   325  O  O6    . G   B 2 2  ? -14.414 -7.986  -10.611 1.00 75.16  ? 3   G   B O6    1 
ATOM   326  N  N1    . G   B 2 2  ? -16.351 -7.891  -9.378  1.00 75.13  ? 3   G   B N1    1 
ATOM   327  C  C2    . G   B 2 2  ? -17.368 -7.219  -8.728  1.00 76.16  ? 3   G   B C2    1 
ATOM   328  N  N2    . G   B 2 2  ? -18.295 -7.977  -8.107  1.00 75.62  ? 3   G   B N2    1 
ATOM   329  N  N3    . G   B 2 2  ? -17.464 -5.895  -8.679  1.00 77.34  ? 3   G   B N3    1 
ATOM   330  C  C4    . G   B 2 2  ? -16.432 -5.286  -9.318  1.00 78.38  ? 3   G   B C4    1 
ATOM   331  P  P     . G   B 2 3  ? -14.527 -1.899  -5.091  1.00 96.63  ? 4   G   B P     1 
ATOM   332  O  OP1   . G   B 2 3  ? -14.487 -1.030  -3.886  1.00 96.71  ? 4   G   B OP1   1 
ATOM   333  O  OP2   . G   B 2 3  ? -13.263 -2.304  -5.767  1.00 91.22  ? 4   G   B OP2   1 
ATOM   334  O  "O5'" . G   B 2 3  ? -15.317 -3.224  -4.710  1.00 95.48  ? 4   G   B "O5'" 1 
ATOM   335  C  "C5'" . G   B 2 3  ? -16.547 -3.140  -4.010  1.00 94.95  ? 4   G   B "C5'" 1 
ATOM   336  C  "C4'" . G   B 2 3  ? -16.984 -4.505  -3.566  1.00 95.85  ? 4   G   B "C4'" 1 
ATOM   337  O  "O4'" . G   B 2 3  ? -17.402 -5.277  -4.723  1.00 95.24  ? 4   G   B "O4'" 1 
ATOM   338  C  "C3'" . G   B 2 3  ? -15.901 -5.354  -2.928  1.00 97.25  ? 4   G   B "C3'" 1 
ATOM   339  O  "O3'" . G   B 2 3  ? -15.673 -5.028  -1.564  1.00 102.46 ? 4   G   B "O3'" 1 
ATOM   340  C  "C2'" . G   B 2 3  ? -16.452 -6.757  -3.138  1.00 95.03  ? 4   G   B "C2'" 1 
ATOM   341  O  "O2'" . G   B 2 3  ? -17.483 -7.084  -2.227  1.00 95.03  ? 4   G   B "O2'" 1 
ATOM   342  C  "C1'" . G   B 2 3  ? -17.024 -6.632  -4.549  1.00 91.71  ? 4   G   B "C1'" 1 
ATOM   343  N  N9    . G   B 2 3  ? -15.957 -6.929  -5.496  1.00 85.52  ? 4   G   B N9    1 
ATOM   344  C  C8    . G   B 2 3  ? -15.146 -6.031  -6.149  1.00 84.58  ? 4   G   B C8    1 
ATOM   345  N  N7    . G   B 2 3  ? -14.228 -6.606  -6.879  1.00 82.30  ? 4   G   B N7    1 
ATOM   346  C  C5    . G   B 2 3  ? -14.460 -7.965  -6.710  1.00 80.59  ? 4   G   B C5    1 
ATOM   347  C  C6    . G   B 2 3  ? -13.775 -9.087  -7.249  1.00 80.36  ? 4   G   B C6    1 
ATOM   348  O  O6    . G   B 2 3  ? -12.792 -9.098  -8.013  1.00 80.61  ? 4   G   B O6    1 
ATOM   349  N  N1    . G   B 2 3  ? -14.342 -10.288 -6.812  1.00 79.84  ? 4   G   B N1    1 
ATOM   350  C  C2    . G   B 2 3  ? -15.428 -10.392 -5.964  1.00 80.80  ? 4   G   B C2    1 
ATOM   351  N  N2    . G   B 2 3  ? -15.824 -11.634 -5.647  1.00 80.10  ? 4   G   B N2    1 
ATOM   352  N  N3    . G   B 2 3  ? -16.074 -9.351  -5.460  1.00 80.56  ? 4   G   B N3    1 
ATOM   353  C  C4    . G   B 2 3  ? -15.537 -8.178  -5.869  1.00 82.23  ? 4   G   B C4    1 
ATOM   354  P  P     . U   B 2 4  ? -14.225 -5.303  -0.909  1.00 105.39 ? 5   U   B P     1 
ATOM   355  O  OP1   . U   B 2 4  ? -14.240 -4.619  0.409   1.00 106.54 ? 5   U   B OP1   1 
ATOM   356  O  OP2   . U   B 2 4  ? -13.168 -4.965  -1.900  1.00 106.44 ? 5   U   B OP2   1 
ATOM   357  O  "O5'" . U   B 2 4  ? -14.196 -6.884  -0.680  1.00 104.86 ? 5   U   B "O5'" 1 
ATOM   358  C  "C5'" . U   B 2 4  ? -15.163 -7.506  0.169   1.00 103.18 ? 5   U   B "C5'" 1 
ATOM   359  C  "C4'" . U   B 2 4  ? -15.163 -9.016  0.003   1.00 101.70 ? 5   U   B "C4'" 1 
ATOM   360  O  "O4'" . U   B 2 4  ? -15.479 -9.352  -1.380  1.00 100.83 ? 5   U   B "O4'" 1 
ATOM   361  C  "C3'" . U   B 2 4  ? -13.842 -9.734  0.241   1.00 101.40 ? 5   U   B "C3'" 1 
ATOM   362  O  "O3'" . U   B 2 4  ? -13.525 -9.944  1.609   1.00 102.33 ? 5   U   B "O3'" 1 
ATOM   363  C  "C2'" . U   B 2 4  ? -14.040 -11.033 -0.525  1.00 99.46  ? 5   U   B "C2'" 1 
ATOM   364  O  "O2'" . U   B 2 4  ? -14.854 -11.979 0.138   1.00 96.62  ? 5   U   B "O2'" 1 
ATOM   365  C  "C1'" . U   B 2 4  ? -14.771 -10.527 -1.762  1.00 97.63  ? 5   U   B "C1'" 1 
ATOM   366  N  N1    . U   B 2 4  ? -13.769 -10.203 -2.788  1.00 94.90  ? 5   U   B N1    1 
ATOM   367  C  C2    . U   B 2 4  ? -13.208 -11.278 -3.460  1.00 93.71  ? 5   U   B C2    1 
ATOM   368  O  O2    . U   B 2 4  ? -13.553 -12.440 -3.252  1.00 94.23  ? 5   U   B O2    1 
ATOM   369  N  N3    . U   B 2 4  ? -12.234 -10.948 -4.375  1.00 90.62  ? 5   U   B N3    1 
ATOM   370  C  C4    . U   B 2 4  ? -11.773 -9.681  -4.684  1.00 89.61  ? 5   U   B C4    1 
ATOM   371  O  O4    . U   B 2 4  ? -10.852 -9.551  -5.493  1.00 87.76  ? 5   U   B O4    1 
ATOM   372  C  C5    . U   B 2 4  ? -12.414 -8.619  -3.966  1.00 90.47  ? 5   U   B C5    1 
ATOM   373  C  C6    . U   B 2 4  ? -13.371 -8.908  -3.065  1.00 92.98  ? 5   U   B C6    1 
ATOM   374  P  P     . G   B 2 5  ? -11.983 -10.125 2.043   1.00 100.58 ? 6   G   B P     1 
ATOM   375  O  OP1   . G   B 2 5  ? -11.964 -10.322 3.513   1.00 102.57 ? 6   G   B OP1   1 
ATOM   376  O  OP2   . G   B 2 5  ? -11.159 -9.044  1.428   1.00 99.60  ? 6   G   B OP2   1 
ATOM   377  O  "O5'" . G   B 2 5  ? -11.536 -11.494 1.373   1.00 95.75  ? 6   G   B "O5'" 1 
ATOM   378  C  "C5'" . G   B 2 5  ? -11.932 -12.726 1.937   1.00 89.42  ? 6   G   B "C5'" 1 
ATOM   379  C  "C4'" . G   B 2 5  ? -11.326 -13.851 1.161   1.00 86.51  ? 6   G   B "C4'" 1 
ATOM   380  O  "O4'" . G   B 2 5  ? -11.665 -13.655 -0.235  1.00 85.84  ? 6   G   B "O4'" 1 
ATOM   381  C  "C3'" . G   B 2 5  ? -9.809  -13.849 1.145   1.00 84.64  ? 6   G   B "C3'" 1 
ATOM   382  O  "O3'" . G   B 2 5  ? -9.258  -14.464 2.295   1.00 87.44  ? 6   G   B "O3'" 1 
ATOM   383  C  "C2'" . G   B 2 5  ? -9.506  -14.629 -0.122  1.00 82.80  ? 6   G   B "C2'" 1 
ATOM   384  O  "O2'" . G   B 2 5  ? -9.633  -16.027 0.024   1.00 80.05  ? 6   G   B "O2'" 1 
ATOM   385  C  "C1'" . G   B 2 5  ? -10.597 -14.106 -1.049  1.00 81.15  ? 6   G   B "C1'" 1 
ATOM   386  N  N9    . G   B 2 5  ? -10.082 -12.998 -1.846  1.00 77.63  ? 6   G   B N9    1 
ATOM   387  C  C8    . G   B 2 5  ? -10.294 -11.647 -1.692  1.00 76.49  ? 6   G   B C8    1 
ATOM   388  N  N7    . G   B 2 5  ? -9.635  -10.926 -2.564  1.00 76.29  ? 6   G   B N7    1 
ATOM   389  C  C5    . G   B 2 5  ? -8.962  -11.863 -3.341  1.00 76.20  ? 6   G   B C5    1 
ATOM   390  C  C6    . G   B 2 5  ? -8.083  -11.696 -4.450  1.00 76.45  ? 6   G   B C6    1 
ATOM   391  O  O6    . G   B 2 5  ? -7.698  -10.643 -4.983  1.00 76.81  ? 6   G   B O6    1 
ATOM   392  N  N1    . G   B 2 5  ? -7.635  -12.923 -4.937  1.00 74.08  ? 6   G   B N1    1 
ATOM   393  C  C2    . G   B 2 5  ? -7.980  -14.149 -4.427  1.00 74.54  ? 6   G   B C2    1 
ATOM   394  N  N2    . G   B 2 5  ? -7.450  -15.223 -5.032  1.00 76.03  ? 6   G   B N2    1 
ATOM   395  N  N3    . G   B 2 5  ? -8.785  -14.314 -3.399  1.00 75.00  ? 6   G   B N3    1 
ATOM   396  C  C4    . G   B 2 5  ? -9.237  -13.141 -2.912  1.00 76.06  ? 6   G   B C4    1 
ATOM   397  P  P     . A   B 2 6  ? -7.758  -14.105 2.742   1.00 86.55  ? 7   A   B P     1 
ATOM   398  O  OP1   . A   B 2 6  ? -7.437  -14.904 3.949   1.00 89.15  ? 7   A   B OP1   1 
ATOM   399  O  OP2   . A   B 2 6  ? -7.665  -12.621 2.791   1.00 82.52  ? 7   A   B OP2   1 
ATOM   400  O  "O5'" . A   B 2 6  ? -6.853  -14.684 1.567   1.00 82.64  ? 7   A   B "O5'" 1 
ATOM   401  C  "C5'" . A   B 2 6  ? -6.746  -16.090 1.381   1.00 79.20  ? 7   A   B "C5'" 1 
ATOM   402  C  "C4'" . A   B 2 6  ? -5.913  -16.396 0.165   1.00 79.01  ? 7   A   B "C4'" 1 
ATOM   403  O  "O4'" . A   B 2 6  ? -6.527  -15.776 -0.993  1.00 79.68  ? 7   A   B "O4'" 1 
ATOM   404  C  "C3'" . A   B 2 6  ? -4.509  -15.828 0.176   1.00 78.78  ? 7   A   B "C3'" 1 
ATOM   405  O  "O3'" . A   B 2 6  ? -3.615  -16.649 0.900   1.00 78.99  ? 7   A   B "O3'" 1 
ATOM   406  C  "C2'" . A   B 2 6  ? -4.180  -15.766 -1.308  1.00 78.37  ? 7   A   B "C2'" 1 
ATOM   407  O  "O2'" . A   B 2 6  ? -3.852  -17.031 -1.850  1.00 77.61  ? 7   A   B "O2'" 1 
ATOM   408  C  "C1'" . A   B 2 6  ? -5.519  -15.311 -1.875  1.00 79.32  ? 7   A   B "C1'" 1 
ATOM   409  N  N9    . A   B 2 6  ? -5.606  -13.851 -1.939  1.00 79.07  ? 7   A   B N9    1 
ATOM   410  C  C8    . A   B 2 6  ? -6.259  -12.991 -1.080  1.00 77.46  ? 7   A   B C8    1 
ATOM   411  N  N7    . A   B 2 6  ? -6.186  -11.729 -1.436  1.00 76.14  ? 7   A   B N7    1 
ATOM   412  C  C5    . A   B 2 6  ? -5.430  -11.760 -2.600  1.00 75.97  ? 7   A   B C5    1 
ATOM   413  C  C6    . A   B 2 6  ? -5.019  -10.752 -3.474  1.00 74.23  ? 7   A   B C6    1 
ATOM   414  N  N6    . A   B 2 6  ? -5.351  -9.469  -3.313  1.00 70.97  ? 7   A   B N6    1 
ATOM   415  N  N1    . A   B 2 6  ? -4.260  -11.111 -4.536  1.00 72.28  ? 7   A   B N1    1 
ATOM   416  C  C2    . A   B 2 6  ? -3.952  -12.407 -4.703  1.00 73.50  ? 7   A   B C2    1 
ATOM   417  N  N3    . A   B 2 6  ? -4.295  -13.452 -3.958  1.00 75.82  ? 7   A   B N3    1 
ATOM   418  C  C4    . A   B 2 6  ? -5.046  -13.055 -2.910  1.00 76.94  ? 7   A   B C4    1 
ATOM   419  P  P     . G   B 2 7  ? -2.478  -15.967 1.807   1.00 83.53  ? 8   G   B P     1 
ATOM   420  O  OP1   . G   B 2 7  ? -1.668  -17.059 2.401   1.00 82.26  ? 8   G   B OP1   1 
ATOM   421  O  OP2   . G   B 2 7  ? -3.122  -14.946 2.693   1.00 74.72  ? 8   G   B OP2   1 
ATOM   422  O  "O5'" . G   B 2 7  ? -1.555  -15.214 0.753   1.00 81.88  ? 8   G   B "O5'" 1 
ATOM   423  C  "C5'" . G   B 2 7  ? -1.051  -15.899 -0.389  1.00 79.66  ? 8   G   B "C5'" 1 
ATOM   424  C  "C4'" . G   B 2 7  ? -0.462  -14.913 -1.367  1.00 79.16  ? 8   G   B "C4'" 1 
ATOM   425  O  "O4'" . G   B 2 7  ? -1.521  -14.102 -1.942  1.00 79.29  ? 8   G   B "O4'" 1 
ATOM   426  C  "C3'" . G   B 2 7  ? 0.503   -13.905 -0.765  1.00 77.09  ? 8   G   B "C3'" 1 
ATOM   427  O  "O3'" . G   B 2 7  ? 1.815   -14.467 -0.642  1.00 74.99  ? 8   G   B "O3'" 1 
ATOM   428  C  "C2'" . G   B 2 7  ? 0.427   -12.764 -1.773  1.00 76.04  ? 8   G   B "C2'" 1 
ATOM   429  O  "O2'" . G   B 2 7  ? 1.158   -13.050 -2.947  1.00 78.23  ? 8   G   B "O2'" 1 
ATOM   430  C  "C1'" . G   B 2 7  ? -1.056  -12.779 -2.140  1.00 73.65  ? 8   G   B "C1'" 1 
ATOM   431  N  N9    . G   B 2 7  ? -1.876  -11.884 -1.330  1.00 70.49  ? 8   G   B N9    1 
ATOM   432  C  C8    . G   B 2 7  ? -2.542  -12.205 -0.172  1.00 71.01  ? 8   G   B C8    1 
ATOM   433  N  N7    . G   B 2 7  ? -3.236  -11.214 0.315   1.00 70.26  ? 8   G   B N7    1 
ATOM   434  C  C5    . G   B 2 7  ? -3.008  -10.166 -0.567  1.00 69.35  ? 8   G   B C5    1 
ATOM   435  C  C6    . G   B 2 7  ? -3.502  -8.839  -0.558  1.00 69.99  ? 8   G   B C6    1 
ATOM   436  O  O6    . G   B 2 7  ? -4.270  -8.311  0.264   1.00 70.32  ? 8   G   B O6    1 
ATOM   437  N  N1    . G   B 2 7  ? -3.020  -8.101  -1.642  1.00 70.03  ? 8   G   B N1    1 
ATOM   438  C  C2    . G   B 2 7  ? -2.172  -8.578  -2.614  1.00 68.95  ? 8   G   B C2    1 
ATOM   439  N  N2    . G   B 2 7  ? -1.832  -7.704  -3.584  1.00 67.56  ? 8   G   B N2    1 
ATOM   440  N  N3    . G   B 2 7  ? -1.699  -9.822  -2.633  1.00 69.47  ? 8   G   B N3    1 
ATOM   441  C  C4    . G   B 2 7  ? -2.160  -10.558 -1.586  1.00 69.93  ? 8   G   B C4    1 
ATOM   442  P  P     . A   B 2 8  ? 3.072   -13.514 -0.309  1.00 75.86  ? 9   A   B P     1 
ATOM   443  O  OP1   . A   B 2 8  ? 4.206   -14.288 0.249   1.00 73.78  ? 9   A   B OP1   1 
ATOM   444  O  OP2   . A   B 2 8  ? 2.549   -12.331 0.434   1.00 71.81  ? 9   A   B OP2   1 
ATOM   445  O  "O5'" . A   B 2 8  ? 3.532   -13.048 -1.752  1.00 76.53  ? 9   A   B "O5'" 1 
ATOM   446  C  "C5'" . A   B 2 8  ? 4.110   -13.962 -2.672  1.00 71.51  ? 9   A   B "C5'" 1 
ATOM   447  C  "C4'" . A   B 2 8  ? 4.796   -13.179 -3.744  1.00 74.21  ? 9   A   B "C4'" 1 
ATOM   448  O  "O4'" . A   B 2 8  ? 3.804   -12.340 -4.389  1.00 74.97  ? 9   A   B "O4'" 1 
ATOM   449  C  "C3'" . A   B 2 8  ? 5.815   -12.199 -3.206  1.00 73.22  ? 9   A   B "C3'" 1 
ATOM   450  O  "O3'" . A   B 2 8  ? 7.075   -12.836 -3.023  1.00 71.84  ? 9   A   B "O3'" 1 
ATOM   451  C  "C2'" . A   B 2 8  ? 5.847   -11.148 -4.307  1.00 74.74  ? 9   A   B "C2'" 1 
ATOM   452  O  "O2'" . A   B 2 8  ? 6.604   -11.558 -5.432  1.00 75.73  ? 9   A   B "O2'" 1 
ATOM   453  C  "C1'" . A   B 2 8  ? 4.371   -11.086 -4.706  1.00 74.48  ? 9   A   B "C1'" 1 
ATOM   454  N  N9    . A   B 2 8  ? 3.590   -10.060 -4.012  1.00 73.13  ? 9   A   B N9    1 
ATOM   455  C  C8    . A   B 2 8  ? 2.806   -10.225 -2.897  1.00 72.48  ? 9   A   B C8    1 
ATOM   456  N  N7    . A   B 2 8  ? 2.168   -9.140  -2.533  1.00 72.24  ? 9   A   B N7    1 
ATOM   457  C  C5    . A   B 2 8  ? 2.570   -8.189  -3.461  1.00 71.42  ? 9   A   B C5    1 
ATOM   458  C  C6    . A   B 2 8  ? 2.230   -6.834  -3.640  1.00 69.89  ? 9   A   B C6    1 
ATOM   459  N  N6    . A   B 2 8  ? 1.358   -6.177  -2.868  1.00 65.82  ? 9   A   B N6    1 
ATOM   460  N  N1    . A   B 2 8  ? 2.816   -6.169  -4.662  1.00 70.53  ? 9   A   B N1    1 
ATOM   461  C  C2    . A   B 2 8  ? 3.671   -6.830  -5.449  1.00 69.79  ? 9   A   B C2    1 
ATOM   462  N  N3    . A   B 2 8  ? 4.061   -8.100  -5.392  1.00 71.03  ? 9   A   B N3    1 
ATOM   463  C  C4    . A   B 2 8  ? 3.464   -8.735  -4.365  1.00 72.36  ? 9   A   B C4    1 
ATOM   464  P  P     . A   B 2 9  ? 8.147   -12.208 -1.997  1.00 75.97  ? 10  A   B P     1 
ATOM   465  O  OP1   . A   B 2 9  ? 9.416   -12.966 -2.133  1.00 79.84  ? 10  A   B OP1   1 
ATOM   466  O  OP2   . A   B 2 9  ? 7.514   -12.049 -0.660  1.00 72.39  ? 10  A   B OP2   1 
ATOM   467  O  "O5'" . A   B 2 9  ? 8.404   -10.745 -2.551  1.00 75.60  ? 10  A   B "O5'" 1 
ATOM   468  C  "C5'" . A   B 2 9  ? 9.254   -10.519 -3.663  1.00 69.60  ? 10  A   B "C5'" 1 
ATOM   469  C  "C4'" . A   B 2 9  ? 9.386   -9.040  -3.875  1.00 67.83  ? 10  A   B "C4'" 1 
ATOM   470  O  "O4'" . A   B 2 9  ? 8.083   -8.514  -4.227  1.00 64.38  ? 10  A   B "O4'" 1 
ATOM   471  C  "C3'" . A   B 2 9  ? 9.766   -8.271  -2.621  1.00 66.62  ? 10  A   B "C3'" 1 
ATOM   472  O  "O3'" . A   B 2 9  ? 11.175  -8.241  -2.428  1.00 66.53  ? 10  A   B "O3'" 1 
ATOM   473  C  "C2'" . A   B 2 9  ? 9.214   -6.887  -2.916  1.00 66.14  ? 10  A   B "C2'" 1 
ATOM   474  O  "O2'" . A   B 2 9  ? 10.052  -6.124  -3.756  1.00 73.02  ? 10  A   B "O2'" 1 
ATOM   475  C  "C1'" . A   B 2 9  ? 7.920   -7.235  -3.653  1.00 63.34  ? 10  A   B "C1'" 1 
ATOM   476  N  N9    . A   B 2 9  ? 6.744   -7.275  -2.782  1.00 63.06  ? 10  A   B N9    1 
ATOM   477  C  C8    . A   B 2 9  ? 6.186   -8.346  -2.139  1.00 61.37  ? 10  A   B C8    1 
ATOM   478  N  N7    . A   B 2 9  ? 5.124   -8.040  -1.431  1.00 61.06  ? 10  A   B N7    1 
ATOM   479  C  C5    . A   B 2 9  ? 4.976   -6.677  -1.624  1.00 59.54  ? 10  A   B C5    1 
ATOM   480  C  C6    . A   B 2 9  ? 4.043   -5.750  -1.146  1.00 58.66  ? 10  A   B C6    1 
ATOM   481  N  N6    . A   B 2 9  ? 3.032   -6.056  -0.344  1.00 55.28  ? 10  A   B N6    1 
ATOM   482  N  N1    . A   B 2 9  ? 4.185   -4.467  -1.525  1.00 57.51  ? 10  A   B N1    1 
ATOM   483  C  C2    . A   B 2 9  ? 5.201   -4.144  -2.330  1.00 58.19  ? 10  A   B C2    1 
ATOM   484  N  N3    . A   B 2 9  ? 6.141   -4.922  -2.844  1.00 58.41  ? 10  A   B N3    1 
ATOM   485  C  C4    . A   B 2 9  ? 5.969   -6.193  -2.450  1.00 61.24  ? 10  A   B C4    1 
ATOM   486  P  P     . G   B 2 10 ? 11.769  -7.927  -0.973  1.00 68.44  ? 11  G   B P     1 
ATOM   487  O  OP1   . G   B 2 10 ? 13.238  -7.803  -1.058  1.00 71.85  ? 11  G   B OP1   1 
ATOM   488  O  OP2   . G   B 2 10 ? 11.167  -8.918  -0.049  1.00 66.81  ? 11  G   B OP2   1 
ATOM   489  O  "O5'" . G   B 2 10 ? 11.187  -6.493  -0.622  1.00 64.21  ? 11  G   B "O5'" 1 
ATOM   490  C  "C5'" . G   B 2 10 ? 11.837  -5.318  -1.065  1.00 61.33  ? 11  G   B "C5'" 1 
ATOM   491  C  "C4'" . G   B 2 10 ? 11.076  -4.110  -0.595  1.00 60.40  ? 11  G   B "C4'" 1 
ATOM   492  O  "O4'" . G   B 2 10 ? 9.708   -4.235  -1.048  1.00 57.03  ? 11  G   B "O4'" 1 
ATOM   493  C  "C3'" . G   B 2 10 ? 10.938  -3.967  0.906   1.00 59.25  ? 11  G   B "C3'" 1 
ATOM   494  O  "O3'" . G   B 2 10 ? 12.053  -3.337  1.493   1.00 59.83  ? 11  G   B "O3'" 1 
ATOM   495  C  "C2'" . G   B 2 10 ? 9.693   -3.111  1.030   1.00 58.75  ? 11  G   B "C2'" 1 
ATOM   496  O  "O2'" . G   B 2 10 ? 9.918   -1.758  0.722   1.00 59.17  ? 11  G   B "O2'" 1 
ATOM   497  C  "C1'" . G   B 2 10 ? 8.830   -3.711  -0.066  1.00 59.23  ? 11  G   B "C1'" 1 
ATOM   498  N  N9    . G   B 2 10 ? 8.028   -4.808  0.468   1.00 58.35  ? 11  G   B N9    1 
ATOM   499  C  C8    . G   B 2 10 ? 8.294   -6.155  0.394   1.00 56.40  ? 11  G   B C8    1 
ATOM   500  N  N7    . G   B 2 10 ? 7.368   -6.894  0.952   1.00 57.90  ? 11  G   B N7    1 
ATOM   501  C  C5    . G   B 2 10 ? 6.439   -5.975  1.430   1.00 55.30  ? 11  G   B C5    1 
ATOM   502  C  C6    . G   B 2 10 ? 5.208   -6.178  2.118   1.00 54.76  ? 11  G   B C6    1 
ATOM   503  O  O6    . G   B 2 10 ? 4.678   -7.242  2.448   1.00 53.04  ? 11  G   B O6    1 
ATOM   504  N  N1    . G   B 2 10 ? 4.583   -4.967  2.415   1.00 51.07  ? 11  G   B N1    1 
ATOM   505  C  C2    . G   B 2 10 ? 5.073   -3.720  2.082   1.00 52.97  ? 11  G   B C2    1 
ATOM   506  N  N2    . G   B 2 10 ? 4.321   -2.655  2.427   1.00 50.57  ? 11  G   B N2    1 
ATOM   507  N  N3    . G   B 2 10 ? 6.215   -3.523  1.447   1.00 52.25  ? 11  G   B N3    1 
ATOM   508  C  C4    . G   B 2 10 ? 6.839   -4.683  1.150   1.00 55.53  ? 11  G   B C4    1 
ATOM   509  P  P     . G   B 2 11 ? 12.307  -3.505  3.065   1.00 62.48  ? 12  G   B P     1 
ATOM   510  O  OP1   . G   B 2 11 ? 13.610  -2.886  3.391   1.00 66.53  ? 12  G   B OP1   1 
ATOM   511  O  OP2   . G   B 2 11 ? 12.057  -4.929  3.392   1.00 59.85  ? 12  G   B OP2   1 
ATOM   512  O  "O5'" . G   B 2 11 ? 11.199  -2.598  3.758   1.00 60.73  ? 12  G   B "O5'" 1 
ATOM   513  C  "C5'" . G   B 2 11 ? 11.337  -1.190  3.749   1.00 57.00  ? 12  G   B "C5'" 1 
ATOM   514  C  "C4'" . G   B 2 11 ? 10.126  -0.539  4.348   1.00 57.94  ? 12  G   B "C4'" 1 
ATOM   515  O  "O4'" . G   B 2 11 ? 8.949   -1.088  3.708   1.00 55.02  ? 12  G   B "O4'" 1 
ATOM   516  C  "C3'" . G   B 2 11 ? 9.885   -0.849  5.807   1.00 59.25  ? 12  G   B "C3'" 1 
ATOM   517  O  "O3'" . G   B 2 11 ? 10.682  -0.079  6.681   1.00 63.81  ? 12  G   B "O3'" 1 
ATOM   518  C  "C2'" . G   B 2 11 ? 8.402   -0.568  5.940   1.00 54.20  ? 12  G   B "C2'" 1 
ATOM   519  O  "O2'" . G   B 2 11 ? 8.129   0.818   5.917   1.00 56.59  ? 12  G   B "O2'" 1 
ATOM   520  C  "C1'" . G   B 2 11 ? 7.890   -1.177  4.646   1.00 52.62  ? 12  G   B "C1'" 1 
ATOM   521  N  N9    . G   B 2 11 ? 7.545   -2.586  4.833   1.00 51.61  ? 12  G   B N9    1 
ATOM   522  C  C8    . G   B 2 11 ? 8.269   -3.683  4.442   1.00 50.22  ? 12  G   B C8    1 
ATOM   523  N  N7    . G   B 2 11 ? 7.673   -4.812  4.716   1.00 48.91  ? 12  G   B N7    1 
ATOM   524  C  C5    . G   B 2 11 ? 6.485   -4.434  5.331   1.00 47.73  ? 12  G   B C5    1 
ATOM   525  C  C6    . G   B 2 11 ? 5.406   -5.226  5.838   1.00 46.32  ? 12  G   B C6    1 
ATOM   526  O  O6    . G   B 2 11 ? 5.271   -6.457  5.824   1.00 49.30  ? 12  G   B O6    1 
ATOM   527  N  N1    . G   B 2 11 ? 4.414   -4.434  6.398   1.00 45.06  ? 12  G   B N1    1 
ATOM   528  C  C2    . G   B 2 11 ? 4.441   -3.068  6.458   1.00 49.03  ? 12  G   B C2    1 
ATOM   529  N  N2    . G   B 2 11 ? 3.389   -2.488  7.048   1.00 49.36  ? 12  G   B N2    1 
ATOM   530  N  N3    . G   B 2 11 ? 5.424   -2.322  5.978   1.00 48.85  ? 12  G   B N3    1 
ATOM   531  C  C4    . G   B 2 11 ? 6.402   -3.065  5.431   1.00 47.48  ? 12  G   B C4    1 
ATOM   532  P  P     . G   B 2 12 ? 11.133  -0.704  8.090   1.00 66.99  ? 13  G   B P     1 
ATOM   533  O  OP1   . G   B 2 12 ? 11.957  0.332   8.753   1.00 69.72  ? 13  G   B OP1   1 
ATOM   534  O  OP2   . G   B 2 12 ? 11.694  -2.069  7.857   1.00 63.69  ? 13  G   B OP2   1 
ATOM   535  O  "O5'" . G   B 2 12 ? 9.764   -0.830  8.888   1.00 63.23  ? 13  G   B "O5'" 1 
ATOM   536  C  "C5'" . G   B 2 12 ? 9.006   0.331   9.178   1.00 59.88  ? 13  G   B "C5'" 1 
ATOM   537  C  "C4'" . G   B 2 12 ? 7.723   -0.029  9.880   1.00 63.53  ? 13  G   B "C4'" 1 
ATOM   538  O  "O4'" . G   B 2 12 ? 6.911   -0.842  8.998   1.00 63.58  ? 13  G   B "O4'" 1 
ATOM   539  C  "C3'" . G   B 2 12 ? 7.881   -0.885  11.130  1.00 62.83  ? 13  G   B "C3'" 1 
ATOM   540  O  "O3'" . G   B 2 12 ? 8.185   -0.047  12.250  1.00 68.81  ? 13  G   B "O3'" 1 
ATOM   541  C  "C2'" . G   B 2 12 ? 6.502   -1.530  11.230  1.00 57.49  ? 13  G   B "C2'" 1 
ATOM   542  O  "O2'" . G   B 2 12 ? 5.513   -0.660  11.728  1.00 60.81  ? 13  G   B "O2'" 1 
ATOM   543  C  "C1'" . G   B 2 12 ? 6.177   -1.774  9.762   1.00 55.04  ? 13  G   B "C1'" 1 
ATOM   544  N  N9    . G   B 2 12 ? 6.529   -3.125  9.362   1.00 50.03  ? 13  G   B N9    1 
ATOM   545  C  C8    . G   B 2 12 ? 7.625   -3.561  8.658   1.00 49.67  ? 13  G   B C8    1 
ATOM   546  N  N7    . G   B 2 12 ? 7.648   -4.859  8.502   1.00 47.62  ? 13  G   B N7    1 
ATOM   547  C  C5    . G   B 2 12 ? 6.487   -5.297  9.132   1.00 47.08  ? 13  G   B C5    1 
ATOM   548  C  C6    . G   B 2 12 ? 5.954   -6.597  9.277   1.00 47.38  ? 13  G   B C6    1 
ATOM   549  O  O6    . G   B 2 12 ? 6.410   -7.669  8.854   1.00 47.77  ? 13  G   B O6    1 
ATOM   550  N  N1    . G   B 2 12 ? 4.755   -6.579  9.986   1.00 46.93  ? 13  G   B N1    1 
ATOM   551  C  C2    . G   B 2 12 ? 4.140   -5.453  10.476  1.00 47.92  ? 13  G   B C2    1 
ATOM   552  N  N2    . G   B 2 12 ? 2.983   -5.632  11.120  1.00 46.40  ? 13  G   B N2    1 
ATOM   553  N  N3    . G   B 2 12 ? 4.624   -4.238  10.341  1.00 47.24  ? 13  G   B N3    1 
ATOM   554  C  C4    . G   B 2 12 ? 5.793   -4.234  9.663   1.00 48.10  ? 13  G   B C4    1 
HETATM 555  P  P     . S9L B 2 13 ? 8.972   -0.628  13.549  1.00 68.88  ? 14  S9L B P     1 
HETATM 556  O  O1P   . S9L B 2 13 ? 9.340   0.665   14.223  1.00 72.14  ? 14  S9L B O1P   1 
HETATM 557  O  O2P   . S9L B 2 13 ? 9.786   -1.644  12.923  1.00 62.80  ? 14  S9L B O2P   1 
HETATM 558  O  "O5'" . S9L B 2 13 ? 7.699   -1.097  14.382  1.00 73.58  ? 14  S9L B "O5'" 1 
HETATM 559  C  C12   . S9L B 2 13 ? 6.607   -0.230  14.652  1.00 81.84  ? 14  S9L B C12   1 
HETATM 560  C  C22   . S9L B 2 13 ? 5.578   -1.049  15.444  1.00 89.44  ? 14  S9L B C22   1 
HETATM 561  O  OH3   . S9L B 2 13 ? 5.504   -0.557  16.796  1.00 98.18  ? 14  S9L B OH3   1 
HETATM 562  C  C13   . S9L B 2 13 ? 6.464   -2.023  18.548  1.00 99.82  ? 14  S9L B C13   1 
HETATM 563  C  C23   . S9L B 2 13 ? 6.684   -0.822  17.602  1.00 98.57  ? 14  S9L B C23   1 
HETATM 564  O  OH4   . S9L B 2 13 ? 5.167   -1.948  19.158  1.00 97.88  ? 14  S9L B OH4   1 
HETATM 565  C  C14   . S9L B 2 13 ? 4.002   -1.086  21.119  1.00 88.33  ? 14  S9L B C14   1 
HETATM 566  C  C24   . S9L B 2 13 ? 5.267   -1.768  20.572  1.00 91.53  ? 14  S9L B C24   1 
HETATM 567  O  "O3'" . S9L B 2 13 ? 3.576   -0.036  20.251  1.00 73.04  ? 14  S9L B "O3'" 1 
ATOM   568  P  P     . G   B 2 14 ? 2.265   0.519   19.512  1.00 68.12  ? 15  G   B P     1 
ATOM   569  O  OP1   . G   B 2 14 ? 2.133   -0.160  18.195  1.00 72.70  ? 15  G   B OP1   1 
ATOM   570  O  OP2   . G   B 2 14 ? 2.323   1.999   19.569  1.00 71.54  ? 15  G   B OP2   1 
ATOM   571  O  "O5'" . G   B 2 14 ? 1.060   0.089   20.468  1.00 70.55  ? 15  G   B "O5'" 1 
ATOM   572  C  "C5'" . G   B 2 14 ? 0.722   -1.281  20.715  1.00 60.93  ? 15  G   B "C5'" 1 
ATOM   573  C  "C4'" . G   B 2 14 ? -0.693  -1.374  21.246  1.00 61.61  ? 15  G   B "C4'" 1 
ATOM   574  O  "O4'" . G   B 2 14 ? -0.788  -0.744  22.551  1.00 62.69  ? 15  G   B "O4'" 1 
ATOM   575  C  "C3'" . G   B 2 14 ? -1.732  -0.654  20.411  1.00 56.35  ? 15  G   B "C3'" 1 
ATOM   576  O  "O3'" . G   B 2 14 ? -2.159  -1.528  19.392  1.00 55.89  ? 15  G   B "O3'" 1 
ATOM   577  C  "C2'" . G   B 2 14 ? -2.835  -0.390  21.424  1.00 60.83  ? 15  G   B "C2'" 1 
ATOM   578  O  "O2'" . G   B 2 14 ? -3.603  -1.539  21.691  1.00 58.16  ? 15  G   B "O2'" 1 
ATOM   579  C  "C1'" . G   B 2 14 ? -2.029  -0.077  22.676  1.00 59.58  ? 15  G   B "C1'" 1 
ATOM   580  N  N9    . G   B 2 14 ? -1.774  1.354   22.808  1.00 59.18  ? 15  G   B N9    1 
ATOM   581  C  C8    . G   B 2 14 ? -0.621  2.030   22.488  1.00 58.27  ? 15  G   B C8    1 
ATOM   582  N  N7    . G   B 2 14 ? -0.695  3.313   22.721  1.00 56.14  ? 15  G   B N7    1 
ATOM   583  C  C5    . G   B 2 14 ? -1.972  3.490   23.226  1.00 57.80  ? 15  G   B C5    1 
ATOM   584  C  C6    . G   B 2 14 ? -2.621  4.657   23.675  1.00 57.18  ? 15  G   B C6    1 
ATOM   585  O  O6    . G   B 2 14 ? -2.180  5.809   23.718  1.00 58.49  ? 15  G   B O6    1 
ATOM   586  N  N1    . G   B 2 14 ? -3.916  4.387   24.110  1.00 56.54  ? 15  G   B N1    1 
ATOM   587  C  C2    . G   B 2 14 ? -4.508  3.143   24.119  1.00 57.25  ? 15  G   B C2    1 
ATOM   588  N  N2    . G   B 2 14 ? -5.766  3.076   24.577  1.00 56.76  ? 15  G   B N2    1 
ATOM   589  N  N3    . G   B 2 14 ? -3.910  2.046   23.706  1.00 56.17  ? 15  G   B N3    1 
ATOM   590  C  C4    . G   B 2 14 ? -2.654  2.289   23.279  1.00 57.01  ? 15  G   B C4    1 
ATOM   591  P  P     . G   B 2 15 ? -2.842  -0.947  18.072  1.00 56.40  ? 16  G   B P     1 
ATOM   592  O  OP1   . G   B 2 15 ? -2.937  -2.090  17.150  1.00 61.70  ? 16  G   B OP1   1 
ATOM   593  O  OP2   . G   B 2 15 ? -2.163  0.286   17.649  1.00 48.07  ? 16  G   B OP2   1 
ATOM   594  O  "O5'" . G   B 2 15 ? -4.310  -0.543  18.515  1.00 60.11  ? 16  G   B "O5'" 1 
ATOM   595  C  "C5'" . G   B 2 15 ? -5.303  -1.526  18.788  1.00 55.73  ? 16  G   B "C5'" 1 
ATOM   596  C  "C4'" . G   B 2 15 ? -6.573  -0.837  19.204  1.00 58.30  ? 16  G   B "C4'" 1 
ATOM   597  O  "O4'" . G   B 2 15 ? -6.322  -0.121  20.437  1.00 58.56  ? 16  G   B "O4'" 1 
ATOM   598  C  "C3'" . G   B 2 15 ? -7.030  0.246   18.249  1.00 58.48  ? 16  G   B "C3'" 1 
ATOM   599  O  "O3'" . G   B 2 15 ? -7.799  -0.263  17.184  1.00 56.44  ? 16  G   B "O3'" 1 
ATOM   600  C  "C2'" . G   B 2 15 ? -7.856  1.140   19.149  1.00 58.57  ? 16  G   B "C2'" 1 
ATOM   601  O  "O2'" . G   B 2 15 ? -9.142  0.594   19.375  1.00 63.81  ? 16  G   B "O2'" 1 
ATOM   602  C  "C1'" . G   B 2 15 ? -7.015  1.113   20.427  1.00 60.72  ? 16  G   B "C1'" 1 
ATOM   603  N  N9    . G   B 2 15 ? -6.019  2.184   20.476  1.00 62.64  ? 16  G   B N9    1 
ATOM   604  C  C8    . G   B 2 15 ? -4.708  2.115   20.080  1.00 63.00  ? 16  G   B C8    1 
ATOM   605  N  N7    . G   B 2 15 ? -4.061  3.233   20.249  1.00 63.17  ? 16  G   B N7    1 
ATOM   606  C  C5    . G   B 2 15 ? -5.000  4.095   20.795  1.00 61.37  ? 16  G   B C5    1 
ATOM   607  C  C6    . G   B 2 15 ? -4.883  5.458   21.208  1.00 62.27  ? 16  G   B C6    1 
ATOM   608  O  O6    . G   B 2 15 ? -3.882  6.197   21.185  1.00 60.29  ? 16  G   B O6    1 
ATOM   609  N  N1    . G   B 2 15 ? -6.093  5.946   21.693  1.00 63.16  ? 16  G   B N1    1 
ATOM   610  C  C2    . G   B 2 15 ? -7.259  5.224   21.781  1.00 62.46  ? 16  G   B C2    1 
ATOM   611  N  N2    . G   B 2 15 ? -8.322  5.873   22.259  1.00 62.82  ? 16  G   B N2    1 
ATOM   612  N  N3    . G   B 2 15 ? -7.374  3.960   21.421  1.00 63.49  ? 16  G   B N3    1 
ATOM   613  C  C4    . G   B 2 15 ? -6.216  3.463   20.937  1.00 62.07  ? 16  G   B C4    1 
ATOM   614  P  P     . C   B 2 16 ? -7.818  0.532   15.796  1.00 57.85  ? 17  C   B P     1 
ATOM   615  O  OP1   . C   B 2 16 ? -8.619  -0.268  14.835  1.00 54.20  ? 17  C   B OP1   1 
ATOM   616  O  OP2   . C   B 2 16 ? -6.416  0.896   15.479  1.00 52.48  ? 17  C   B OP2   1 
ATOM   617  O  "O5'" . C   B 2 16 ? -8.581  1.891   16.113  1.00 55.51  ? 17  C   B "O5'" 1 
ATOM   618  C  "C5'" . C   B 2 16 ? -9.973  1.887   16.349  1.00 60.78  ? 17  C   B "C5'" 1 
ATOM   619  C  "C4'" . C   B 2 16 ? -10.447 3.269   16.694  1.00 60.23  ? 17  C   B "C4'" 1 
ATOM   620  O  "O4'" . C   B 2 16 ? -9.808  3.680   17.926  1.00 65.04  ? 17  C   B "O4'" 1 
ATOM   621  C  "C3'" . C   B 2 16 ? -10.035 4.362   15.728  1.00 59.16  ? 17  C   B "C3'" 1 
ATOM   622  O  "O3'" . C   B 2 16 ? -10.850 4.438   14.586  1.00 59.93  ? 17  C   B "O3'" 1 
ATOM   623  C  "C2'" . C   B 2 16 ? -10.142 5.599   16.594  1.00 60.55  ? 17  C   B "C2'" 1 
ATOM   624  O  "O2'" . C   B 2 16 ? -11.482 5.975   16.820  1.00 58.34  ? 17  C   B "O2'" 1 
ATOM   625  C  "C1'" . C   B 2 16 ? -9.563  5.074   17.895  1.00 61.22  ? 17  C   B "C1'" 1 
ATOM   626  N  N1    . C   B 2 16 ? -8.118  5.316   17.904  1.00 62.70  ? 17  C   B N1    1 
ATOM   627  C  C2    . C   B 2 16 ? -7.678  6.545   18.360  1.00 62.60  ? 17  C   B C2    1 
ATOM   628  O  O2    . C   B 2 16 ? -8.519  7.356   18.767  1.00 64.68  ? 17  C   B O2    1 
ATOM   629  N  N3    . C   B 2 16 ? -6.357  6.829   18.348  1.00 63.32  ? 17  C   B N3    1 
ATOM   630  C  C4    . C   B 2 16 ? -5.489  5.925   17.900  1.00 62.92  ? 17  C   B C4    1 
ATOM   631  N  N4    . C   B 2 16 ? -4.195  6.254   17.891  1.00 60.91  ? 17  C   B N4    1 
ATOM   632  C  C5    . C   B 2 16 ? -5.913  4.643   17.439  1.00 60.89  ? 17  C   B C5    1 
ATOM   633  C  C6    . C   B 2 16 ? -7.227  4.383   17.460  1.00 61.45  ? 17  C   B C6    1 
ATOM   634  P  P     . A   B 2 17 ? -10.246 5.050   13.233  1.00 62.66  ? 18  A   B P     1 
ATOM   635  O  OP1   . A   B 2 17 ? -11.300 4.913   12.202  1.00 65.15  ? 18  A   B OP1   1 
ATOM   636  O  OP2   . A   B 2 17 ? -8.894  4.477   12.991  1.00 62.89  ? 18  A   B OP2   1 
ATOM   637  O  "O5'" . A   B 2 17 ? -10.095 6.593   13.578  1.00 64.12  ? 18  A   B "O5'" 1 
ATOM   638  C  "C5'" . A   B 2 17 ? -11.247 7.387   13.790  1.00 62.64  ? 18  A   B "C5'" 1 
ATOM   639  C  "C4'" . A   B 2 17 ? -10.853 8.801   14.105  1.00 63.48  ? 18  A   B "C4'" 1 
ATOM   640  O  "O4'" . A   B 2 17 ? -10.121 8.811   15.355  1.00 65.22  ? 18  A   B "O4'" 1 
ATOM   641  C  "C3'" . A   B 2 17 ? -9.876  9.429   13.129  1.00 63.49  ? 18  A   B "C3'" 1 
ATOM   642  O  "O3'" . A   B 2 17 ? -10.484 9.928   11.962  1.00 66.89  ? 18  A   B "O3'" 1 
ATOM   643  C  "C2'" . A   B 2 17 ? -9.249  10.524  13.968  1.00 63.73  ? 18  A   B "C2'" 1 
ATOM   644  O  "O2'" . A   B 2 17 ? -10.100 11.643  14.120  1.00 66.58  ? 18  A   B "O2'" 1 
ATOM   645  C  "C1'" . A   B 2 17 ? -9.109  9.803   15.303  1.00 62.78  ? 18  A   B "C1'" 1 
ATOM   646  N  N9    . A   B 2 17 ? -7.813  9.146   15.319  1.00 62.55  ? 18  A   B N9    1 
ATOM   647  C  C8    . A   B 2 17 ? -7.487  7.835   15.095  1.00 60.49  ? 18  A   B C8    1 
ATOM   648  N  N7    . A   B 2 17 ? -6.200  7.595   15.166  1.00 58.99  ? 18  A   B N7    1 
ATOM   649  C  C5    . A   B 2 17 ? -5.649  8.832   15.464  1.00 58.30  ? 18  A   B C5    1 
ATOM   650  C  C6    . A   B 2 17 ? -4.332  9.255   15.674  1.00 56.18  ? 18  A   B C6    1 
ATOM   651  N  N6    . A   B 2 17 ? -3.280  8.446   15.623  1.00 54.32  ? 18  A   B N6    1 
ATOM   652  N  N1    . A   B 2 17 ? -4.128  10.559  15.941  1.00 58.50  ? 18  A   B N1    1 
ATOM   653  C  C2    . A   B 2 17 ? -5.183  11.375  15.995  1.00 60.09  ? 18  A   B C2    1 
ATOM   654  N  N3    . A   B 2 17 ? -6.467  11.098  15.821  1.00 61.27  ? 18  A   B N3    1 
ATOM   655  C  C4    . A   B 2 17 ? -6.632  9.793   15.558  1.00 61.45  ? 18  A   B C4    1 
ATOM   656  P  P     . G   B 2 18 ? -9.640  9.962   10.600  1.00 71.40  ? 19  G   B P     1 
ATOM   657  O  OP1   . G   B 2 18 ? -10.607 10.288  9.523   1.00 68.72  ? 19  G   B OP1   1 
ATOM   658  O  OP2   . G   B 2 18 ? -8.799  8.734   10.493  1.00 70.24  ? 19  G   B OP2   1 
ATOM   659  O  "O5'" . G   B 2 18 ? -8.640  11.182  10.816  1.00 73.89  ? 19  G   B "O5'" 1 
ATOM   660  C  "C5'" . G   B 2 18 ? -9.148  12.483  11.026  1.00 71.33  ? 19  G   B "C5'" 1 
ATOM   661  C  "C4'" . G   B 2 18 ? -8.033  13.462  11.319  1.00 69.82  ? 19  G   B "C4'" 1 
ATOM   662  O  "O4'" . G   B 2 18 ? -7.343  13.051  12.532  1.00 66.93  ? 19  G   B "O4'" 1 
ATOM   663  C  "C3'" . G   B 2 18 ? -6.908  13.521  10.295  1.00 71.25  ? 19  G   B "C3'" 1 
ATOM   664  O  "O3'" . G   B 2 18 ? -7.227  14.292  9.140   1.00 75.51  ? 19  G   B "O3'" 1 
ATOM   665  C  "C2'" . G   B 2 18 ? -5.768  14.113  11.114  1.00 70.61  ? 19  G   B "C2'" 1 
ATOM   666  O  "O2'" . G   B 2 18 ? -5.892  15.503  11.337  1.00 69.50  ? 19  G   B "O2'" 1 
ATOM   667  C  "C1'" . G   B 2 18 ? -5.979  13.416  12.449  1.00 67.25  ? 19  G   B "C1'" 1 
ATOM   668  N  N9    . G   B 2 18 ? -5.149  12.233  12.560  1.00 65.50  ? 19  G   B N9    1 
ATOM   669  C  C8    . G   B 2 18 ? -5.522  10.919  12.451  1.00 65.68  ? 19  G   B C8    1 
ATOM   670  N  N7    . G   B 2 18 ? -4.524  10.094  12.598  1.00 65.96  ? 19  G   B N7    1 
ATOM   671  C  C5    . G   B 2 18 ? -3.429  10.921  12.823  1.00 66.29  ? 19  G   B C5    1 
ATOM   672  C  C6    . G   B 2 18 ? -2.069  10.609  13.063  1.00 65.57  ? 19  G   B C6    1 
ATOM   673  O  O6    . G   B 2 18 ? -1.537  9.499   13.150  1.00 63.06  ? 19  G   B O6    1 
ATOM   674  N  N1    . G   B 2 18 ? -1.299  11.758  13.212  1.00 67.16  ? 19  G   B N1    1 
ATOM   675  C  C2    . G   B 2 18 ? -1.774  13.041  13.150  1.00 66.84  ? 19  G   B C2    1 
ATOM   676  N  N2    . G   B 2 18 ? -0.868  14.018  13.297  1.00 70.24  ? 19  G   B N2    1 
ATOM   677  N  N3    . G   B 2 18 ? -3.039  13.344  12.951  1.00 68.16  ? 19  G   B N3    1 
ATOM   678  C  C4    . G   B 2 18 ? -3.805  12.241  12.794  1.00 66.83  ? 19  G   B C4    1 
ATOM   679  P  P     . A   B 2 19 ? -6.573  13.900  7.721   1.00 75.16  ? 20  A   B P     1 
ATOM   680  O  OP1   . A   B 2 19 ? -7.082  14.886  6.735   1.00 74.57  ? 20  A   B OP1   1 
ATOM   681  O  OP2   . A   B 2 19 ? -6.791  12.452  7.484   1.00 76.31  ? 20  A   B OP2   1 
ATOM   682  O  "O5'" . A   B 2 19 ? -5.010  14.128  7.943   1.00 72.09  ? 20  A   B "O5'" 1 
ATOM   683  C  "C5'" . A   B 2 19 ? -4.503  15.435  8.191   1.00 68.88  ? 20  A   B "C5'" 1 
ATOM   684  C  "C4'" . A   B 2 19 ? -3.025  15.395  8.495   1.00 68.00  ? 20  A   B "C4'" 1 
ATOM   685  O  "O4'" . A   B 2 19 ? -2.811  14.639  9.711   1.00 66.65  ? 20  A   B "O4'" 1 
ATOM   686  C  "C3'" . A   B 2 19 ? -2.153  14.697  7.471   1.00 67.86  ? 20  A   B "C3'" 1 
ATOM   687  O  "O3'" . A   B 2 19 ? -1.817  15.538  6.384   1.00 67.97  ? 20  A   B "O3'" 1 
ATOM   688  C  "C2'" . A   B 2 19 ? -0.941  14.297  8.298   1.00 66.86  ? 20  A   B "C2'" 1 
ATOM   689  O  "O2'" . A   B 2 19 ? -0.032  15.345  8.542   1.00 68.89  ? 20  A   B "O2'" 1 
ATOM   690  C  "C1'" . A   B 2 19 ? -1.605  13.907  9.611   1.00 66.97  ? 20  A   B "C1'" 1 
ATOM   691  N  N9    . A   B 2 19 ? -1.929  12.485  9.629   1.00 64.51  ? 20  A   B N9    1 
ATOM   692  C  C8    . A   B 2 19 ? -3.147  11.868  9.459   1.00 63.63  ? 20  A   B C8    1 
ATOM   693  N  N7    . A   B 2 19 ? -3.089  10.561  9.535   1.00 61.86  ? 20  A   B N7    1 
ATOM   694  C  C5    . A   B 2 19 ? -1.746  10.303  9.771   1.00 60.42  ? 20  A   B C5    1 
ATOM   695  C  C6    . A   B 2 19 ? -1.036  9.113   9.964   1.00 60.99  ? 20  A   B C6    1 
ATOM   696  N  N6    . A   B 2 19 ? -1.601  7.903   9.951   1.00 57.50  ? 20  A   B N6    1 
ATOM   697  N  N1    . A   B 2 19 ? 0.297   9.206   10.178  1.00 60.90  ? 20  A   B N1    1 
ATOM   698  C  C2    . A   B 2 19 ? 0.862   10.421  10.195  1.00 61.49  ? 20  A   B C2    1 
ATOM   699  N  N3    . A   B 2 19 ? 0.298   11.610  10.033  1.00 60.28  ? 20  A   B N3    1 
ATOM   700  C  C4    . A   B 2 19 ? -1.022  11.478  9.825   1.00 61.38  ? 20  A   B C4    1 
ATOM   701  P  P     . G   B 2 20 ? -1.640  14.895  4.926   1.00 71.03  ? 21  G   B P     1 
ATOM   702  O  OP1   . G   B 2 20 ? -1.239  15.955  3.972   1.00 74.52  ? 21  G   B OP1   1 
ATOM   703  O  OP2   . G   B 2 20 ? -2.876  14.105  4.671   1.00 70.32  ? 21  G   B OP2   1 
ATOM   704  O  "O5'" . G   B 2 20 ? -0.402  13.905  5.094   1.00 67.06  ? 21  G   B "O5'" 1 
ATOM   705  C  "C5'" . G   B 2 20 ? 0.895   14.414  5.366   1.00 65.47  ? 21  G   B "C5'" 1 
ATOM   706  C  "C4'" . G   B 2 20 ? 1.888   13.293  5.604   1.00 65.97  ? 21  G   B "C4'" 1 
ATOM   707  O  "O4'" . G   B 2 20 ? 1.498   12.531  6.775   1.00 67.16  ? 21  G   B "O4'" 1 
ATOM   708  C  "C3'" . G   B 2 20 ? 2.015   12.247  4.512   1.00 62.94  ? 21  G   B "C3'" 1 
ATOM   709  O  "O3'" . G   B 2 20 ? 2.904   12.660  3.493   1.00 65.14  ? 21  G   B "O3'" 1 
ATOM   710  C  "C2'" . G   B 2 20 ? 2.582   11.059  5.273   1.00 62.25  ? 21  G   B "C2'" 1 
ATOM   711  O  "O2'" . G   B 2 20 ? 3.959   11.185  5.542   1.00 61.10  ? 21  G   B "O2'" 1 
ATOM   712  C  "C1'" . G   B 2 20 ? 1.821   11.160  6.587   1.00 63.50  ? 21  G   B "C1'" 1 
ATOM   713  N  N9    . G   B 2 20 ? 0.581   10.389  6.537   1.00 61.27  ? 21  G   B N9    1 
ATOM   714  C  C8    . G   B 2 20 ? -0.668  10.844  6.179   1.00 59.65  ? 21  G   B C8    1 
ATOM   715  N  N7    . G   B 2 20 ? -1.590  9.920   6.242   1.00 60.11  ? 21  G   B N7    1 
ATOM   716  C  C5    . G   B 2 20 ? -0.907  8.781   6.667   1.00 59.55  ? 21  G   B C5    1 
ATOM   717  C  C6    . G   B 2 20 ? -1.380  7.459   6.931   1.00 56.90  ? 21  G   B C6    1 
ATOM   718  O  O6    . G   B 2 20 ? -2.539  7.021   6.849   1.00 59.73  ? 21  G   B O6    1 
ATOM   719  N  N1    . G   B 2 20 ? -0.343  6.615   7.328   1.00 54.26  ? 21  G   B N1    1 
ATOM   720  C  C2    . G   B 2 20 ? 0.972   6.984   7.459   1.00 56.36  ? 21  G   B C2    1 
ATOM   721  N  N2    . G   B 2 20 ? 1.819   6.018   7.833   1.00 51.81  ? 21  G   B N2    1 
ATOM   722  N  N3    . G   B 2 20 ? 1.423   8.208   7.231   1.00 57.03  ? 21  G   B N3    1 
ATOM   723  C  C4    . G   B 2 20 ? 0.436   9.051   6.842   1.00 58.03  ? 21  G   B C4    1 
ATOM   724  P  P     . A   B 2 21 ? 2.412   12.674  1.968   1.00 68.07  ? 22  A   B P     1 
ATOM   725  O  OP1   . A   B 2 21 ? 1.756   13.983  1.722   1.00 65.56  ? 22  A   B OP1   1 
ATOM   726  O  OP2   . A   B 2 21 ? 1.677   11.416  1.666   1.00 70.22  ? 22  A   B OP2   1 
ATOM   727  O  "O5'" . A   B 2 21 ? 3.771   12.608  1.157   1.00 63.71  ? 22  A   B "O5'" 1 
ATOM   728  C  "C5'" . A   B 2 21 ? 4.421   11.370  0.936   1.00 61.90  ? 22  A   B "C5'" 1 
ATOM   729  C  "C4'" . A   B 2 21 ? 5.680   11.303  1.755   1.00 63.79  ? 22  A   B "C4'" 1 
ATOM   730  O  "O4'" . A   B 2 21 ? 5.359   10.895  3.112   1.00 65.20  ? 22  A   B "O4'" 1 
ATOM   731  C  "C3'" . A   B 2 21 ? 6.651   10.244  1.285   1.00 63.28  ? 22  A   B "C3'" 1 
ATOM   732  O  "O3'" . A   B 2 21 ? 7.418   10.756  0.216   1.00 64.08  ? 22  A   B "O3'" 1 
ATOM   733  C  "C2'" . A   B 2 21 ? 7.471   9.968   2.537   1.00 63.80  ? 22  A   B "C2'" 1 
ATOM   734  O  "O2'" . A   B 2 21 ? 8.493   10.917  2.777   1.00 62.77  ? 22  A   B "O2'" 1 
ATOM   735  C  "C1'" . A   B 2 21 ? 6.398   10.067  3.621   1.00 62.72  ? 22  A   B "C1'" 1 
ATOM   736  N  N9    . A   B 2 21 ? 5.834   8.757   3.950   1.00 62.86  ? 22  A   B N9    1 
ATOM   737  C  C8    . A   B 2 21 ? 4.549   8.325   3.760   1.00 60.64  ? 22  A   B C8    1 
ATOM   738  N  N7    . A   B 2 21 ? 4.345   7.088   4.139   1.00 60.70  ? 22  A   B N7    1 
ATOM   739  C  C5    . A   B 2 21 ? 5.580   6.677   4.618   1.00 60.63  ? 22  A   B C5    1 
ATOM   740  C  C6    . A   B 2 21 ? 6.020   5.463   5.168   1.00 62.30  ? 22  A   B C6    1 
ATOM   741  N  N6    . A   B 2 21 ? 5.232   4.397   5.320   1.00 60.83  ? 22  A   B N6    1 
ATOM   742  N  N1    . A   B 2 21 ? 7.309   5.379   5.559   1.00 63.50  ? 22  A   B N1    1 
ATOM   743  C  C2    . A   B 2 21 ? 8.090   6.448   5.396   1.00 62.50  ? 22  A   B C2    1 
ATOM   744  N  N3    . A   B 2 21 ? 7.793   7.643   4.885   1.00 61.54  ? 22  A   B N3    1 
ATOM   745  C  C4    . A   B 2 21 ? 6.505   7.694   4.512   1.00 61.16  ? 22  A   B C4    1 
ATOM   746  P  P     . A   B 2 22 ? 7.887   9.771   -0.948  1.00 67.56  ? 23  A   B P     1 
ATOM   747  O  OP1   . A   B 2 22 ? 8.755   10.541  -1.873  1.00 71.48  ? 23  A   B OP1   1 
ATOM   748  O  OP2   . A   B 2 22 ? 6.700   9.047   -1.479  1.00 62.56  ? 23  A   B OP2   1 
ATOM   749  O  "O5'" . A   B 2 22 ? 8.812   8.749   -0.168  1.00 65.14  ? 23  A   B "O5'" 1 
ATOM   750  C  "C5'" . A   B 2 22 ? 10.010  9.185   0.459   1.00 59.04  ? 23  A   B "C5'" 1 
ATOM   751  C  "C4'" . A   B 2 22 ? 10.686  8.001   1.082   1.00 63.69  ? 23  A   B "C4'" 1 
ATOM   752  O  "O4'" . A   B 2 22 ? 9.914   7.574   2.227   1.00 64.18  ? 23  A   B "O4'" 1 
ATOM   753  C  "C3'" . A   B 2 22 ? 10.743  6.780   0.182   1.00 61.75  ? 23  A   B "C3'" 1 
ATOM   754  O  "O3'" . A   B 2 22 ? 11.858  6.844   -0.693  1.00 58.70  ? 23  A   B "O3'" 1 
ATOM   755  C  "C2'" . A   B 2 22 ? 10.839  5.646   1.190   1.00 61.83  ? 23  A   B "C2'" 1 
ATOM   756  O  "O2'" . A   B 2 22 ? 12.132  5.421   1.695   1.00 63.24  ? 23  A   B "O2'" 1 
ATOM   757  C  "C1'" . A   B 2 22 ? 9.919   6.159   2.298   1.00 66.27  ? 23  A   B "C1'" 1 
ATOM   758  N  N9    . A   B 2 22 ? 8.553   5.693   2.068   1.00 65.08  ? 23  A   B N9    1 
ATOM   759  C  C8    . A   B 2 22 ? 7.486   6.351   1.498   1.00 63.23  ? 23  A   B C8    1 
ATOM   760  N  N7    . A   B 2 22 ? 6.409   5.612   1.395   1.00 63.03  ? 23  A   B N7    1 
ATOM   761  C  C5    . A   B 2 22 ? 6.790   4.393   1.944   1.00 61.57  ? 23  A   B C5    1 
ATOM   762  C  C6    . A   B 2 22 ? 6.107   3.184   2.125   1.00 59.70  ? 23  A   B C6    1 
ATOM   763  N  N6    . A   B 2 22 ? 4.845   2.984   1.753   1.00 57.34  ? 23  A   B N6    1 
ATOM   764  N  N1    . A   B 2 22 ? 6.778   2.166   2.703   1.00 59.11  ? 23  A   B N1    1 
ATOM   765  C  C2    . A   B 2 22 ? 8.044   2.359   3.070   1.00 61.91  ? 23  A   B C2    1 
ATOM   766  N  N3    . A   B 2 22 ? 8.795   3.444   2.950   1.00 63.44  ? 23  A   B N3    1 
ATOM   767  C  C4    . A   B 2 22 ? 8.099   4.436   2.371   1.00 61.48  ? 23  A   B C4    1 
ATOM   768  P  P     . A   B 2 23 ? 11.948  5.852   -1.953  1.00 64.30  ? 24  A   B P     1 
ATOM   769  O  OP1   . A   B 2 23 ? 13.317  5.948   -2.525  1.00 71.57  ? 24  A   B OP1   1 
ATOM   770  O  OP2   . A   B 2 23 ? 10.766  6.062   -2.832  1.00 62.71  ? 24  A   B OP2   1 
ATOM   771  O  "O5'" . A   B 2 23 ? 11.827  4.413   -1.304  1.00 64.25  ? 24  A   B "O5'" 1 
ATOM   772  C  "C5'" . A   B 2 23 ? 12.943  3.795   -0.689  1.00 63.19  ? 24  A   B "C5'" 1 
ATOM   773  C  "C4'" . A   B 2 23 ? 12.623  2.358   -0.423  1.00 61.31  ? 24  A   B "C4'" 1 
ATOM   774  O  "O4'" . A   B 2 23 ? 11.499  2.307   0.490   1.00 60.03  ? 24  A   B "O4'" 1 
ATOM   775  C  "C3'" . A   B 2 23 ? 12.148  1.594   -1.641  1.00 60.57  ? 24  A   B "C3'" 1 
ATOM   776  O  "O3'" . A   B 2 23 ? 13.229  1.089   -2.403  1.00 60.89  ? 24  A   B "O3'" 1 
ATOM   777  C  "C2'" . A   B 2 23 ? 11.340  0.482   -1.002  1.00 58.18  ? 24  A   B "C2'" 1 
ATOM   778  O  "O2'" . A   B 2 23 ? 12.207  -0.487  -0.457  1.00 59.84  ? 24  A   B "O2'" 1 
ATOM   779  C  "C1'" . A   B 2 23 ? 10.641  1.241   0.129   1.00 57.16  ? 24  A   B "C1'" 1 
ATOM   780  N  N9    . A   B 2 23 ? 9.370   1.824   -0.317  1.00 58.64  ? 24  A   B N9    1 
ATOM   781  C  C8    . A   B 2 23 ? 9.138   3.113   -0.736  1.00 57.97  ? 24  A   B C8    1 
ATOM   782  N  N7    . A   B 2 23 ? 7.900   3.337   -1.108  1.00 55.09  ? 24  A   B N7    1 
ATOM   783  C  C5    . A   B 2 23 ? 7.269   2.115   -0.913  1.00 55.61  ? 24  A   B C5    1 
ATOM   784  C  C6    . A   B 2 23 ? 5.939   1.688   -1.115  1.00 54.55  ? 24  A   B C6    1 
ATOM   785  N  N6    . A   B 2 23 ? 4.968   2.472   -1.595  1.00 50.30  ? 24  A   B N6    1 
ATOM   786  N  N1    . A   B 2 23 ? 5.641   0.409   -0.807  1.00 55.25  ? 24  A   B N1    1 
ATOM   787  C  C2    . A   B 2 23 ? 6.613   -0.381  -0.336  1.00 55.25  ? 24  A   B C2    1 
ATOM   788  N  N3    . A   B 2 23 ? 7.892   -0.102  -0.107  1.00 55.80  ? 24  A   B N3    1 
ATOM   789  C  C4    . A   B 2 23 ? 8.161   1.176   -0.419  1.00 55.78  ? 24  A   B C4    1 
ATOM   790  P  P     . C   B 2 24 ? 12.997  0.688   -3.938  1.00 64.29  ? 25  C   B P     1 
ATOM   791  O  OP1   . C   B 2 24 ? 14.199  -0.061  -4.376  1.00 65.70  ? 25  C   B OP1   1 
ATOM   792  O  OP2   . C   B 2 24 ? 12.561  1.901   -4.679  1.00 61.94  ? 25  C   B OP2   1 
ATOM   793  O  "O5'" . C   B 2 24 ? 11.780  -0.342  -3.909  1.00 67.15  ? 25  C   B "O5'" 1 
ATOM   794  C  "C5'" . C   B 2 24 ? 11.952  -1.685  -3.465  1.00 60.75  ? 25  C   B "C5'" 1 
ATOM   795  C  "C4'" . C   B 2 24 ? 10.644  -2.440  -3.563  1.00 59.97  ? 25  C   B "C4'" 1 
ATOM   796  O  "O4'" . C   B 2 24 ? 9.637   -1.711  -2.818  1.00 62.30  ? 25  C   B "O4'" 1 
ATOM   797  C  "C3'" . C   B 2 24 ? 10.047  -2.559  -4.955  1.00 59.47  ? 25  C   B "C3'" 1 
ATOM   798  O  "O3'" . C   B 2 24 ? 10.568  -3.695  -5.638  1.00 62.27  ? 25  C   B "O3'" 1 
ATOM   799  C  "C2'" . C   B 2 24 ? 8.576   -2.764  -4.652  1.00 59.79  ? 25  C   B "C2'" 1 
ATOM   800  O  "O2'" . C   B 2 24 ? 8.335   -4.090  -4.254  1.00 61.64  ? 25  C   B "O2'" 1 
ATOM   801  C  "C1'" . C   B 2 24 ? 8.385   -1.844  -3.454  1.00 59.89  ? 25  C   B "C1'" 1 
ATOM   802  N  N1    . C   B 2 24 ? 7.905   -0.508  -3.813  1.00 56.44  ? 25  C   B N1    1 
ATOM   803  C  C2    . C   B 2 24 ? 6.549   -0.342  -4.060  1.00 56.76  ? 25  C   B C2    1 
ATOM   804  O  O2    . C   B 2 24 ? 5.811   -1.325  -3.985  1.00 58.41  ? 25  C   B O2    1 
ATOM   805  N  N3    . C   B 2 24 ? 6.072   0.885   -4.378  1.00 55.12  ? 25  C   B N3    1 
ATOM   806  C  C4    . C   B 2 24 ? 6.906   1.919   -4.465  1.00 55.17  ? 25  C   B C4    1 
ATOM   807  N  N4    . C   B 2 24 ? 6.389   3.112   -4.783  1.00 51.80  ? 25  C   B N4    1 
ATOM   808  C  C5    . C   B 2 24 ? 8.306   1.777   -4.228  1.00 54.47  ? 25  C   B C5    1 
ATOM   809  C  C6    . C   B 2 24 ? 8.758   0.553   -3.904  1.00 57.72  ? 25  C   B C6    1 
ATOM   810  P  P     . A   B 2 25 ? 10.468  -3.780  -7.240  1.00 58.63  ? 26  A   B P     1 
ATOM   811  O  OP1   . A   B 2 25 ? 11.146  -5.018  -7.694  1.00 62.50  ? 26  A   B OP1   1 
ATOM   812  O  OP2   . A   B 2 25 ? 10.846  -2.467  -7.811  1.00 59.32  ? 26  A   B OP2   1 
ATOM   813  O  "O5'" . A   B 2 25 ? 8.926   -3.960  -7.536  1.00 58.62  ? 26  A   B "O5'" 1 
ATOM   814  C  "C5'" . A   B 2 25 ? 8.313   -5.209  -7.348  1.00 57.64  ? 26  A   B "C5'" 1 
ATOM   815  C  "C4'" . A   B 2 25 ? 6.852   -5.091  -7.629  1.00 58.59  ? 26  A   B "C4'" 1 
ATOM   816  O  "O4'" . A   B 2 25 ? 6.338   -4.020  -6.808  1.00 57.22  ? 26  A   B "O4'" 1 
ATOM   817  C  "C3'" . A   B 2 25 ? 6.521   -4.630  -9.032  1.00 59.86  ? 26  A   B "C3'" 1 
ATOM   818  O  "O3'" . A   B 2 25 ? 6.535   -5.684  -9.976  1.00 63.73  ? 26  A   B "O3'" 1 
ATOM   819  C  "C2'" . A   B 2 25 ? 5.138   -4.037  -8.842  1.00 56.75  ? 26  A   B "C2'" 1 
ATOM   820  O  "O2'" . A   B 2 25 ? 4.158   -5.046  -8.686  1.00 58.88  ? 26  A   B "O2'" 1 
ATOM   821  C  "C1'" . A   B 2 25 ? 5.326   -3.331  -7.509  1.00 54.52  ? 26  A   B "C1'" 1 
ATOM   822  N  N9    . A   B 2 25 ? 5.752   -1.947  -7.664  1.00 54.31  ? 26  A   B N9    1 
ATOM   823  C  C8    . A   B 2 25 ? 6.987   -1.408  -7.443  1.00 53.40  ? 26  A   B C8    1 
ATOM   824  N  N7    . A   B 2 25 ? 7.029   -0.110  -7.603  1.00 53.26  ? 26  A   B N7    1 
ATOM   825  C  C5    . A   B 2 25 ? 5.731   0.222   -7.970  1.00 50.98  ? 26  A   B C5    1 
ATOM   826  C  C6    . A   B 2 25 ? 5.108   1.447   -8.258  1.00 53.48  ? 26  A   B C6    1 
ATOM   827  N  N6    . A   B 2 25 ? 5.733   2.625   -8.213  1.00 50.70  ? 26  A   B N6    1 
ATOM   828  N  N1    . A   B 2 25 ? 3.800   1.424   -8.589  1.00 53.86  ? 26  A   B N1    1 
ATOM   829  C  C2    . A   B 2 25 ? 3.169   0.248   -8.620  1.00 54.48  ? 26  A   B C2    1 
ATOM   830  N  N3    . A   B 2 25 ? 3.642   -0.964  -8.359  1.00 55.33  ? 26  A   B N3    1 
ATOM   831  C  C4    . A   B 2 25 ? 4.944   -0.904  -8.033  1.00 53.38  ? 26  A   B C4    1 
ATOM   832  P  P     . C   B 2 26 ? 6.936   -5.369  -11.498 1.00 64.10  ? 27  C   B P     1 
ATOM   833  O  OP1   . C   B 2 26 ? 6.816   -6.663  -12.219 1.00 65.69  ? 27  C   B OP1   1 
ATOM   834  O  OP2   . C   B 2 26 ? 8.223   -4.623  -11.502 1.00 57.25  ? 27  C   B OP2   1 
ATOM   835  O  "O5'" . C   B 2 26 ? 5.777   -4.408  -12.015 1.00 60.71  ? 27  C   B "O5'" 1 
ATOM   836  C  "C5'" . C   B 2 26 ? 4.464   -4.917  -12.170 1.00 55.93  ? 27  C   B "C5'" 1 
ATOM   837  C  "C4'" . C   B 2 26 ? 3.500   -3.816  -12.515 1.00 54.04  ? 27  C   B "C4'" 1 
ATOM   838  O  "O4'" . C   B 2 26 ? 3.557   -2.794  -11.485 1.00 52.43  ? 27  C   B "O4'" 1 
ATOM   839  C  "C3'" . C   B 2 26 ? 3.834   -3.033  -13.769 1.00 52.84  ? 27  C   B "C3'" 1 
ATOM   840  O  "O3'" . C   B 2 26 ? 3.442   -3.690  -14.963 1.00 64.97  ? 27  C   B "O3'" 1 
ATOM   841  C  "C2'" . C   B 2 26 ? 3.073   -1.737  -13.541 1.00 54.79  ? 27  C   B "C2'" 1 
ATOM   842  O  "O2'" . C   B 2 26 ? 1.684   -1.909  -13.738 1.00 55.58  ? 27  C   B "O2'" 1 
ATOM   843  C  "C1'" . C   B 2 26 ? 3.308   -1.520  -12.057 1.00 52.53  ? 27  C   B "C1'" 1 
ATOM   844  N  N1    . C   B 2 26 ? 4.444   -0.633  -11.787 1.00 50.26  ? 27  C   B N1    1 
ATOM   845  C  C2    . C   B 2 26 ? 4.232   0.750   -11.820 1.00 49.54  ? 27  C   B C2    1 
ATOM   846  O  O2    . C   B 2 26 ? 3.105   1.182   -12.106 1.00 49.65  ? 27  C   B O2    1 
ATOM   847  N  N3    . C   B 2 26 ? 5.256   1.581   -11.548 1.00 51.45  ? 27  C   B N3    1 
ATOM   848  C  C4    . C   B 2 26 ? 6.461   1.084   -11.268 1.00 51.12  ? 27  C   B C4    1 
ATOM   849  N  N4    . C   B 2 26 ? 7.444   1.951   -11.003 1.00 51.61  ? 27  C   B N4    1 
ATOM   850  C  C5    . C   B 2 26 ? 6.712   -0.321  -11.244 1.00 50.67  ? 27  C   B C5    1 
ATOM   851  C  C6    . C   B 2 26 ? 5.682   -1.135  -11.505 1.00 50.93  ? 27  C   B C6    1 
ATOM   852  P  P     . A   B 2 27 ? 4.264   -3.416  -16.318 1.00 56.30  ? 28  A   B P     1 
ATOM   853  O  OP1   . A   B 2 27 ? 3.716   -4.355  -17.335 1.00 62.55  ? 28  A   B OP1   1 
ATOM   854  O  OP2   . A   B 2 27 ? 5.716   -3.450  -15.980 1.00 58.71  ? 28  A   B OP2   1 
ATOM   855  O  "O5'" . A   B 2 27 ? 3.857   -1.930  -16.725 1.00 57.44  ? 28  A   B "O5'" 1 
ATOM   856  C  "C5'" . A   B 2 27 ? 2.522   -1.650  -17.099 1.00 53.83  ? 28  A   B "C5'" 1 
ATOM   857  C  "C4'" . A   B 2 27 ? 2.317   -0.172  -17.311 1.00 58.91  ? 28  A   B "C4'" 1 
ATOM   858  O  "O4'" . A   B 2 27 ? 2.509   0.537   -16.061 1.00 58.74  ? 28  A   B "O4'" 1 
ATOM   859  C  "C3'" . A   B 2 27 ? 3.258   0.519   -18.276 1.00 56.84  ? 28  A   B "C3'" 1 
ATOM   860  O  "O3'" . A   B 2 27 ? 2.834   0.317   -19.608 1.00 56.80  ? 28  A   B "O3'" 1 
ATOM   861  C  "C2'" . A   B 2 27 ? 3.143   1.969   -17.823 1.00 57.03  ? 28  A   B "C2'" 1 
ATOM   862  O  "O2'" . A   B 2 27 ? 1.915   2.569   -18.192 1.00 56.11  ? 28  A   B "O2'" 1 
ATOM   863  C  "C1'" . A   B 2 27 ? 3.104   1.796   -16.313 1.00 57.20  ? 28  A   B "C1'" 1 
ATOM   864  N  N9    . A   B 2 27 ? 4.450   1.788   -15.748 1.00 52.62  ? 28  A   B N9    1 
ATOM   865  C  C8    . A   B 2 27 ? 5.248   0.711   -15.458 1.00 50.37  ? 28  A   B C8    1 
ATOM   866  N  N7    . A   B 2 27 ? 6.404   1.037   -14.936 1.00 50.43  ? 28  A   B N7    1 
ATOM   867  C  C5    . A   B 2 27 ? 6.364   2.424   -14.879 1.00 51.15  ? 28  A   B C5    1 
ATOM   868  C  C6    . A   B 2 27 ? 7.283   3.381   -14.414 1.00 51.11  ? 28  A   B C6    1 
ATOM   869  N  N6    . A   B 2 27 ? 8.459   3.071   -13.865 1.00 47.72  ? 28  A   B N6    1 
ATOM   870  N  N1    . A   B 2 27 ? 6.942   4.685   -14.523 1.00 51.25  ? 28  A   B N1    1 
ATOM   871  C  C2    . A   B 2 27 ? 5.752   4.996   -15.053 1.00 50.87  ? 28  A   B C2    1 
ATOM   872  N  N3    . A   B 2 27 ? 4.800   4.190   -15.507 1.00 53.10  ? 28  A   B N3    1 
ATOM   873  C  C4    . A   B 2 27 ? 5.173   2.899   -15.391 1.00 51.90  ? 28  A   B C4    1 
ATOM   874  P  P     . C   B 2 28 ? 3.917   0.209   -20.779 1.00 58.33  ? 29  C   B P     1 
ATOM   875  O  OP1   . C   B 2 28 ? 3.151   -0.084  -22.003 1.00 63.20  ? 29  C   B OP1   1 
ATOM   876  O  OP2   . C   B 2 28 ? 5.022   -0.684  -20.371 1.00 58.85  ? 29  C   B OP2   1 
ATOM   877  O  "O5'" . C   B 2 28 ? 4.452   1.695   -20.930 1.00 54.77  ? 29  C   B "O5'" 1 
ATOM   878  C  "C5'" . C   B 2 28 ? 3.575   2.709   -21.396 1.00 50.59  ? 29  C   B "C5'" 1 
ATOM   879  C  "C4'" . C   B 2 28 ? 4.116   4.088   -21.091 1.00 53.91  ? 29  C   B "C4'" 1 
ATOM   880  O  "O4'" . C   B 2 28 ? 4.357   4.206   -19.663 1.00 52.80  ? 29  C   B "O4'" 1 
ATOM   881  C  "C3'" . C   B 2 28 ? 5.455   4.443   -21.712 1.00 51.80  ? 29  C   B "C3'" 1 
ATOM   882  O  "O3'" . C   B 2 28 ? 5.315   4.891   -23.051 1.00 49.80  ? 29  C   B "O3'" 1 
ATOM   883  C  "C2'" . C   B 2 28 ? 5.932   5.553   -20.793 1.00 51.30  ? 29  C   B "C2'" 1 
ATOM   884  O  "O2'" . C   B 2 28 ? 5.220   6.748   -21.036 1.00 47.20  ? 29  C   B "O2'" 1 
ATOM   885  C  "C1'" . C   B 2 28 ? 5.491   5.019   -19.438 1.00 50.96  ? 29  C   B "C1'" 1 
ATOM   886  N  N1    . C   B 2 28 ? 6.541   4.208   -18.813 1.00 48.25  ? 29  C   B N1    1 
ATOM   887  C  C2    . C   B 2 28 ? 7.515   4.861   -18.085 1.00 44.98  ? 29  C   B C2    1 
ATOM   888  O  O2    . C   B 2 28 ? 7.463   6.097   -18.009 1.00 45.01  ? 29  C   B O2    1 
ATOM   889  N  N3    . C   B 2 28 ? 8.493   4.140   -17.484 1.00 44.30  ? 29  C   B N3    1 
ATOM   890  C  C4    . C   B 2 28 ? 8.512   2.811   -17.607 1.00 47.79  ? 29  C   B C4    1 
ATOM   891  N  N4    . C   B 2 28 ? 9.485   2.136   -16.991 1.00 46.18  ? 29  C   B N4    1 
ATOM   892  C  C5    . C   B 2 28 ? 7.529   2.116   -18.362 1.00 46.25  ? 29  C   B C5    1 
ATOM   893  C  C6    . C   B 2 28 ? 6.568   2.847   -18.942 1.00 47.74  ? 29  C   B C6    1 
ATOM   894  P  P     . G   B 2 29 ? 6.515   4.661   -24.088 1.00 52.02  ? 30  G   B P     1 
ATOM   895  O  OP1   . G   B 2 29 ? 6.012   5.057   -25.423 1.00 56.77  ? 30  G   B OP1   1 
ATOM   896  O  OP2   . G   B 2 29 ? 7.073   3.304   -23.888 1.00 50.26  ? 30  G   B OP2   1 
ATOM   897  O  "O5'" . G   B 2 29 ? 7.594   5.732   -23.622 1.00 50.97  ? 30  G   B "O5'" 1 
ATOM   898  C  "C5'" . G   B 2 29 ? 7.273   7.115   -23.633 1.00 47.44  ? 30  G   B "C5'" 1 
ATOM   899  C  "C4'" . G   B 2 29 ? 8.397   7.933   -23.040 1.00 57.44  ? 30  G   B "C4'" 1 
ATOM   900  O  "O4'" . G   B 2 29 ? 8.454   7.708   -21.606 1.00 57.84  ? 30  G   B "O4'" 1 
ATOM   901  C  "C3'" . G   B 2 29 ? 9.805   7.609   -23.513 1.00 56.02  ? 30  G   B "C3'" 1 
ATOM   902  O  "O3'" . G   B 2 29 ? 10.141  8.164   -24.778 1.00 53.72  ? 30  G   B "O3'" 1 
ATOM   903  C  "C2'" . G   B 2 29 ? 10.639  8.168   -22.370 1.00 53.93  ? 30  G   B "C2'" 1 
ATOM   904  O  "O2'" . G   B 2 29 ? 10.661  9.583   -22.385 1.00 58.58  ? 30  G   B "O2'" 1 
ATOM   905  C  "C1'" . G   B 2 29 ? 9.803   7.740   -21.173 1.00 53.67  ? 30  G   B "C1'" 1 
ATOM   906  N  N9    . G   B 2 29 ? 10.198  6.406   -20.730 1.00 53.69  ? 30  G   B N9    1 
ATOM   907  C  C8    . G   B 2 29 ? 9.603   5.202   -21.018 1.00 53.45  ? 30  G   B C8    1 
ATOM   908  N  N7    . G   B 2 29 ? 10.217  4.185   -20.477 1.00 51.44  ? 30  G   B N7    1 
ATOM   909  C  C5    . G   B 2 29 ? 11.276  4.757   -19.783 1.00 52.90  ? 30  G   B C5    1 
ATOM   910  C  C6    . G   B 2 29 ? 12.291  4.160   -18.991 1.00 53.32  ? 30  G   B C6    1 
ATOM   911  O  O6    . G   B 2 29 ? 12.450  2.965   -18.710 1.00 55.85  ? 30  G   B O6    1 
ATOM   912  N  N1    . G   B 2 29 ? 13.185  5.112   -18.504 1.00 54.51  ? 30  G   B N1    1 
ATOM   913  C  C2    . G   B 2 29 ? 13.109  6.466   -18.740 1.00 56.74  ? 30  G   B C2    1 
ATOM   914  N  N2    . G   B 2 29 ? 14.098  7.232   -18.234 1.00 58.56  ? 30  G   B N2    1 
ATOM   915  N  N3    . G   B 2 29 ? 12.146  7.031   -19.440 1.00 55.29  ? 30  G   B N3    1 
ATOM   916  C  C4    . G   B 2 29 ? 11.277  6.124   -19.935 1.00 53.78  ? 30  G   B C4    1 
ATOM   917  P  P     . A   B 2 30 ? 11.104  7.346   -25.772 1.00 55.38  ? 31  A   B P     1 
ATOM   918  O  OP1   . A   B 2 30 ? 11.249  8.188   -26.983 1.00 59.04  ? 31  A   B OP1   1 
ATOM   919  O  OP2   . A   B 2 30 ? 10.562  5.972   -25.889 1.00 57.00  ? 31  A   B OP2   1 
ATOM   920  O  "O5'" . A   B 2 30 ? 12.498  7.295   -25.002 1.00 52.80  ? 31  A   B "O5'" 1 
ATOM   921  C  "C5'" . A   B 2 30 ? 13.153  8.511   -24.649 1.00 52.33  ? 31  A   B "C5'" 1 
ATOM   922  C  "C4'" . A   B 2 30 ? 14.437  8.268   -23.880 1.00 57.27  ? 31  A   B "C4'" 1 
ATOM   923  O  "O4'" . A   B 2 30 ? 14.135  7.750   -22.556 1.00 58.87  ? 31  A   B "O4'" 1 
ATOM   924  C  "C3'" . A   B 2 30 ? 15.380  7.222   -24.449 1.00 59.50  ? 31  A   B "C3'" 1 
ATOM   925  O  "O3'" . A   B 2 30 ? 16.174  7.725   -25.498 1.00 64.91  ? 31  A   B "O3'" 1 
ATOM   926  C  "C2'" . A   B 2 30 ? 16.226  6.860   -23.239 1.00 60.06  ? 31  A   B "C2'" 1 
ATOM   927  O  "O2'" . A   B 2 30 ? 17.199  7.828   -22.914 1.00 69.65  ? 31  A   B "O2'" 1 
ATOM   928  C  "C1'" . A   B 2 30 ? 15.181  6.882   -22.132 1.00 58.92  ? 31  A   B "C1'" 1 
ATOM   929  N  N9    . A   B 2 30 ? 14.677  5.527   -21.930 1.00 56.95  ? 31  A   B N9    1 
ATOM   930  C  C8    . A   B 2 30 ? 13.622  4.894   -22.537 1.00 56.62  ? 31  A   B C8    1 
ATOM   931  N  N7    . A   B 2 30 ? 13.483  3.639   -22.182 1.00 54.41  ? 31  A   B N7    1 
ATOM   932  C  C5    . A   B 2 30 ? 14.503  3.436   -21.264 1.00 54.29  ? 31  A   B C5    1 
ATOM   933  C  C6    . A   B 2 30 ? 14.899  2.307   -20.522 1.00 54.86  ? 31  A   B C6    1 
ATOM   934  N  N6    . A   B 2 30 ? 14.276  1.121   -20.585 1.00 49.62  ? 31  A   B N6    1 
ATOM   935  N  N1    . A   B 2 30 ? 15.968  2.438   -19.707 1.00 52.79  ? 31  A   B N1    1 
ATOM   936  C  C2    . A   B 2 30 ? 16.587  3.629   -19.648 1.00 49.25  ? 31  A   B C2    1 
ATOM   937  N  N3    . A   B 2 30 ? 16.305  4.760   -20.289 1.00 50.75  ? 31  A   B N3    1 
ATOM   938  C  C4    . A   B 2 30 ? 15.241  4.593   -21.091 1.00 54.06  ? 31  A   B C4    1 
ATOM   939  O  "O5'" . U   C 3 1  ? 18.527  -2.464  -13.235 1.00 61.05  ? 31  U   C "O5'" 1 
ATOM   940  C  "C5'" . U   C 3 1  ? 19.847  -2.128  -12.815 1.00 56.49  ? 31  U   C "C5'" 1 
ATOM   941  C  "C4'" . U   C 3 1  ? 20.300  -0.814  -13.402 1.00 59.63  ? 31  U   C "C4'" 1 
ATOM   942  O  "O4'" . U   C 3 1  ? 20.316  -0.942  -14.844 1.00 56.20  ? 31  U   C "O4'" 1 
ATOM   943  C  "C3'" . U   C 3 1  ? 19.405  0.388   -13.139 1.00 53.39  ? 31  U   C "C3'" 1 
ATOM   944  O  "O3'" . U   C 3 1  ? 19.725  1.039   -11.921 1.00 48.28  ? 31  U   C "O3'" 1 
ATOM   945  C  "C2'" . U   C 3 1  ? 19.757  1.297   -14.300 1.00 55.07  ? 31  U   C "C2'" 1 
ATOM   946  O  "O2'" . U   C 3 1  ? 20.978  1.961   -14.054 1.00 64.38  ? 31  U   C "O2'" 1 
ATOM   947  C  "C1'" . U   C 3 1  ? 19.920  0.283   -15.435 1.00 57.14  ? 31  U   C "C1'" 1 
ATOM   948  N  N1    . U   C 3 1  ? 18.687  0.033   -16.204 1.00 56.41  ? 31  U   C N1    1 
ATOM   949  C  C2    . U   C 3 1  ? 18.248  1.015   -17.092 1.00 52.14  ? 31  U   C C2    1 
ATOM   950  O  O2    . U   C 3 1  ? 18.850  2.073   -17.283 1.00 52.78  ? 31  U   C O2    1 
ATOM   951  N  N3    . U   C 3 1  ? 17.082  0.707   -17.754 1.00 53.04  ? 31  U   C N3    1 
ATOM   952  C  C4    . U   C 3 1  ? 16.337  -0.447  -17.639 1.00 56.14  ? 31  U   C C4    1 
ATOM   953  O  O4    . U   C 3 1  ? 15.315  -0.578  -18.311 1.00 48.32  ? 31  U   C O4    1 
ATOM   954  C  C5    . U   C 3 1  ? 16.863  -1.406  -16.719 1.00 54.54  ? 31  U   C C5    1 
ATOM   955  C  C6    . U   C 3 1  ? 17.990  -1.140  -16.049 1.00 53.80  ? 31  U   C C6    1 
ATOM   956  P  P     . C   C 3 2  ? 18.562  1.761   -11.081 1.00 55.94  ? 32  C   C P     1 
ATOM   957  O  OP1   . C   C 3 2  ? 19.072  1.996   -9.706  1.00 61.07  ? 32  C   C OP1   1 
ATOM   958  O  OP2   . C   C 3 2  ? 17.305  1.004   -11.291 1.00 52.87  ? 32  C   C OP2   1 
ATOM   959  O  "O5'" . C   C 3 2  ? 18.396  3.178   -11.768 1.00 51.70  ? 32  C   C "O5'" 1 
ATOM   960  C  "C5'" . C   C 3 2  ? 19.477  4.068   -11.776 1.00 51.13  ? 32  C   C "C5'" 1 
ATOM   961  C  "C4'" . C   C 3 2  ? 19.262  5.133   -12.802 1.00 56.11  ? 32  C   C "C4'" 1 
ATOM   962  O  "O4'" . C   C 3 2  ? 19.138  4.517   -14.108 1.00 55.73  ? 32  C   C "O4'" 1 
ATOM   963  C  "C3'" . C   C 3 2  ? 17.958  5.886   -12.643 1.00 54.09  ? 32  C   C "C3'" 1 
ATOM   964  O  "O3'" . C   C 3 2  ? 18.084  6.934   -11.712 1.00 50.08  ? 32  C   C "O3'" 1 
ATOM   965  C  "C2'" . C   C 3 2  ? 17.741  6.432   -14.039 1.00 53.18  ? 32  C   C "C2'" 1 
ATOM   966  O  "O2'" . C   C 3 2  ? 18.565  7.552   -14.285 1.00 52.46  ? 32  C   C "O2'" 1 
ATOM   967  C  "C1'" . C   C 3 2  ? 18.221  5.261   -14.889 1.00 52.78  ? 32  C   C "C1'" 1 
ATOM   968  N  N1    . C   C 3 2  ? 17.104  4.398   -15.259 1.00 54.29  ? 32  C   C N1    1 
ATOM   969  C  C2    . C   C 3 2  ? 16.204  4.861   -16.206 1.00 51.95  ? 32  C   C C2    1 
ATOM   970  O  O2    . C   C 3 2  ? 16.377  5.987   -16.684 1.00 50.22  ? 32  C   C O2    1 
ATOM   971  N  N3    . C   C 3 2  ? 15.170  4.079   -16.583 1.00 53.46  ? 32  C   C N3    1 
ATOM   972  C  C4    . C   C 3 2  ? 15.023  2.866   -16.047 1.00 53.99  ? 32  C   C C4    1 
ATOM   973  N  N4    . C   C 3 2  ? 14.009  2.112   -16.477 1.00 50.87  ? 32  C   C N4    1 
ATOM   974  C  C5    . C   C 3 2  ? 15.920  2.370   -15.056 1.00 54.06  ? 32  C   C C5    1 
ATOM   975  C  C6    . C   C 3 2  ? 16.939  3.166   -14.694 1.00 53.23  ? 32  C   C C6    1 
ATOM   976  P  P     . G   C 3 3  ? 16.816  7.358   -10.843 1.00 49.76  ? 33  G   C P     1 
ATOM   977  O  OP1   . G   C 3 3  ? 17.338  8.182   -9.728  1.00 54.67  ? 33  G   C OP1   1 
ATOM   978  O  OP2   . G   C 3 3  ? 16.042  6.123   -10.562 1.00 53.62  ? 33  G   C OP2   1 
ATOM   979  O  "O5'" . G   C 3 3  ? 15.955  8.278   -11.810 1.00 54.48  ? 33  G   C "O5'" 1 
ATOM   980  C  "C5'" . G   C 3 3  ? 16.469  9.504   -12.337 1.00 50.88  ? 33  G   C "C5'" 1 
ATOM   981  C  "C4'" . G   C 3 3  ? 15.486  10.070  -13.336 1.00 55.32  ? 33  G   C "C4'" 1 
ATOM   982  O  "O4'" . G   C 3 3  ? 15.337  9.136   -14.431 1.00 56.36  ? 33  G   C "O4'" 1 
ATOM   983  C  "C3'" . G   C 3 3  ? 14.075  10.240  -12.805 1.00 55.35  ? 33  G   C "C3'" 1 
ATOM   984  O  "O3'" . G   C 3 3  ? 13.946  11.513  -12.200 1.00 52.34  ? 33  G   C "O3'" 1 
ATOM   985  C  "C2'" . G   C 3 3  ? 13.225  10.154  -14.066 1.00 51.99  ? 33  G   C "C2'" 1 
ATOM   986  O  "O2'" . G   C 3 3  ? 13.187  11.347  -14.805 1.00 50.05  ? 33  G   C "O2'" 1 
ATOM   987  C  "C1'" . G   C 3 3  ? 13.997  9.120   -14.873 1.00 52.51  ? 33  G   C "C1'" 1 
ATOM   988  N  N9    . G   C 3 3  ? 13.524  7.752   -14.739 1.00 55.14  ? 33  G   C N9    1 
ATOM   989  C  C8    . G   C 3 3  ? 14.146  6.736   -14.060 1.00 54.11  ? 33  G   C C8    1 
ATOM   990  N  N7    . G   C 3 3  ? 13.540  5.587   -14.195 1.00 51.67  ? 33  G   C N7    1 
ATOM   991  C  C5    . G   C 3 3  ? 12.441  5.872   -14.993 1.00 52.29  ? 33  G   C C5    1 
ATOM   992  C  C6    . G   C 3 3  ? 11.430  5.022   -15.493 1.00 52.12  ? 33  G   C C6    1 
ATOM   993  O  O6    . G   C 3 3  ? 11.307  3.803   -15.332 1.00 53.47  ? 33  G   C O6    1 
ATOM   994  N  N1    . G   C 3 3  ? 10.502  5.726   -16.262 1.00 50.91  ? 33  G   C N1    1 
ATOM   995  C  C2    . G   C 3 3  ? 10.550  7.073   -16.524 1.00 53.00  ? 33  G   C C2    1 
ATOM   996  N  N2    . G   C 3 3  ? 9.574   7.574   -17.294 1.00 52.37  ? 33  G   C N2    1 
ATOM   997  N  N3    . G   C 3 3  ? 11.491  7.876   -16.063 1.00 52.86  ? 33  G   C N3    1 
ATOM   998  C  C4    . G   C 3 3  ? 12.402  7.212   -15.314 1.00 53.68  ? 33  G   C C4    1 
ATOM   999  P  P     . U   C 3 4  ? 12.769  11.767  -11.148 1.00 56.50  ? 34  U   C P     1 
ATOM   1000 O  OP1   . U   C 3 4  ? 12.883  13.188  -10.706 1.00 55.96  ? 34  U   C OP1   1 
ATOM   1001 O  OP2   . U   C 3 4  ? 12.829  10.665  -10.152 1.00 56.78  ? 34  U   C OP2   1 
ATOM   1002 O  "O5'" . U   C 3 4  ? 11.432  11.601  -12.000 1.00 56.95  ? 34  U   C "O5'" 1 
ATOM   1003 C  "C5'" . U   C 3 4  ? 10.954  12.688  -12.767 1.00 55.92  ? 34  U   C "C5'" 1 
ATOM   1004 C  "C4'" . U   C 3 4  ? 9.793   12.275  -13.624 1.00 60.13  ? 34  U   C "C4'" 1 
ATOM   1005 O  "O4'" . U   C 3 4  ? 10.143  11.060  -14.325 1.00 60.08  ? 34  U   C "O4'" 1 
ATOM   1006 C  "C3'" . U   C 3 4  ? 8.538   11.893  -12.874 1.00 58.46  ? 34  U   C "C3'" 1 
ATOM   1007 O  "O3'" . U   C 3 4  ? 7.799   13.042  -12.525 1.00 62.25  ? 34  U   C "O3'" 1 
ATOM   1008 C  "C2'" . U   C 3 4  ? 7.820   11.027  -13.892 1.00 59.28  ? 34  U   C "C2'" 1 
ATOM   1009 O  "O2'" . U   C 3 4  ? 7.275   11.793  -14.942 1.00 60.55  ? 34  U   C "O2'" 1 
ATOM   1010 C  "C1'" . U   C 3 4  ? 8.988   10.263  -14.490 1.00 59.93  ? 34  U   C "C1'" 1 
ATOM   1011 N  N1    . U   C 3 4  ? 9.201   8.960   -13.856 1.00 61.99  ? 34  U   C N1    1 
ATOM   1012 C  C2    . U   C 3 4  ? 8.324   7.957   -14.194 1.00 62.89  ? 34  U   C C2    1 
ATOM   1013 O  O2    . U   C 3 4  ? 7.386   8.142   -14.951 1.00 65.79  ? 34  U   C O2    1 
ATOM   1014 N  N3    . U   C 3 4  ? 8.580   6.738   -13.619 1.00 60.87  ? 34  U   C N3    1 
ATOM   1015 C  C4    . U   C 3 4  ? 9.595   6.436   -12.746 1.00 60.79  ? 34  U   C C4    1 
ATOM   1016 O  O4    . U   C 3 4  ? 9.741   5.275   -12.368 1.00 61.82  ? 34  U   C O4    1 
ATOM   1017 C  C5    . U   C 3 4  ? 10.446  7.540   -12.418 1.00 58.93  ? 34  U   C C5    1 
ATOM   1018 C  C6    . U   C 3 4  ? 10.225  8.736   -12.974 1.00 61.46  ? 34  U   C C6    1 
ATOM   1019 P  P     . G   C 3 5  ? 6.905   13.028  -11.198 1.00 59.54  ? 35  G   C P     1 
ATOM   1020 O  OP1   . G   C 3 5  ? 6.481   14.423  -10.943 1.00 58.85  ? 35  G   C OP1   1 
ATOM   1021 O  OP2   . G   C 3 5  ? 7.654   12.284  -10.154 1.00 56.82  ? 35  G   C OP2   1 
ATOM   1022 O  "O5'" . G   C 3 5  ? 5.633   12.170  -11.634 1.00 55.45  ? 35  G   C "O5'" 1 
ATOM   1023 C  "C5'" . G   C 3 5  ? 4.881   12.537  -12.791 1.00 52.94  ? 35  G   C "C5'" 1 
ATOM   1024 C  "C4'" . G   C 3 5  ? 3.864   11.471  -13.152 1.00 56.05  ? 35  G   C "C4'" 1 
ATOM   1025 O  "O4'" . G   C 3 5  ? 4.539   10.278  -13.618 1.00 56.18  ? 35  G   C "O4'" 1 
ATOM   1026 C  "C3'" . G   C 3 5  ? 2.960   10.990  -12.033 1.00 55.28  ? 35  G   C "C3'" 1 
ATOM   1027 O  "O3'" . G   C 3 5  ? 1.849   11.875  -11.914 1.00 58.93  ? 35  G   C "O3'" 1 
ATOM   1028 C  "C2'" . G   C 3 5  ? 2.541   9.611   -12.538 1.00 58.01  ? 35  G   C "C2'" 1 
ATOM   1029 O  "O2'" . G   C 3 5  ? 1.531   9.649   -13.524 1.00 57.18  ? 35  G   C "O2'" 1 
ATOM   1030 C  "C1'" . G   C 3 5  ? 3.815   9.132   -13.221 1.00 56.26  ? 35  G   C "C1'" 1 
ATOM   1031 N  N9    . G   C 3 5  ? 4.692   8.297   -12.412 1.00 57.60  ? 35  G   C N9    1 
ATOM   1032 C  C8    . G   C 3 5  ? 5.771   8.708   -11.668 1.00 57.86  ? 35  G   C C8    1 
ATOM   1033 N  N7    . G   C 3 5  ? 6.410   7.721   -11.102 1.00 55.94  ? 35  G   C N7    1 
ATOM   1034 C  C5    . G   C 3 5  ? 5.702   6.588   -11.489 1.00 54.58  ? 35  G   C C5    1 
ATOM   1035 C  C6    . G   C 3 5  ? 5.926   5.219   -11.198 1.00 52.79  ? 35  G   C C6    1 
ATOM   1036 O  O6    . G   C 3 5  ? 6.842   4.710   -10.546 1.00 53.47  ? 35  G   C O6    1 
ATOM   1037 N  N1    . G   C 3 5  ? 4.947   4.407   -11.762 1.00 54.64  ? 35  G   C N1    1 
ATOM   1038 C  C2    . G   C 3 5  ? 3.894   4.848   -12.513 1.00 53.73  ? 35  G   C C2    1 
ATOM   1039 N  N2    . G   C 3 5  ? 3.037   3.909   -12.923 1.00 55.27  ? 35  G   C N2    1 
ATOM   1040 N  N3    . G   C 3 5  ? 3.689   6.117   -12.824 1.00 57.06  ? 35  G   C N3    1 
ATOM   1041 C  C4    . G   C 3 5  ? 4.625   6.929   -12.277 1.00 56.26  ? 35  G   C C4    1 
ATOM   1042 P  P     . G   C 3 6  ? 1.082   12.032  -10.509 1.00 61.08  ? 36  G   C P     1 
ATOM   1043 O  OP1   . G   C 3 6  ? 0.297   13.285  -10.577 1.00 63.37  ? 36  G   C OP1   1 
ATOM   1044 O  OP2   . G   C 3 6  ? 2.072   11.849  -9.422  1.00 59.62  ? 36  G   C OP2   1 
ATOM   1045 O  "O5'" . G   C 3 6  ? 0.037   10.826  -10.499 1.00 63.92  ? 36  G   C "O5'" 1 
ATOM   1046 C  "C5'" . G   C 3 6  ? -0.867  10.638  -11.592 1.00 57.68  ? 36  G   C "C5'" 1 
ATOM   1047 C  "C4'" . G   C 3 6  ? -1.522  9.273   -11.525 1.00 60.82  ? 36  G   C "C4'" 1 
ATOM   1048 O  "O4'" . G   C 3 6  ? -0.518  8.239   -11.423 1.00 59.89  ? 36  G   C "O4'" 1 
ATOM   1049 C  "C3'" . G   C 3 6  ? -2.421  9.108   -10.303 1.00 59.02  ? 36  G   C "C3'" 1 
ATOM   1050 O  "O3'" . G   C 3 6  ? -3.528  8.319   -10.743 1.00 63.71  ? 36  G   C "O3'" 1 
ATOM   1051 C  "C2'" . G   C 3 6  ? -1.544  8.414   -9.262  1.00 58.67  ? 36  G   C "C2'" 1 
ATOM   1052 O  "O2'" . G   C 3 6  ? -2.202  7.495   -8.424  1.00 62.11  ? 36  G   C "O2'" 1 
ATOM   1053 C  "C1'" . G   C 3 6  ? -0.601  7.629   -10.166 1.00 55.43  ? 36  G   C "C1'" 1 
ATOM   1054 N  N9    . G   C 3 6  ? 0.729   7.297   -9.698  1.00 52.23  ? 36  G   C N9    1 
ATOM   1055 C  C8    . G   C 3 6  ? 1.666   8.119   -9.137  1.00 50.94  ? 36  G   C C8    1 
ATOM   1056 N  N7    . G   C 3 6  ? 2.754   7.487   -8.798  1.00 50.99  ? 36  G   C N7    1 
ATOM   1057 C  C5    . G   C 3 6  ? 2.511   6.173   -9.163  1.00 51.61  ? 36  G   C C5    1 
ATOM   1058 C  C6    . G   C 3 6  ? 3.311   5.023   -9.021  1.00 52.64  ? 36  G   C C6    1 
ATOM   1059 O  O6    . G   C 3 6  ? 4.433   4.927   -8.507  1.00 58.24  ? 36  G   C O6    1 
ATOM   1060 N  N1    . G   C 3 6  ? 2.680   3.893   -9.539  1.00 51.51  ? 36  G   C N1    1 
ATOM   1061 C  C2    . G   C 3 6  ? 1.430   3.878   -10.108 1.00 51.99  ? 36  G   C C2    1 
ATOM   1062 N  N2    . G   C 3 6  ? 0.992   2.695   -10.565 1.00 48.42  ? 36  G   C N2    1 
ATOM   1063 N  N3    . G   C 3 6  ? 0.667   4.945   -10.222 1.00 51.07  ? 36  G   C N3    1 
ATOM   1064 C  C4    . G   C 3 6  ? 1.269   6.048   -9.733  1.00 50.44  ? 36  G   C C4    1 
ATOM   1065 P  P     . U   C 3 7  ? -5.009  8.588   -10.214 1.00 65.11  ? 37  U   C P     1 
ATOM   1066 O  OP1   . U   C 3 7  ? -5.905  8.088   -11.280 1.00 62.27  ? 37  U   C OP1   1 
ATOM   1067 O  OP2   . U   C 3 7  ? -5.102  9.995   -9.782  1.00 66.70  ? 37  U   C OP2   1 
ATOM   1068 O  "O5'" . U   C 3 7  ? -5.152  7.616   -8.962  1.00 66.20  ? 37  U   C "O5'" 1 
ATOM   1069 C  "C5'" . U   C 3 7  ? -6.436  7.175   -8.534  1.00 62.52  ? 37  U   C "C5'" 1 
ATOM   1070 C  "C4'" . U   C 3 7  ? -6.373  5.754   -8.006  1.00 58.98  ? 37  U   C "C4'" 1 
ATOM   1071 O  "O4'" . U   C 3 7  ? -5.966  4.838   -9.064  1.00 63.80  ? 37  U   C "O4'" 1 
ATOM   1072 C  "C3'" . U   C 3 7  ? -5.295  5.646   -6.926  1.00 57.81  ? 37  U   C "C3'" 1 
ATOM   1073 O  "O3'" . U   C 3 7  ? -5.737  4.812   -5.861  1.00 56.69  ? 37  U   C "O3'" 1 
ATOM   1074 C  "C2'" . U   C 3 7  ? -4.062  5.089   -7.632  1.00 61.87  ? 37  U   C "C2'" 1 
ATOM   1075 O  "O2'" . U   C 3 7  ? -3.292  4.190   -6.872  1.00 60.84  ? 37  U   C "O2'" 1 
ATOM   1076 C  "C1'" . U   C 3 7  ? -4.717  4.276   -8.744  1.00 59.95  ? 37  U   C "C1'" 1 
ATOM   1077 N  N1    . U   C 3 7  ? -3.919  4.012   -9.937  1.00 61.50  ? 37  U   C N1    1 
ATOM   1078 C  C2    . U   C 3 7  ? -3.419  2.735   -10.058 1.00 62.54  ? 37  U   C C2    1 
ATOM   1079 O  O2    . U   C 3 7  ? -3.750  1.823   -9.305  1.00 62.09  ? 37  U   C O2    1 
ATOM   1080 N  N3    . U   C 3 7  ? -2.535  2.561   -11.094 1.00 65.44  ? 37  U   C N3    1 
ATOM   1081 C  C4    . U   C 3 7  ? -2.138  3.513   -12.022 1.00 67.29  ? 37  U   C C4    1 
ATOM   1082 O  O4    . U   C 3 7  ? -1.295  3.205   -12.876 1.00 70.88  ? 37  U   C O4    1 
ATOM   1083 C  C5    . U   C 3 7  ? -2.772  4.793   -11.868 1.00 66.00  ? 37  U   C C5    1 
ATOM   1084 C  C6    . U   C 3 7  ? -3.626  4.986   -10.854 1.00 63.44  ? 37  U   C C6    1 
HETATM 1085 P  P     . MTU C 3 8  ? -5.827  5.370   -4.372  1.00 56.55  ? 38  MTU C P     1 
HETATM 1086 O  OP1   . MTU C 3 8  ? -6.059  4.141   -3.556  1.00 56.29  ? 38  MTU C OP1   1 
HETATM 1087 O  OP2   . MTU C 3 8  ? -6.828  6.463   -4.358  1.00 58.59  ? 38  MTU C OP2   1 
HETATM 1088 O  "O5'" . MTU C 3 8  ? -4.397  6.032   -4.104  1.00 61.52  ? 38  MTU C "O5'" 1 
HETATM 1089 C  "C5'" . MTU C 3 8  ? -3.391  5.360   -3.348  1.00 52.88  ? 38  MTU C "C5'" 1 
HETATM 1090 C  "C4'" . MTU C 3 8  ? -2.127  6.193   -3.272  1.00 57.96  ? 38  MTU C "C4'" 1 
HETATM 1091 O  "O4'" . MTU C 3 8  ? -1.149  5.438   -2.521  1.00 57.09  ? 38  MTU C "O4'" 1 
HETATM 1092 C  "C1'" . MTU C 3 8  ? -0.102  5.054   -3.362  1.00 52.37  ? 38  MTU C "C1'" 1 
HETATM 1093 N  N9    . MTU C 3 8  ? 0.384   3.746   -2.975  1.00 50.80  ? 38  MTU C N9    1 
HETATM 1094 C  C4    . MTU C 3 8  ? -0.312  2.577   -3.025  1.00 51.97  ? 38  MTU C C4    1 
HETATM 1095 N  N3    . MTU C 3 8  ? -1.594  2.413   -3.394  1.00 54.22  ? 38  MTU C N3    1 
HETATM 1096 C  C2    . MTU C 3 8  ? -1.953  1.130   -3.332  1.00 54.68  ? 38  MTU C C2    1 
HETATM 1097 N  N2    . MTU C 3 8  ? -3.244  0.841   -3.615  1.00 55.95  ? 38  MTU C N2    1 
HETATM 1098 N  N1    . MTU C 3 8  ? -1.196  0.055   -2.980  1.00 56.12  ? 38  MTU C N1    1 
HETATM 1099 C  C6    . MTU C 3 8  ? 0.066   0.302   -2.619  1.00 51.02  ? 38  MTU C C6    1 
HETATM 1100 C  C5    . MTU C 3 8  ? 0.573   1.597   -2.619  1.00 50.52  ? 38  MTU C C5    1 
HETATM 1101 N  N7    . MTU C 3 8  ? 1.805   2.155   -2.294  1.00 48.95  ? 38  MTU C N7    1 
HETATM 1102 C  C8    . MTU C 3 8  ? 1.636   3.429   -2.515  1.00 47.59  ? 38  MTU C C8    1 
HETATM 1103 C  "C2'" . MTU C 3 8  ? -0.500  5.278   -4.814  1.00 53.21  ? 38  MTU C "C2'" 1 
HETATM 1104 O  "O2'" . MTU C 3 8  ? 0.670   5.693   -5.484  1.00 55.02  ? 38  MTU C "O2'" 1 
HETATM 1105 C  "C3'" . MTU C 3 8  ? -1.539  6.389   -4.669  1.00 56.20  ? 38  MTU C "C3'" 1 
HETATM 1106 O  "O3'" . MTU C 3 8  ? -0.847  7.631   -4.915  1.00 61.16  ? 38  MTU C "O3'" 1 
ATOM   1107 P  P     . C   C 3 9  ? -1.515  9.083   -4.663  1.00 62.71  ? 39  C   C P     1 
ATOM   1108 O  OP1   . C   C 3 9  ? -2.271  9.427   -5.894  1.00 63.46  ? 39  C   C OP1   1 
ATOM   1109 O  OP2   . C   C 3 9  ? -0.374  9.940   -4.246  1.00 66.29  ? 39  C   C OP2   1 
ATOM   1110 O  "O5'" . C   C 3 9  ? -2.480  8.946   -3.398  1.00 66.96  ? 39  C   C "O5'" 1 
ATOM   1111 C  "C5'" . C   C 3 9  ? -2.521  9.942   -2.347  1.00 64.93  ? 39  C   C "C5'" 1 
ATOM   1112 C  "C4'" . C   C 3 9  ? -3.962  10.230  -1.988  1.00 69.63  ? 39  C   C "C4'" 1 
ATOM   1113 O  "O4'" . C   C 3 9  ? -4.574  10.889  -3.104  1.00 71.44  ? 39  C   C "O4'" 1 
ATOM   1114 C  "C3'" . C   C 3 9  ? -4.774  8.968   -1.682  1.00 69.03  ? 39  C   C "C3'" 1 
ATOM   1115 O  "O3'" . C   C 3 9  ? -5.527  9.074   -0.500  1.00 65.72  ? 39  C   C "O3'" 1 
ATOM   1116 C  "C2'" . C   C 3 9  ? -5.765  8.860   -2.835  1.00 71.49  ? 39  C   C "C2'" 1 
ATOM   1117 O  "O2'" . C   C 3 9  ? -7.035  8.418   -2.383  1.00 70.94  ? 39  C   C "O2'" 1 
ATOM   1118 C  "C1'" . C   C 3 9  ? -5.822  10.319  -3.326  1.00 72.26  ? 39  C   C "C1'" 1 
ATOM   1119 N  N1    . C   C 3 9  ? -6.181  10.517  -4.716  1.00 76.13  ? 39  C   C N1    1 
ATOM   1120 C  C2    . C   C 3 9  ? -7.410  11.092  -4.987  1.00 78.44  ? 39  C   C C2    1 
ATOM   1121 O  O2    . C   C 3 9  ? -8.119  11.458  -4.035  1.00 79.67  ? 39  C   C O2    1 
ATOM   1122 N  N3    . C   C 3 9  ? -7.794  11.252  -6.268  1.00 79.93  ? 39  C   C N3    1 
ATOM   1123 C  C4    . C   C 3 9  ? -6.980  10.877  -7.257  1.00 79.79  ? 39  C   C C4    1 
ATOM   1124 N  N4    . C   C 3 9  ? -7.406  11.047  -8.511  1.00 79.28  ? 39  C   C N4    1 
ATOM   1125 C  C5    . C   C 3 9  ? -5.697  10.308  -7.001  1.00 78.20  ? 39  C   C C5    1 
ATOM   1126 C  C6    . C   C 3 9  ? -5.344  10.146  -5.727  1.00 76.75  ? 39  C   C C6    1 
ATOM   1127 P  P     . A   C 3 10 ? -4.941  8.865   0.949   1.00 68.04  ? 40  A   C P     1 
ATOM   1128 O  OP1   . A   C 3 10 ? -6.129  8.994   1.821   1.00 66.09  ? 40  A   C OP1   1 
ATOM   1129 O  OP2   . A   C 3 10 ? -3.753  9.714   1.211   1.00 65.58  ? 40  A   C OP2   1 
ATOM   1130 O  "O5'" . A   C 3 10 ? -4.503  7.348   0.971   1.00 64.85  ? 40  A   C "O5'" 1 
ATOM   1131 C  "C5'" . A   C 3 10 ? -5.400  6.350   0.536   1.00 58.71  ? 40  A   C "C5'" 1 
ATOM   1132 C  "C4'" . A   C 3 10 ? -4.685  5.037   0.441   1.00 61.18  ? 40  A   C "C4'" 1 
ATOM   1133 O  "O4'" . A   C 3 10 ? -3.529  5.224   -0.410  1.00 57.69  ? 40  A   C "O4'" 1 
ATOM   1134 C  "C3'" . A   C 3 10 ? -4.084  4.546   1.747   1.00 59.00  ? 40  A   C "C3'" 1 
ATOM   1135 O  "O3'" . A   C 3 10 ? -5.040  3.812   2.496   1.00 58.61  ? 40  A   C "O3'" 1 
ATOM   1136 C  "C2'" . A   C 3 10 ? -2.971  3.635   1.261   1.00 56.65  ? 40  A   C "C2'" 1 
ATOM   1137 O  "O2'" . A   C 3 10 ? -3.485  2.387   0.839   1.00 54.86  ? 40  A   C "O2'" 1 
ATOM   1138 C  "C1'" . A   C 3 10 ? -2.474  4.405   0.040   1.00 55.91  ? 40  A   C "C1'" 1 
ATOM   1139 N  N9    . A   C 3 10 ? -1.297  5.240   0.251   1.00 54.58  ? 40  A   C N9    1 
ATOM   1140 C  C8    . A   C 3 10 ? -1.185  6.605   0.241   1.00 53.16  ? 40  A   C C8    1 
ATOM   1141 N  N7    . A   C 3 10 ? 0.042   7.033   0.421   1.00 53.73  ? 40  A   C N7    1 
ATOM   1142 C  C5    . A   C 3 10 ? 0.780   5.866   0.572   1.00 52.09  ? 40  A   C C5    1 
ATOM   1143 C  C6    . A   C 3 10 ? 2.147   5.625   0.795   1.00 52.96  ? 40  A   C C6    1 
ATOM   1144 N  N6    . A   C 3 10 ? 3.061   6.588   0.916   1.00 52.60  ? 40  A   C N6    1 
ATOM   1145 N  N1    . A   C 3 10 ? 2.549   4.342   0.892   1.00 53.24  ? 40  A   C N1    1 
ATOM   1146 C  C2    . A   C 3 10 ? 1.639   3.377   0.778   1.00 54.74  ? 40  A   C C2    1 
ATOM   1147 N  N3    . A   C 3 10 ? 0.335   3.473   0.574   1.00 54.16  ? 40  A   C N3    1 
ATOM   1148 C  C4    . A   C 3 10 ? -0.034  4.759   0.478   1.00 52.89  ? 40  A   C C4    1 
ATOM   1149 P  P     . U   C 3 11 ? -5.137  4.031   4.078   1.00 57.38  ? 41  U   C P     1 
ATOM   1150 O  OP1   . U   C 3 11 ? -6.277  3.218   4.560   1.00 61.87  ? 41  U   C OP1   1 
ATOM   1151 O  OP2   . U   C 3 11 ? -5.104  5.494   4.335   1.00 58.85  ? 41  U   C OP2   1 
ATOM   1152 O  "O5'" . U   C 3 11 ? -3.785  3.405   4.639   1.00 54.58  ? 41  U   C "O5'" 1 
ATOM   1153 C  "C5'" . U   C 3 11 ? -3.467  2.055   4.373   1.00 48.97  ? 41  U   C "C5'" 1 
ATOM   1154 C  "C4'" . U   C 3 11 ? -2.057  1.729   4.800   1.00 53.03  ? 41  U   C "C4'" 1 
ATOM   1155 O  "O4'" . U   C 3 11 ? -1.130  2.615   4.127   1.00 53.51  ? 41  U   C "O4'" 1 
ATOM   1156 C  "C3'" . U   C 3 11 ? -1.836  1.962   6.292   1.00 49.61  ? 41  U   C "C3'" 1 
ATOM   1157 O  "O3'" . U   C 3 11 ? -1.147  0.805   6.790   1.00 52.30  ? 41  U   C "O3'" 1 
ATOM   1158 C  "C2'" . U   C 3 11 ? -1.180  3.334   6.410   1.00 53.85  ? 41  U   C "C2'" 1 
ATOM   1159 O  "O2'" . U   C 3 11 ? -0.195  3.450   7.411   1.00 55.18  ? 41  U   C "O2'" 1 
ATOM   1160 C  "C1'" . U   C 3 11 ? -0.467  3.410   5.069   1.00 53.21  ? 41  U   C "C1'" 1 
ATOM   1161 N  N1    . U   C 3 11 ? 0.024   4.697   4.598   1.00 54.54  ? 41  U   C N1    1 
ATOM   1162 C  C2    . U   C 3 11 ? 1.383   4.941   4.620   1.00 54.74  ? 41  U   C C2    1 
ATOM   1163 O  O2    . U   C 3 11 ? 2.195   4.104   4.991   1.00 52.31  ? 41  U   C O2    1 
ATOM   1164 N  N3    . U   C 3 11 ? 1.756   6.187   4.189   1.00 54.67  ? 41  U   C N3    1 
ATOM   1165 C  C4    . U   C 3 11 ? 0.927   7.186   3.738   1.00 57.37  ? 41  U   C C4    1 
ATOM   1166 O  O4    . U   C 3 11 ? 1.406   8.282   3.434   1.00 59.57  ? 41  U   C O4    1 
ATOM   1167 C  C5    . U   C 3 11 ? -0.470  6.841   3.719   1.00 54.36  ? 41  U   C C5    1 
ATOM   1168 C  C6    . U   C 3 11 ? -0.860  5.635   4.139   1.00 56.65  ? 41  U   C C6    1 
ATOM   1169 P  P     . U   C 3 12 ? -0.968  0.553   8.356   1.00 49.00  ? 42  U   C P     1 
ATOM   1170 O  OP1   . U   C 3 12 ? -1.912  -0.542  8.681   1.00 52.14  ? 42  U   C OP1   1 
ATOM   1171 O  OP2   . U   C 3 12 ? -1.047  1.841   9.087   1.00 50.48  ? 42  U   C OP2   1 
ATOM   1172 O  "O5'" . U   C 3 12 ? 0.525   -0.001  8.432   1.00 49.54  ? 42  U   C "O5'" 1 
ATOM   1173 C  "C5'" . U   C 3 12 ? 1.179   -0.266  9.673   1.00 51.71  ? 42  U   C "C5'" 1 
ATOM   1174 C  "C4'" . U   C 3 12 ? 2.543   0.391   9.693   1.00 55.46  ? 42  U   C "C4'" 1 
ATOM   1175 O  "O4'" . U   C 3 12 ? 3.275   0.052   8.488   1.00 54.74  ? 42  U   C "O4'" 1 
ATOM   1176 C  "C3'" . U   C 3 12 ? 2.366   1.907   9.654   1.00 55.27  ? 42  U   C "C3'" 1 
ATOM   1177 O  "O3'" . U   C 3 12 ? 3.442   2.485   10.366  1.00 60.51  ? 42  U   C "O3'" 1 
ATOM   1178 C  "C2'" . U   C 3 12 ? 2.513   2.291   8.192   1.00 54.08  ? 42  U   C "C2'" 1 
ATOM   1179 O  "O2'" . U   C 3 12 ? 3.163   3.519   8.005   1.00 59.25  ? 42  U   C "O2'" 1 
ATOM   1180 C  "C1'" . U   C 3 12 ? 3.466   1.209   7.716   1.00 53.88  ? 42  U   C "C1'" 1 
ATOM   1181 N  N1    . U   C 3 12 ? 3.490   0.900   6.290   1.00 56.65  ? 42  U   C N1    1 
ATOM   1182 C  C2    . U   C 3 12 ? 4.668   1.163   5.626   1.00 57.01  ? 42  U   C C2    1 
ATOM   1183 O  O2    . U   C 3 12 ? 5.656   1.604   6.188   1.00 54.63  ? 42  U   C O2    1 
ATOM   1184 N  N3    . U   C 3 12 ? 4.652   0.884   4.288   1.00 56.65  ? 42  U   C N3    1 
ATOM   1185 C  C4    . U   C 3 12 ? 3.605   0.370   3.568   1.00 57.65  ? 42  U   C C4    1 
ATOM   1186 O  O4    . U   C 3 12 ? 3.761   0.115   2.376   1.00 58.96  ? 42  U   C O4    1 
ATOM   1187 C  C5    . U   C 3 12 ? 2.420   0.123   4.330   1.00 58.14  ? 42  U   C C5    1 
ATOM   1188 C  C6    . U   C 3 12 ? 2.407   0.392   5.636   1.00 56.87  ? 42  U   C C6    1 
ATOM   1189 P  P     . A   C 3 13 ? 3.209   3.350   11.679  1.00 58.44  ? 43  A   C P     1 
ATOM   1190 O  OP1   . A   C 3 13 ? 2.713   2.417   12.720  1.00 59.84  ? 43  A   C OP1   1 
ATOM   1191 O  OP2   . A   C 3 13 ? 2.432   4.576   11.365  1.00 53.45  ? 43  A   C OP2   1 
ATOM   1192 O  "O5'" . A   C 3 13 ? 4.721   3.710   12.026  1.00 56.65  ? 43  A   C "O5'" 1 
ATOM   1193 C  "C5'" . A   C 3 13 ? 5.701   2.670   12.138  1.00 58.19  ? 43  A   C "C5'" 1 
ATOM   1194 C  "C4'" . A   C 3 13 ? 7.027   3.127   11.578  1.00 62.24  ? 43  A   C "C4'" 1 
ATOM   1195 O  "O4'" . A   C 3 13 ? 6.907   3.308   10.152  1.00 66.83  ? 43  A   C "O4'" 1 
ATOM   1196 C  "C3'" . A   C 3 13 ? 7.549   4.454   12.088  1.00 64.27  ? 43  A   C "C3'" 1 
ATOM   1197 O  "O3'" . A   C 3 13 ? 8.259   4.259   13.294  1.00 67.01  ? 43  A   C "O3'" 1 
ATOM   1198 C  "C2'" . A   C 3 13 ? 8.464   4.899   10.955  1.00 63.55  ? 43  A   C "C2'" 1 
ATOM   1199 O  "O2'" . A   C 3 13 ? 9.706   4.230   10.960  1.00 60.13  ? 43  A   C "O2'" 1 
ATOM   1200 C  "C1'" . A   C 3 13 ? 7.673   4.429   9.739   1.00 61.92  ? 43  A   C "C1'" 1 
ATOM   1201 N  N9    . A   C 3 13 ? 6.738   5.418   9.207   1.00 58.48  ? 43  A   C N9    1 
ATOM   1202 C  C8    . A   C 3 13 ? 5.390   5.247   9.031   1.00 58.63  ? 43  A   C C8    1 
ATOM   1203 N  N7    . A   C 3 13 ? 4.784   6.281   8.506   1.00 57.07  ? 43  A   C N7    1 
ATOM   1204 C  C5    . A   C 3 13 ? 5.799   7.203   8.332   1.00 59.09  ? 43  A   C C5    1 
ATOM   1205 C  C6    . A   C 3 13 ? 5.805   8.513   7.819   1.00 58.25  ? 43  A   C C6    1 
ATOM   1206 N  N6    . A   C 3 13 ? 4.714   9.147   7.371   1.00 56.45  ? 43  A   C N6    1 
ATOM   1207 N  N1    . A   C 3 13 ? 6.982   9.161   7.782   1.00 58.25  ? 43  A   C N1    1 
ATOM   1208 C  C2    . A   C 3 13 ? 8.077   8.529   8.240   1.00 58.79  ? 43  A   C C2    1 
ATOM   1209 N  N3    . A   C 3 13 ? 8.199   7.303   8.749   1.00 60.57  ? 43  A   C N3    1 
ATOM   1210 C  C4    . A   C 3 13 ? 7.010   6.687   8.765   1.00 60.33  ? 43  A   C C4    1 
ATOM   1211 P  P     . C   C 3 14 ? 7.950   5.203   14.548  1.00 69.48  ? 44  C   C P     1 
ATOM   1212 O  OP1   . C   C 3 14 ? 9.084   5.003   15.475  1.00 74.00  ? 44  C   C OP1   1 
ATOM   1213 O  OP2   . C   C 3 14 ? 6.563   4.982   15.017  1.00 65.28  ? 44  C   C OP2   1 
ATOM   1214 O  "O5'" . C   C 3 14 ? 8.003   6.672   13.944  1.00 71.18  ? 44  C   C "O5'" 1 
ATOM   1215 C  "C5'" . C   C 3 14 ? 9.247   7.309   13.688  1.00 68.39  ? 44  C   C "C5'" 1 
ATOM   1216 C  "C4'" . C   C 3 14 ? 9.020   8.727   13.226  1.00 66.69  ? 44  C   C "C4'" 1 
ATOM   1217 O  "O4'" . C   C 3 14 ? 8.454   8.716   11.895  1.00 68.13  ? 44  C   C "O4'" 1 
ATOM   1218 C  "C3'" . C   C 3 14 ? 8.023   9.521   14.045  1.00 70.18  ? 44  C   C "C3'" 1 
ATOM   1219 O  "O3'" . C   C 3 14 ? 8.626   10.081  15.196  1.00 71.63  ? 44  C   C "O3'" 1 
ATOM   1220 C  "C2'" . C   C 3 14 ? 7.552   10.580  13.058  1.00 69.99  ? 44  C   C "C2'" 1 
ATOM   1221 O  "O2'" . C   C 3 14 ? 8.421   11.693  12.934  1.00 73.54  ? 44  C   C "O2'" 1 
ATOM   1222 C  "C1'" . C   C 3 14 ? 7.518   9.771   11.762  1.00 69.02  ? 44  C   C "C1'" 1 
ATOM   1223 N  N1    . C   C 3 14 ? 6.217   9.153   11.546  1.00 69.73  ? 44  C   C N1    1 
ATOM   1224 C  C2    . C   C 3 14 ? 5.173   9.914   11.016  1.00 68.99  ? 44  C   C C2    1 
ATOM   1225 O  O2    . C   C 3 14 ? 5.374   11.108  10.739  1.00 70.29  ? 44  C   C O2    1 
ATOM   1226 N  N3    . C   C 3 14 ? 3.975   9.331   10.819  1.00 68.65  ? 44  C   C N3    1 
ATOM   1227 C  C4    . C   C 3 14 ? 3.799   8.042   11.130  1.00 67.48  ? 44  C   C C4    1 
ATOM   1228 N  N4    . C   C 3 14 ? 2.597   7.505   10.917  1.00 66.92  ? 44  C   C N4    1 
ATOM   1229 C  C5    . C   C 3 14 ? 4.848   7.249   11.673  1.00 65.54  ? 44  C   C C5    1 
ATOM   1230 C  C6    . C   C 3 14 ? 6.023   7.837   11.861  1.00 67.06  ? 44  C   C C6    1 
ATOM   1231 P  P     . C   C 3 15 ? 7.728   10.368  16.491  1.00 75.04  ? 45  C   C P     1 
ATOM   1232 O  OP1   . C   C 3 15 ? 8.650   10.911  17.517  1.00 82.19  ? 45  C   C OP1   1 
ATOM   1233 O  OP2   . C   C 3 15 ? 6.926   9.149   16.790  1.00 74.47  ? 45  C   C OP2   1 
ATOM   1234 O  "O5'" . C   C 3 15 ? 6.762   11.548  16.029  1.00 71.62  ? 45  C   C "O5'" 1 
ATOM   1235 C  "C5'" . C   C 3 15 ? 7.280   12.851  15.828  1.00 67.23  ? 45  C   C "C5'" 1 
ATOM   1236 C  "C4'" . C   C 3 15 ? 6.188   13.788  15.393  1.00 72.30  ? 45  C   C "C4'" 1 
ATOM   1237 O  "O4'" . C   C 3 15 ? 5.644   13.324  14.130  1.00 72.46  ? 45  C   C "O4'" 1 
ATOM   1238 C  "C3'" . C   C 3 15 ? 4.973   13.832  16.302  1.00 73.66  ? 45  C   C "C3'" 1 
ATOM   1239 O  "O3'" . C   C 3 15 ? 5.154   14.663  17.430  1.00 77.91  ? 45  C   C "O3'" 1 
ATOM   1240 C  "C2'" . C   C 3 15 ? 3.880   14.335  15.368  1.00 73.07  ? 45  C   C "C2'" 1 
ATOM   1241 O  "O2'" . C   C 3 15 ? 3.873   15.738  15.172  1.00 72.10  ? 45  C   C "O2'" 1 
ATOM   1242 C  "C1'" . C   C 3 15 ? 4.249   13.610  14.076  1.00 73.61  ? 45  C   C "C1'" 1 
ATOM   1243 N  N1    . C   C 3 15 ? 3.508   12.348  13.954  1.00 73.05  ? 45  C   C N1    1 
ATOM   1244 C  C2    . C   C 3 15 ? 2.205   12.399  13.470  1.00 72.66  ? 45  C   C C2    1 
ATOM   1245 O  O2    . C   C 3 15 ? 1.733   13.501  13.143  1.00 73.10  ? 45  C   C O2    1 
ATOM   1246 N  N3    . C   C 3 15 ? 1.494   11.254  13.369  1.00 72.09  ? 45  C   C N3    1 
ATOM   1247 C  C4    . C   C 3 15 ? 2.045   10.090  13.728  1.00 71.67  ? 45  C   C C4    1 
ATOM   1248 N  N4    . C   C 3 15 ? 1.306   8.983   13.613  1.00 68.63  ? 45  C   C N4    1 
ATOM   1249 C  C5    . C   C 3 15 ? 3.379   10.009  14.220  1.00 70.77  ? 45  C   C C5    1 
ATOM   1250 C  C6    . C   C 3 15 ? 4.069   11.152  14.314  1.00 71.71  ? 45  C   C C6    1 
ATOM   1251 P  P     . U   C 3 16 ? 4.316   14.366  18.759  1.00 78.21  ? 46  U   C P     1 
ATOM   1252 O  OP1   . U   C 3 16 ? 4.817   15.278  19.809  1.00 81.65  ? 46  U   C OP1   1 
ATOM   1253 O  OP2   . U   C 3 16 ? 4.323   12.894  18.994  1.00 74.78  ? 46  U   C OP2   1 
ATOM   1254 O  "O5'" . U   C 3 16 ? 2.850   14.839  18.378  1.00 72.44  ? 46  U   C "O5'" 1 
ATOM   1255 C  "C5'" . U   C 3 16 ? 2.612   16.191  18.055  1.00 73.01  ? 46  U   C "C5'" 1 
ATOM   1256 C  "C4'" . U   C 3 16 ? 1.149   16.414  17.803  1.00 74.99  ? 46  U   C "C4'" 1 
ATOM   1257 O  "O4'" . U   C 3 16 ? 0.780   15.726  16.582  1.00 74.21  ? 46  U   C "O4'" 1 
ATOM   1258 C  "C3'" . U   C 3 16 ? 0.200   15.844  18.844  1.00 75.96  ? 46  U   C "C3'" 1 
ATOM   1259 O  "O3'" . U   C 3 16 ? 0.050   16.666  19.993  1.00 78.99  ? 46  U   C "O3'" 1 
ATOM   1260 C  "C2'" . U   C 3 16 ? -1.085  15.701  18.043  1.00 75.93  ? 46  U   C "C2'" 1 
ATOM   1261 O  "O2'" . U   C 3 16 ? -1.768  16.922  17.849  1.00 76.25  ? 46  U   C "O2'" 1 
ATOM   1262 C  "C1'" . U   C 3 16 ? -0.537  15.216  16.703  1.00 75.20  ? 46  U   C "C1'" 1 
ATOM   1263 N  N1    . U   C 3 16 ? -0.473  13.748  16.677  1.00 69.41  ? 46  U   C N1    1 
ATOM   1264 C  C2    . U   C 3 16 ? -1.643  13.071  16.406  1.00 67.54  ? 46  U   C C2    1 
ATOM   1265 O  O2    . U   C 3 16 ? -2.703  13.642  16.175  1.00 66.11  ? 46  U   C O2    1 
ATOM   1266 N  N3    . U   C 3 16 ? -1.533  11.703  16.419  1.00 67.98  ? 46  U   C N3    1 
ATOM   1267 C  C4    . U   C 3 16 ? -0.393  10.960  16.672  1.00 67.33  ? 46  U   C C4    1 
ATOM   1268 O  O4    . U   C 3 16 ? -0.450  9.725   16.649  1.00 67.86  ? 46  U   C O4    1 
ATOM   1269 C  C5    . U   C 3 16 ? 0.776   11.739  16.939  1.00 67.02  ? 46  U   C C5    1 
ATOM   1270 C  C6    . U   C 3 16 ? 0.699   13.074  16.929  1.00 67.97  ? 46  U   C C6    1 
ATOM   1271 P  P     . G   C 3 17 ? -0.380  16.002  21.399  1.00 81.88  ? 47  G   C P     1 
ATOM   1272 O  OP1   . G   C 3 17 ? -0.227  17.015  22.465  1.00 85.82  ? 47  G   C OP1   1 
ATOM   1273 O  OP2   . G   C 3 17 ? 0.296   14.685  21.539  1.00 79.28  ? 47  G   C OP2   1 
ATOM   1274 O  "O5'" . G   C 3 17 ? -1.939  15.774  21.224  1.00 79.92  ? 47  G   C "O5'" 1 
ATOM   1275 C  "C5'" . G   C 3 17 ? -2.790  16.867  20.923  1.00 73.14  ? 47  G   C "C5'" 1 
ATOM   1276 C  "C4'" . G   C 3 17 ? -4.195  16.376  20.724  1.00 74.61  ? 47  G   C "C4'" 1 
ATOM   1277 O  "O4'" . G   C 3 17 ? -4.235  15.554  19.529  1.00 74.98  ? 47  G   C "O4'" 1 
ATOM   1278 C  "C3'" . G   C 3 17 ? -4.697  15.453  21.818  1.00 74.31  ? 47  G   C "C3'" 1 
ATOM   1279 O  "O3'" . G   C 3 17 ? -5.182  16.165  22.946  1.00 73.46  ? 47  G   C "O3'" 1 
ATOM   1280 C  "C2'" . G   C 3 17 ? -5.783  14.670  21.096  1.00 74.88  ? 47  G   C "C2'" 1 
ATOM   1281 O  "O2'" . G   C 3 17 ? -6.985  15.403  20.962  1.00 76.53  ? 47  G   C "O2'" 1 
ATOM   1282 C  "C1'" . G   C 3 17 ? -5.141  14.476  19.720  1.00 71.99  ? 47  G   C "C1'" 1 
ATOM   1283 N  N9    . G   C 3 17 ? -4.406  13.214  19.610  1.00 68.00  ? 47  G   C N9    1 
ATOM   1284 C  C8    . G   C 3 17 ? -3.045  13.018  19.700  1.00 66.26  ? 47  G   C C8    1 
ATOM   1285 N  N7    . G   C 3 17 ? -2.697  11.765  19.568  1.00 65.15  ? 47  G   C N7    1 
ATOM   1286 C  C5    . G   C 3 17 ? -3.898  11.092  19.374  1.00 64.48  ? 47  G   C C5    1 
ATOM   1287 C  C6    . G   C 3 17 ? -4.168  9.701   19.170  1.00 63.22  ? 47  G   C C6    1 
ATOM   1288 O  O6    . G   C 3 17 ? -3.366  8.755   19.111  1.00 62.04  ? 47  G   C O6    1 
ATOM   1289 N  N1    . G   C 3 17 ? -5.531  9.462   19.030  1.00 61.27  ? 47  G   C N1    1 
ATOM   1290 C  C2    . G   C 3 17 ? -6.513  10.422  19.076  1.00 64.67  ? 47  G   C C2    1 
ATOM   1291 N  N2    . G   C 3 17 ? -7.776  10.001  18.933  1.00 64.39  ? 47  G   C N2    1 
ATOM   1292 N  N3    . G   C 3 17 ? -6.278  11.708  19.254  1.00 66.16  ? 47  G   C N3    1 
ATOM   1293 C  C4    . G   C 3 17 ? -4.961  11.971  19.396  1.00 65.44  ? 47  G   C C4    1 
ATOM   1294 P  P     . C   C 3 18 ? -5.269  15.427  24.370  1.00 73.24  ? 48  C   C P     1 
ATOM   1295 O  OP1   . C   C 3 18 ? -5.824  16.404  25.333  1.00 77.60  ? 48  C   C OP1   1 
ATOM   1296 O  OP2   . C   C 3 18 ? -3.965  14.774  24.657  1.00 72.62  ? 48  C   C OP2   1 
ATOM   1297 O  "O5'" . C   C 3 18 ? -6.382  14.316  24.136  1.00 74.55  ? 48  C   C "O5'" 1 
ATOM   1298 C  "C5'" . C   C 3 18 ? -7.727  14.703  23.879  1.00 67.51  ? 48  C   C "C5'" 1 
ATOM   1299 C  "C4'" . C   C 3 18 ? -8.627  13.498  23.839  1.00 66.43  ? 48  C   C "C4'" 1 
ATOM   1300 O  "O4'" . C   C 3 18 ? -8.349  12.740  22.634  1.00 69.21  ? 48  C   C "O4'" 1 
ATOM   1301 C  "C3'" . C   C 3 18 ? -8.443  12.496  24.962  1.00 67.26  ? 48  C   C "C3'" 1 
ATOM   1302 O  "O3'" . C   C 3 18 ? -9.130  12.866  26.148  1.00 62.69  ? 48  C   C "O3'" 1 
ATOM   1303 C  "C2'" . C   C 3 18 ? -8.996  11.227  24.333  1.00 66.95  ? 48  C   C "C2'" 1 
ATOM   1304 O  "O2'" . C   C 3 18 ? -10.403 11.213  24.293  1.00 66.50  ? 48  C   C "O2'" 1 
ATOM   1305 C  "C1'" . C   C 3 18 ? -8.477  11.356  22.905  1.00 66.55  ? 48  C   C "C1'" 1 
ATOM   1306 N  N1    . C   C 3 18 ? -7.151  10.728  22.783  1.00 66.04  ? 48  C   C N1    1 
ATOM   1307 C  C2    . C   C 3 18 ? -7.086  9.350   22.582  1.00 65.34  ? 48  C   C C2    1 
ATOM   1308 O  O2    . C   C 3 18 ? -8.145  8.711   22.489  1.00 62.66  ? 48  C   C O2    1 
ATOM   1309 N  N3    . C   C 3 18 ? -5.881  8.748   22.491  1.00 62.99  ? 48  C   C N3    1 
ATOM   1310 C  C4    . C   C 3 18 ? -4.769  9.469   22.585  1.00 63.43  ? 48  C   C C4    1 
ATOM   1311 N  N4    . C   C 3 18 ? -3.607  8.827   22.479  1.00 60.37  ? 48  C   C N4    1 
ATOM   1312 C  C5    . C   C 3 18 ? -4.801  10.880  22.788  1.00 63.26  ? 48  C   C C5    1 
ATOM   1313 C  C6    . C   C 3 18 ? -6.003  11.464  22.880  1.00 62.83  ? 48  C   C C6    1 
ATOM   1314 P  P     . C   C 3 19 ? -8.612  12.323  27.571  1.00 69.99  ? 49  C   C P     1 
ATOM   1315 O  OP1   . C   C 3 19 ? -9.470  12.937  28.605  1.00 69.31  ? 49  C   C OP1   1 
ATOM   1316 O  OP2   . C   C 3 19 ? -7.132  12.461  27.667  1.00 66.88  ? 49  C   C OP2   1 
ATOM   1317 O  "O5'" . C   C 3 19 ? -8.929  10.762  27.530  1.00 70.17  ? 49  C   C "O5'" 1 
ATOM   1318 C  "C5'" . C   C 3 19 ? -10.256 10.284  27.311  1.00 66.49  ? 49  C   C "C5'" 1 
ATOM   1319 C  "C4'" . C   C 3 19 ? -10.259 8.776   27.173  1.00 67.33  ? 49  C   C "C4'" 1 
ATOM   1320 O  "O4'" . C   C 3 19 ? -9.572  8.410   25.948  1.00 66.78  ? 49  C   C "O4'" 1 
ATOM   1321 C  "C3'" . C   C 3 19 ? -9.523  8.001   28.256  1.00 61.87  ? 49  C   C "C3'" 1 
ATOM   1322 O  "O3'" . C   C 3 19 ? -10.245 7.806   29.473  1.00 63.65  ? 49  C   C "O3'" 1 
ATOM   1323 C  "C2'" . C   C 3 19 ? -9.212  6.701   27.538  1.00 63.30  ? 49  C   C "C2'" 1 
ATOM   1324 O  "O2'" . C   C 3 19 ? -10.398 5.958   27.383  1.00 58.04  ? 49  C   C "O2'" 1 
ATOM   1325 C  "C1'" . C   C 3 19 ? -8.848  7.211   26.145  1.00 62.28  ? 49  C   C "C1'" 1 
ATOM   1326 N  N1    . C   C 3 19 ? -7.410  7.490   25.954  1.00 64.56  ? 49  C   C N1    1 
ATOM   1327 C  C2    . C   C 3 19 ? -6.593  6.465   25.497  1.00 63.64  ? 49  C   C C2    1 
ATOM   1328 O  O2    . C   C 3 19 ? -7.105  5.359   25.268  1.00 65.36  ? 49  C   C O2    1 
ATOM   1329 N  N3    . C   C 3 19 ? -5.272  6.698   25.309  1.00 63.90  ? 49  C   C N3    1 
ATOM   1330 C  C4    . C   C 3 19 ? -4.767  7.903   25.557  1.00 64.52  ? 49  C   C C4    1 
ATOM   1331 N  N4    . C   C 3 19 ? -3.461  8.089   25.345  1.00 61.10  ? 49  C   C N4    1 
ATOM   1332 C  C5    . C   C 3 19 ? -5.577  8.971   26.028  1.00 63.70  ? 49  C   C C5    1 
ATOM   1333 C  C6    . C   C 3 19 ? -6.881  8.723   26.214  1.00 64.41  ? 49  C   C C6    1 
HETATM 1334 S  S     . SO4 D 4 .  ? 5.012   -12.941 6.364   1.00 146.82 ? 103 SO4 A S     1 
HETATM 1335 O  O1    . SO4 D 4 .  ? 5.353   -13.506 5.044   1.00 146.68 ? 103 SO4 A O1    1 
HETATM 1336 O  O2    . SO4 D 4 .  ? 6.252   -12.758 7.156   1.00 146.08 ? 103 SO4 A O2    1 
HETATM 1337 O  O3    . SO4 D 4 .  ? 4.317   -11.650 6.176   1.00 146.61 ? 103 SO4 A O3    1 
HETATM 1338 O  O4    . SO4 D 4 .  ? 4.109   -13.855 7.080   1.00 146.72 ? 103 SO4 A O4    1 
HETATM 1339 CO CO    . NCO E 5 .  ? 7.730   -9.619  4.427   1.00 163.75 ? 102 NCO B CO    1 
HETATM 1340 N  N1    . NCO E 5 .  ? 8.903   -9.524  2.771   1.00 161.70 ? 102 NCO B N1    1 
HETATM 1341 N  N2    . NCO E 5 .  ? 9.327   -9.059  5.513   1.00 161.61 ? 102 NCO B N2    1 
HETATM 1342 N  N3    . NCO E 5 .  ? 6.969   -7.794  4.196   1.00 161.57 ? 102 NCO B N3    1 
HETATM 1343 N  N4    . NCO E 5 .  ? 8.348   -11.450 4.777   1.00 161.65 ? 102 NCO B N4    1 
HETATM 1344 N  N5    . NCO E 5 .  ? 6.617   -9.789  6.032   1.00 161.72 ? 102 NCO B N5    1 
HETATM 1345 N  N6    . NCO E 5 .  ? 6.173   -10.244 3.265   1.00 161.73 ? 102 NCO B N6    1 
HETATM 1346 CO CO    . NCO F 5 .  ? -5.817  9.234   5.581   1.00 100.25 ? 101 NCO C CO    1 
HETATM 1347 N  N1    . NCO F 5 .  ? -7.112  8.001   4.606   1.00 94.24  ? 101 NCO C N1    1 
HETATM 1348 N  N2    . NCO F 5 .  ? -6.265  10.620  4.185   1.00 95.20  ? 101 NCO C N2    1 
HETATM 1349 N  N3    . NCO F 5 .  ? -7.178  9.831   6.909   1.00 96.00  ? 101 NCO C N3    1 
HETATM 1350 N  N4    . NCO F 5 .  ? -4.344  8.710   4.384   1.00 96.22  ? 101 NCO C N4    1 
HETATM 1351 N  N5    . NCO F 5 .  ? -4.517  10.416  6.454   1.00 95.84  ? 101 NCO C N5    1 
HETATM 1352 N  N6    . NCO F 5 .  ? -5.375  7.764   6.907   1.00 95.66  ? 101 NCO C N6    1 
HETATM 1353 O  O     . HOH G 6 .  ? -0.711  -2.617  12.915  1.00 73.28  ? 104 HOH A O     1 
HETATM 1354 O  O     . HOH G 6 .  ? -2.395  -7.987  6.133   1.00 51.32  ? 105 HOH A O     1 
HETATM 1355 O  O     . HOH G 6 .  ? -8.790  -5.781  8.475   1.00 78.71  ? 106 HOH A O     1 
HETATM 1356 O  O     . HOH G 6 .  ? -0.294  -11.224 7.429   1.00 60.16  ? 107 HOH A O     1 
HETATM 1357 O  O     . HOH G 6 .  ? -1.236  -0.014  -11.783 1.00 62.42  ? 108 HOH A O     1 
HETATM 1358 O  O     . HOH G 6 .  ? 0.802   -5.957  -15.756 1.00 73.45  ? 109 HOH A O     1 
HETATM 1359 O  O     . HOH G 6 .  ? -4.893  -6.890  4.180   1.00 56.63  ? 110 HOH A O     1 
HETATM 1360 O  O     . HOH G 6 .  ? -25.487 -4.853  -11.411 1.00 76.82  ? 111 HOH A O     1 
HETATM 1361 O  O     . HOH H 6 .  ? 12.050  -0.084  12.457  1.00 71.39  ? 103 HOH B O     1 
HETATM 1362 O  O     . HOH H 6 .  ? -2.424  -2.093  -14.860 1.00 79.31  ? 104 HOH B O     1 
HETATM 1363 O  O     . HOH H 6 .  ? -7.263  -18.954 -4.357  1.00 77.02  ? 105 HOH B O     1 
HETATM 1364 O  O     . HOH H 6 .  ? 4.075   -0.393  -24.595 1.00 70.52  ? 106 HOH B O     1 
HETATM 1365 O  O     . HOH H 6 .  ? 5.967   -8.795  -7.350  1.00 64.60  ? 107 HOH B O     1 
HETATM 1366 O  O     . HOH H 6 .  ? 12.478  -13.322 -3.346  1.00 74.99  ? 108 HOH B O     1 
HETATM 1367 O  O     . HOH H 6 .  ? -0.254  -3.403  -15.542 1.00 63.57  ? 109 HOH B O     1 
HETATM 1368 O  O     . HOH H 6 .  ? 1.426   4.862   22.626  1.00 59.19  ? 110 HOH B O     1 
HETATM 1369 O  O     . HOH H 6 .  ? -4.001  1.764   16.272  1.00 60.14  ? 111 HOH B O     1 
HETATM 1370 O  O     . HOH H 6 .  ? -11.972 8.091   18.286  1.00 56.15  ? 112 HOH B O     1 
HETATM 1371 O  O     . HOH H 6 .  ? -4.029  5.253   8.451   1.00 53.42  ? 113 HOH B O     1 
HETATM 1372 O  O     . HOH H 6 .  ? -1.433  17.345  12.888  1.00 71.10  ? 114 HOH B O     1 
HETATM 1373 O  O     . HOH H 6 .  ? 7.849   -0.374  -21.570 1.00 55.44  ? 115 HOH B O     1 
HETATM 1374 O  O     . HOH H 6 .  ? 11.633  1.920   -22.771 1.00 52.52  ? 116 HOH B O     1 
HETATM 1375 O  O     . HOH H 6 .  ? 9.713   3.365   -24.486 1.00 56.00  ? 117 HOH B O     1 
HETATM 1376 O  O     . HOH H 6 .  ? 10.374  10.922  -26.828 1.00 57.44  ? 118 HOH B O     1 
HETATM 1377 O  O     . HOH H 6 .  ? 0.481   0.350   -13.358 1.00 60.25  ? 119 HOH B O     1 
HETATM 1378 O  O     . HOH H 6 .  ? 2.749   5.615   -16.689 1.00 58.85  ? 120 HOH B O     1 
HETATM 1379 O  O     . HOH H 6 .  ? 15.117  6.836   1.746   1.00 73.13  ? 121 HOH B O     1 
HETATM 1380 O  O     . HOH H 6 .  ? 11.038  11.667  -24.339 1.00 52.25  ? 122 HOH B O     1 
HETATM 1381 O  O     . HOH H 6 .  ? 5.752   9.175   -20.330 1.00 62.07  ? 123 HOH B O     1 
HETATM 1382 O  O     . HOH H 6 .  ? 4.164   -4.543  -20.161 1.00 76.55  ? 124 HOH B O     1 
HETATM 1383 O  O     . HOH H 6 .  ? 14.338  1.504   2.832   1.00 76.10  ? 125 HOH B O     1 
HETATM 1384 O  O     . HOH H 6 .  ? 11.711  3.806   4.485   1.00 70.53  ? 126 HOH B O     1 
HETATM 1385 O  O     . HOH H 6 .  ? 16.350  2.678   0.763   1.00 83.63  ? 127 HOH B O     1 
HETATM 1386 O  O     . HOH H 6 .  ? 2.696   14.028  9.903   1.00 77.11  ? 128 HOH B O     1 
HETATM 1387 O  O     . HOH H 6 .  ? 6.393   -7.171  -15.553 1.00 78.30  ? 129 HOH B O     1 
HETATM 1388 O  O     . HOH H 6 .  ? 5.815   10.316  -23.826 1.00 59.00  ? 130 HOH B O     1 
HETATM 1389 O  O     . HOH H 6 .  ? -20.411 -6.645  -6.485  1.00 79.99  ? 131 HOH B O     1 
HETATM 1390 O  O     . HOH H 6 .  ? 15.656  -3.836  -0.357  1.00 76.90  ? 132 HOH B O     1 
HETATM 1391 O  O     . HOH H 6 .  ? 14.597  -3.943  -2.865  1.00 62.29  ? 133 HOH B O     1 
HETATM 1392 O  O     . HOH H 6 .  ? -2.179  -16.934 -4.235  1.00 75.32  ? 134 HOH B O     1 
HETATM 1393 O  O     . HOH H 6 .  ? -18.078 -11.969 -3.172  1.00 84.92  ? 135 HOH B O     1 
HETATM 1394 O  O     . HOH H 6 .  ? -5.880  -0.091  23.430  1.00 42.60  ? 136 HOH B O     1 
HETATM 1395 O  O     . HOH I 6 .  ? -4.044  1.807   -5.904  1.00 53.05  ? 102 HOH C O     1 
HETATM 1396 O  O     . HOH I 6 .  ? 4.879   9.046   -7.966  1.00 61.80  ? 103 HOH C O     1 
HETATM 1397 O  O     . HOH I 6 .  ? -3.800  13.165  -10.167 1.00 78.88  ? 104 HOH C O     1 
HETATM 1398 O  O     . HOH I 6 .  ? -10.062 10.094  32.180  1.00 68.94  ? 105 HOH C O     1 
HETATM 1399 O  O     . HOH I 6 .  ? 6.824   11.047  20.351  1.00 76.84  ? 106 HOH C O     1 
HETATM 1400 O  O     . HOH I 6 .  ? 17.440  6.833   -6.427  1.00 83.40  ? 107 HOH C O     1 
HETATM 1401 O  O     . HOH I 6 .  ? 0.342   4.546   -14.709 1.00 58.70  ? 108 HOH C O     1 
HETATM 1402 O  O     . HOH I 6 .  ? 22.188  2.697   -9.784  1.00 60.37  ? 109 HOH C O     1 
HETATM 1403 O  O     . HOH I 6 .  ? 8.710   6.188   -9.025  1.00 74.79  ? 110 HOH C O     1 
HETATM 1404 O  O     . HOH I 6 .  ? -2.118  11.533  -7.379  1.00 83.07  ? 111 HOH C O     1 
HETATM 1405 O  O     . HOH I 6 .  ? -6.856  15.847  28.395  1.00 81.95  ? 112 HOH C O     1 
HETATM 1406 O  O     . HOH I 6 .  ? 5.432   8.547   21.916  1.00 91.45  ? 113 HOH C O     1 
HETATM 1407 O  O     . HOH I 6 .  ? -0.654  15.575  25.780  1.00 78.94  ? 114 HOH C O     1 
HETATM 1408 O  O     . HOH I 6 .  ? 0.577   6.980   -14.038 1.00 65.81  ? 115 HOH C O     1 
# 
loop_
_pdbx_poly_seq_scheme.asym_id 
_pdbx_poly_seq_scheme.entity_id 
_pdbx_poly_seq_scheme.seq_id 
_pdbx_poly_seq_scheme.mon_id 
_pdbx_poly_seq_scheme.ndb_seq_num 
_pdbx_poly_seq_scheme.pdb_seq_num 
_pdbx_poly_seq_scheme.auth_seq_num 
_pdbx_poly_seq_scheme.pdb_mon_id 
_pdbx_poly_seq_scheme.auth_mon_id 
_pdbx_poly_seq_scheme.pdb_strand_id 
_pdbx_poly_seq_scheme.pdb_ins_code 
_pdbx_poly_seq_scheme.hetero 
A 1 1  U   1  1  1  U   U   A . n 
A 1 2  C   2  2  2  C   C   A . n 
A 1 3  C   3  3  3  C   C   A . n 
A 1 4  C   4  4  4  C   C   A . n 
A 1 5  A2M 5  5  5  A2M A2M A . n 
A 1 6  G   6  6  6  G   G   A . n 
A 1 7  U   7  7  7  U   U   A . n 
A 1 8  C   8  8  8  C   C   A . n 
A 1 9  C   9  9  9  C   C   A . n 
A 1 10 A   10 10 10 A   A   A . n 
A 1 11 C   11 11 11 C   C   A . n 
A 1 12 C   12 12 12 C   C   A . n 
A 1 13 G   13 13 13 G   G   A . n 
B 2 1  C   1  2  2  C   C   B . n 
B 2 2  G   2  3  3  G   G   B . n 
B 2 3  G   3  4  4  G   G   B . n 
B 2 4  U   4  5  5  U   U   B . n 
B 2 5  G   5  6  6  G   G   B . n 
B 2 6  A   6  7  7  A   A   B . n 
B 2 7  G   7  8  8  G   G   B . n 
B 2 8  A   8  9  9  A   A   B . n 
B 2 9  A   9  10 10 A   A   B . n 
B 2 10 G   10 11 11 G   G   B . n 
B 2 11 G   11 12 12 G   G   B . n 
B 2 12 G   12 13 13 G   G   B . n 
B 2 13 S9L 13 14 14 S9L S9L B . n 
B 2 14 G   14 15 15 G   G   B . n 
B 2 15 G   15 16 16 G   G   B . n 
B 2 16 C   16 17 17 C   C   B . n 
B 2 17 A   17 18 18 A   A   B . n 
B 2 18 G   18 19 19 G   G   B . n 
B 2 19 A   19 20 20 A   A   B . n 
B 2 20 G   20 21 21 G   G   B . n 
B 2 21 A   21 22 22 A   A   B . n 
B 2 22 A   22 23 23 A   A   B . n 
B 2 23 A   23 24 24 A   A   B . n 
B 2 24 C   24 25 25 C   C   B . n 
B 2 25 A   25 26 26 A   A   B . n 
B 2 26 C   26 27 27 C   C   B . n 
B 2 27 A   27 28 28 A   A   B . n 
B 2 28 C   28 29 29 C   C   B . n 
B 2 29 G   29 30 30 G   G   B . n 
B 2 30 A   30 31 31 A   A   B . n 
C 3 1  U   1  31 31 U   U   C . n 
C 3 2  C   2  32 32 C   C   C . n 
C 3 3  G   3  33 33 G   G   C . n 
C 3 4  U   4  34 34 U   U   C . n 
C 3 5  G   5  35 35 G   G   C . n 
C 3 6  G   6  36 36 G   G   C . n 
C 3 7  U   7  37 37 U   U   C . n 
C 3 8  MTU 8  38 38 MTU MTU C . n 
C 3 9  C   9  39 39 C   C   C . n 
C 3 10 A   10 40 40 A   A   C . n 
C 3 11 U   11 41 41 U   U   C . n 
C 3 12 U   12 42 42 U   U   C . n 
C 3 13 A   13 43 43 A   A   C . n 
C 3 14 C   14 44 44 C   C   C . n 
C 3 15 C   15 45 45 C   C   C . n 
C 3 16 U   16 46 46 U   U   C . n 
C 3 17 G   17 47 47 G   G   C . n 
C 3 18 C   18 48 48 C   C   C . n 
C 3 19 C   19 49 49 C   C   C . n 
# 
loop_
_pdbx_nonpoly_scheme.asym_id 
_pdbx_nonpoly_scheme.entity_id 
_pdbx_nonpoly_scheme.mon_id 
_pdbx_nonpoly_scheme.ndb_seq_num 
_pdbx_nonpoly_scheme.pdb_seq_num 
_pdbx_nonpoly_scheme.auth_seq_num 
_pdbx_nonpoly_scheme.pdb_mon_id 
_pdbx_nonpoly_scheme.auth_mon_id 
_pdbx_nonpoly_scheme.pdb_strand_id 
_pdbx_nonpoly_scheme.pdb_ins_code 
D 4 SO4 1  103 103 SO4 SO4 A . 
E 5 NCO 1  102 102 NCO NCO B . 
F 5 NCO 1  101 101 NCO NCO C . 
G 6 HOH 1  104 7   HOH HOH A . 
G 6 HOH 2  105 8   HOH HOH A . 
G 6 HOH 3  106 9   HOH HOH A . 
G 6 HOH 4  107 16  HOH HOH A . 
G 6 HOH 5  108 35  HOH HOH A . 
G 6 HOH 6  109 50  HOH HOH A . 
G 6 HOH 7  110 57  HOH HOH A . 
G 6 HOH 8  111 63  HOH HOH A . 
H 6 HOH 1  103 1   HOH HOH B . 
H 6 HOH 2  104 2   HOH HOH B . 
H 6 HOH 3  105 10  HOH HOH B . 
H 6 HOH 4  106 11  HOH HOH B . 
H 6 HOH 5  107 12  HOH HOH B . 
H 6 HOH 6  108 13  HOH HOH B . 
H 6 HOH 7  109 14  HOH HOH B . 
H 6 HOH 8  110 17  HOH HOH B . 
H 6 HOH 9  111 18  HOH HOH B . 
H 6 HOH 10 112 20  HOH HOH B . 
H 6 HOH 11 113 22  HOH HOH B . 
H 6 HOH 12 114 23  HOH HOH B . 
H 6 HOH 13 115 24  HOH HOH B . 
H 6 HOH 14 116 25  HOH HOH B . 
H 6 HOH 15 117 26  HOH HOH B . 
H 6 HOH 16 118 28  HOH HOH B . 
H 6 HOH 17 119 30  HOH HOH B . 
H 6 HOH 18 120 31  HOH HOH B . 
H 6 HOH 19 121 32  HOH HOH B . 
H 6 HOH 20 122 33  HOH HOH B . 
H 6 HOH 21 123 34  HOH HOH B . 
H 6 HOH 22 124 36  HOH HOH B . 
H 6 HOH 23 125 38  HOH HOH B . 
H 6 HOH 24 126 39  HOH HOH B . 
H 6 HOH 25 127 40  HOH HOH B . 
H 6 HOH 26 128 41  HOH HOH B . 
H 6 HOH 27 129 43  HOH HOH B . 
H 6 HOH 28 130 47  HOH HOH B . 
H 6 HOH 29 131 51  HOH HOH B . 
H 6 HOH 30 132 53  HOH HOH B . 
H 6 HOH 31 133 54  HOH HOH B . 
H 6 HOH 32 134 58  HOH HOH B . 
H 6 HOH 33 135 64  HOH HOH B . 
H 6 HOH 34 136 66  HOH HOH B . 
I 6 HOH 1  102 3   HOH HOH C . 
I 6 HOH 2  103 4   HOH HOH C . 
I 6 HOH 3  104 5   HOH HOH C . 
I 6 HOH 4  105 19  HOH HOH C . 
I 6 HOH 5  106 21  HOH HOH C . 
I 6 HOH 6  107 27  HOH HOH C . 
I 6 HOH 7  108 29  HOH HOH C . 
I 6 HOH 8  109 37  HOH HOH C . 
I 6 HOH 9  110 44  HOH HOH C . 
I 6 HOH 10 111 49  HOH HOH C . 
I 6 HOH 11 112 52  HOH HOH C . 
I 6 HOH 12 113 60  HOH HOH C . 
I 6 HOH 13 114 65  HOH HOH C . 
I 6 HOH 14 115 67  HOH HOH C . 
# 
loop_
_pdbx_struct_mod_residue.id 
_pdbx_struct_mod_residue.label_asym_id 
_pdbx_struct_mod_residue.label_comp_id 
_pdbx_struct_mod_residue.label_seq_id 
_pdbx_struct_mod_residue.auth_asym_id 
_pdbx_struct_mod_residue.auth_comp_id 
_pdbx_struct_mod_residue.auth_seq_id 
_pdbx_struct_mod_residue.PDB_ins_code 
_pdbx_struct_mod_residue.parent_comp_id 
_pdbx_struct_mod_residue.details 
1 A A2M 5 A A2M 5  ? A "2'-O-METHYL-ADENOSINE-5'-MONOPHOSPHATE" 
2 C MTU 8 C MTU 38 ? A 9-BETA-D-RIBOFURANOSYL-9H-PURIN-2-AMINE  
# 
_pdbx_struct_assembly.id                   1 
_pdbx_struct_assembly.details              author_and_software_defined_assembly 
_pdbx_struct_assembly.method_details       PISA 
_pdbx_struct_assembly.oligomeric_details   trimeric 
_pdbx_struct_assembly.oligomeric_count     3 
# 
_pdbx_struct_assembly_gen.assembly_id       1 
_pdbx_struct_assembly_gen.oper_expression   1 
_pdbx_struct_assembly_gen.asym_id_list      A,B,C,D,E,F,G,H,I 
# 
loop_
_pdbx_struct_assembly_prop.biol_id 
_pdbx_struct_assembly_prop.type 
_pdbx_struct_assembly_prop.value 
_pdbx_struct_assembly_prop.details 
1 'ABSA (A^2)' 6660 ? 
1 MORE         -31  ? 
1 'SSA (A^2)'  9090 ? 
# 
_pdbx_struct_oper_list.id                   1 
_pdbx_struct_oper_list.type                 'identity operation' 
_pdbx_struct_oper_list.name                 1_555 
_pdbx_struct_oper_list.symmetry_operation   x,y,z 
_pdbx_struct_oper_list.matrix[1][1]         1.0000000000 
_pdbx_struct_oper_list.matrix[1][2]         0.0000000000 
_pdbx_struct_oper_list.matrix[1][3]         0.0000000000 
_pdbx_struct_oper_list.vector[1]            0.0000000000 
_pdbx_struct_oper_list.matrix[2][1]         0.0000000000 
_pdbx_struct_oper_list.matrix[2][2]         1.0000000000 
_pdbx_struct_oper_list.matrix[2][3]         0.0000000000 
_pdbx_struct_oper_list.vector[2]            0.0000000000 
_pdbx_struct_oper_list.matrix[3][1]         0.0000000000 
_pdbx_struct_oper_list.matrix[3][2]         0.0000000000 
_pdbx_struct_oper_list.matrix[3][3]         1.0000000000 
_pdbx_struct_oper_list.vector[3]            0.0000000000 
# 
loop_
_pdbx_audit_revision_history.ordinal 
_pdbx_audit_revision_history.data_content_type 
_pdbx_audit_revision_history.major_revision 
_pdbx_audit_revision_history.minor_revision 
_pdbx_audit_revision_history.revision_date 
1 'Structure model' 1 0 2008-08-12 
2 'Structure model' 1 1 2011-07-13 
3 'Structure model' 1 2 2023-08-30 
# 
_pdbx_audit_revision_details.ordinal             1 
_pdbx_audit_revision_details.revision_ordinal    1 
_pdbx_audit_revision_details.data_content_type   'Structure model' 
_pdbx_audit_revision_details.provider            repository 
_pdbx_audit_revision_details.type                'Initial release' 
_pdbx_audit_revision_details.description         ? 
_pdbx_audit_revision_details.details             ? 
# 
loop_
_pdbx_audit_revision_group.ordinal 
_pdbx_audit_revision_group.revision_ordinal 
_pdbx_audit_revision_group.data_content_type 
_pdbx_audit_revision_group.group 
1 2 'Structure model' 'Non-polymer description'   
2 2 'Structure model' 'Version format compliance' 
3 3 'Structure model' 'Data collection'           
4 3 'Structure model' 'Database references'       
5 3 'Structure model' 'Derived calculations'      
6 3 'Structure model' 'Refinement description'    
# 
loop_
_pdbx_audit_revision_category.ordinal 
_pdbx_audit_revision_category.revision_ordinal 
_pdbx_audit_revision_category.data_content_type 
_pdbx_audit_revision_category.category 
1 3 'Structure model' chem_comp_atom                
2 3 'Structure model' chem_comp_bond                
3 3 'Structure model' database_2                    
4 3 'Structure model' pdbx_initial_refinement_model 
5 3 'Structure model' struct_conn                   
6 3 'Structure model' struct_ref_seq                
7 3 'Structure model' struct_site                   
# 
loop_
_pdbx_audit_revision_item.ordinal 
_pdbx_audit_revision_item.revision_ordinal 
_pdbx_audit_revision_item.data_content_type 
_pdbx_audit_revision_item.item 
1 3 'Structure model' '_database_2.pdbx_DOI'                
2 3 'Structure model' '_database_2.pdbx_database_accession' 
3 3 'Structure model' '_struct_conn.pdbx_leaving_atom_flag' 
4 3 'Structure model' '_struct_ref_seq.db_align_beg'        
5 3 'Structure model' '_struct_ref_seq.db_align_end'        
6 3 'Structure model' '_struct_site.pdbx_auth_asym_id'      
7 3 'Structure model' '_struct_site.pdbx_auth_comp_id'      
8 3 'Structure model' '_struct_site.pdbx_auth_seq_id'       
# 
loop_
_software.name 
_software.classification 
_software.version 
_software.citation_id 
_software.pdbx_ordinal 
CrystalClear 'data collection' . ? 1 
CNS          refinement        . ? 2 
CrystalClear 'data reduction'  . ? 3 
CrystalClear 'data scaling'    . ? 4 
CNS          phasing           . ? 5 
# 
loop_
_pdbx_validate_rmsd_angle.id 
_pdbx_validate_rmsd_angle.PDB_model_num 
_pdbx_validate_rmsd_angle.auth_atom_id_1 
_pdbx_validate_rmsd_angle.auth_asym_id_1 
_pdbx_validate_rmsd_angle.auth_comp_id_1 
_pdbx_validate_rmsd_angle.auth_seq_id_1 
_pdbx_validate_rmsd_angle.PDB_ins_code_1 
_pdbx_validate_rmsd_angle.label_alt_id_1 
_pdbx_validate_rmsd_angle.auth_atom_id_2 
_pdbx_validate_rmsd_angle.auth_asym_id_2 
_pdbx_validate_rmsd_angle.auth_comp_id_2 
_pdbx_validate_rmsd_angle.auth_seq_id_2 
_pdbx_validate_rmsd_angle.PDB_ins_code_2 
_pdbx_validate_rmsd_angle.label_alt_id_2 
_pdbx_validate_rmsd_angle.auth_atom_id_3 
_pdbx_validate_rmsd_angle.auth_asym_id_3 
_pdbx_validate_rmsd_angle.auth_comp_id_3 
_pdbx_validate_rmsd_angle.auth_seq_id_3 
_pdbx_validate_rmsd_angle.PDB_ins_code_3 
_pdbx_validate_rmsd_angle.label_alt_id_3 
_pdbx_validate_rmsd_angle.angle_value 
_pdbx_validate_rmsd_angle.angle_target_value 
_pdbx_validate_rmsd_angle.angle_deviation 
_pdbx_validate_rmsd_angle.angle_standard_deviation 
_pdbx_validate_rmsd_angle.linker_flag 
1 1 "O5'" A G 6  ? B "C5'" A G 6  ? ? "C4'" A G 6  ? ? 104.13 109.40 -5.27 0.80 N 
2 1 "O4'" C U 41 ? ? "C1'" C U 41 ? ? N1    C U 41 ? ? 116.39 108.50 7.89  0.70 N 
# 
_pdbx_validate_planes.id              1 
_pdbx_validate_planes.PDB_model_num   1 
_pdbx_validate_planes.auth_comp_id    U 
_pdbx_validate_planes.auth_asym_id    C 
_pdbx_validate_planes.auth_seq_id     37 
_pdbx_validate_planes.PDB_ins_code    ? 
_pdbx_validate_planes.label_alt_id    ? 
_pdbx_validate_planes.rmsd            0.068 
_pdbx_validate_planes.type            'SIDE CHAIN' 
# 
loop_
_chem_comp_atom.comp_id 
_chem_comp_atom.atom_id 
_chem_comp_atom.type_symbol 
_chem_comp_atom.pdbx_aromatic_flag 
_chem_comp_atom.pdbx_stereo_config 
_chem_comp_atom.pdbx_ordinal 
A   OP3    O  N N 1   
A   P      P  N N 2   
A   OP1    O  N N 3   
A   OP2    O  N N 4   
A   "O5'"  O  N N 5   
A   "C5'"  C  N N 6   
A   "C4'"  C  N R 7   
A   "O4'"  O  N N 8   
A   "C3'"  C  N S 9   
A   "O3'"  O  N N 10  
A   "C2'"  C  N R 11  
A   "O2'"  O  N N 12  
A   "C1'"  C  N R 13  
A   N9     N  Y N 14  
A   C8     C  Y N 15  
A   N7     N  Y N 16  
A   C5     C  Y N 17  
A   C6     C  Y N 18  
A   N6     N  N N 19  
A   N1     N  Y N 20  
A   C2     C  Y N 21  
A   N3     N  Y N 22  
A   C4     C  Y N 23  
A   HOP3   H  N N 24  
A   HOP2   H  N N 25  
A   "H5'"  H  N N 26  
A   "H5''" H  N N 27  
A   "H4'"  H  N N 28  
A   "H3'"  H  N N 29  
A   "HO3'" H  N N 30  
A   "H2'"  H  N N 31  
A   "HO2'" H  N N 32  
A   "H1'"  H  N N 33  
A   H8     H  N N 34  
A   H61    H  N N 35  
A   H62    H  N N 36  
A   H2     H  N N 37  
A2M P      P  N N 38  
A2M OP1    O  N N 39  
A2M OP3    O  N N 40  
A2M "O5'"  O  N N 41  
A2M "C5'"  C  N N 42  
A2M "C4'"  C  N R 43  
A2M "O4'"  O  N N 44  
A2M "C3'"  C  N R 45  
A2M "O3'"  O  N N 46  
A2M "C2'"  C  N R 47  
A2M "O2'"  O  N N 48  
A2M "C1'"  C  N R 49  
A2M "CM'"  C  N N 50  
A2M N9     N  Y N 51  
A2M C8     C  Y N 52  
A2M N7     N  Y N 53  
A2M C5     C  Y N 54  
A2M C6     C  Y N 55  
A2M N6     N  N N 56  
A2M N1     N  Y N 57  
A2M C2     C  Y N 58  
A2M N3     N  Y N 59  
A2M C4     C  Y N 60  
A2M HOP3   H  N N 61  
A2M "H5'"  H  N N 62  
A2M "H5''" H  N N 63  
A2M "H4'"  H  N N 64  
A2M "H3'"  H  N N 65  
A2M "HO3'" H  N N 66  
A2M "H2'"  H  N N 67  
A2M "H1'"  H  N N 68  
A2M "HM'1" H  N N 69  
A2M "HM'2" H  N N 70  
A2M "HM'3" H  N N 71  
A2M H8     H  N N 72  
A2M H61    H  N N 73  
A2M H62    H  N N 74  
A2M H2     H  N N 75  
A2M OP2    O  N N 76  
A2M HOP2   H  N N 77  
C   OP3    O  N N 78  
C   P      P  N N 79  
C   OP1    O  N N 80  
C   OP2    O  N N 81  
C   "O5'"  O  N N 82  
C   "C5'"  C  N N 83  
C   "C4'"  C  N R 84  
C   "O4'"  O  N N 85  
C   "C3'"  C  N S 86  
C   "O3'"  O  N N 87  
C   "C2'"  C  N R 88  
C   "O2'"  O  N N 89  
C   "C1'"  C  N R 90  
C   N1     N  N N 91  
C   C2     C  N N 92  
C   O2     O  N N 93  
C   N3     N  N N 94  
C   C4     C  N N 95  
C   N4     N  N N 96  
C   C5     C  N N 97  
C   C6     C  N N 98  
C   HOP3   H  N N 99  
C   HOP2   H  N N 100 
C   "H5'"  H  N N 101 
C   "H5''" H  N N 102 
C   "H4'"  H  N N 103 
C   "H3'"  H  N N 104 
C   "HO3'" H  N N 105 
C   "H2'"  H  N N 106 
C   "HO2'" H  N N 107 
C   "H1'"  H  N N 108 
C   H41    H  N N 109 
C   H42    H  N N 110 
C   H5     H  N N 111 
C   H6     H  N N 112 
G   OP3    O  N N 113 
G   P      P  N N 114 
G   OP1    O  N N 115 
G   OP2    O  N N 116 
G   "O5'"  O  N N 117 
G   "C5'"  C  N N 118 
G   "C4'"  C  N R 119 
G   "O4'"  O  N N 120 
G   "C3'"  C  N S 121 
G   "O3'"  O  N N 122 
G   "C2'"  C  N R 123 
G   "O2'"  O  N N 124 
G   "C1'"  C  N R 125 
G   N9     N  Y N 126 
G   C8     C  Y N 127 
G   N7     N  Y N 128 
G   C5     C  Y N 129 
G   C6     C  N N 130 
G   O6     O  N N 131 
G   N1     N  N N 132 
G   C2     C  N N 133 
G   N2     N  N N 134 
G   N3     N  N N 135 
G   C4     C  Y N 136 
G   HOP3   H  N N 137 
G   HOP2   H  N N 138 
G   "H5'"  H  N N 139 
G   "H5''" H  N N 140 
G   "H4'"  H  N N 141 
G   "H3'"  H  N N 142 
G   "HO3'" H  N N 143 
G   "H2'"  H  N N 144 
G   "HO2'" H  N N 145 
G   "H1'"  H  N N 146 
G   H8     H  N N 147 
G   H1     H  N N 148 
G   H21    H  N N 149 
G   H22    H  N N 150 
HOH O      O  N N 151 
HOH H1     H  N N 152 
HOH H2     H  N N 153 
MTU P      P  N N 154 
MTU OP1    O  N N 155 
MTU OP2    O  N N 156 
MTU "O5'"  O  N N 157 
MTU "C5'"  C  N N 158 
MTU "C4'"  C  N R 159 
MTU "O4'"  O  N N 160 
MTU "C1'"  C  N R 161 
MTU N9     N  Y N 162 
MTU C4     C  Y N 163 
MTU N3     N  Y N 164 
MTU C2     C  Y N 165 
MTU N2     N  N N 166 
MTU N1     N  Y N 167 
MTU C6     C  Y N 168 
MTU C5     C  Y N 169 
MTU N7     N  Y N 170 
MTU C8     C  Y N 171 
MTU "C2'"  C  N R 172 
MTU "O2'"  O  N N 173 
MTU "C3'"  C  N S 174 
MTU "O3'"  O  N N 175 
MTU O1     O  N N 176 
MTU HO2P   H  N N 177 
MTU "H5'"  H  N N 178 
MTU "H5''" H  N N 179 
MTU "H4'"  H  N N 180 
MTU "H1'"  H  N N 181 
MTU HN21   H  N N 182 
MTU HN22   H  N N 183 
MTU H6     H  N N 184 
MTU H8     H  N N 185 
MTU "H2'"  H  N N 186 
MTU "HO2'" H  N N 187 
MTU "H3'"  H  N N 188 
MTU "HO3'" H  N N 189 
MTU HO1    H  N N 190 
NCO CO     CO N N 191 
NCO N1     N  N N 192 
NCO N2     N  N N 193 
NCO N3     N  N N 194 
NCO N4     N  N N 195 
NCO N5     N  N N 196 
NCO N6     N  N N 197 
NCO HN11   H  N N 198 
NCO HN12   H  N N 199 
NCO HN13   H  N N 200 
NCO HN21   H  N N 201 
NCO HN22   H  N N 202 
NCO HN23   H  N N 203 
NCO HN31   H  N N 204 
NCO HN32   H  N N 205 
NCO HN33   H  N N 206 
NCO HN41   H  N N 207 
NCO HN42   H  N N 208 
NCO HN43   H  N N 209 
NCO HN51   H  N N 210 
NCO HN52   H  N N 211 
NCO HN53   H  N N 212 
NCO HN61   H  N N 213 
NCO HN62   H  N N 214 
NCO HN63   H  N N 215 
S9L O3P    O  N N 216 
S9L P      P  N N 217 
S9L O1P    O  N N 218 
S9L O2P    O  N N 219 
S9L "O5'"  O  N N 220 
S9L C12    C  N N 221 
S9L C22    C  N N 222 
S9L OH3    O  N N 223 
S9L C13    C  N N 224 
S9L C23    C  N N 225 
S9L OH4    O  N N 226 
S9L C14    C  N N 227 
S9L C24    C  N N 228 
S9L "O3'"  O  N N 229 
S9L HO3P   H  N N 230 
S9L HO1P   H  N N 231 
S9L H121   H  N N 232 
S9L H122   H  N N 233 
S9L H221   H  N N 234 
S9L H222   H  N N 235 
S9L H131   H  N N 236 
S9L H132   H  N N 237 
S9L H231   H  N N 238 
S9L H232   H  N N 239 
S9L H141   H  N N 240 
S9L H142   H  N N 241 
S9L H241   H  N N 242 
S9L H242   H  N N 243 
S9L "HO3'" H  N N 244 
SO4 S      S  N N 245 
SO4 O1     O  N N 246 
SO4 O2     O  N N 247 
SO4 O3     O  N N 248 
SO4 O4     O  N N 249 
U   OP3    O  N N 250 
U   P      P  N N 251 
U   OP1    O  N N 252 
U   OP2    O  N N 253 
U   "O5'"  O  N N 254 
U   "C5'"  C  N N 255 
U   "C4'"  C  N R 256 
U   "O4'"  O  N N 257 
U   "C3'"  C  N S 258 
U   "O3'"  O  N N 259 
U   "C2'"  C  N R 260 
U   "O2'"  O  N N 261 
U   "C1'"  C  N R 262 
U   N1     N  N N 263 
U   C2     C  N N 264 
U   O2     O  N N 265 
U   N3     N  N N 266 
U   C4     C  N N 267 
U   O4     O  N N 268 
U   C5     C  N N 269 
U   C6     C  N N 270 
U   HOP3   H  N N 271 
U   HOP2   H  N N 272 
U   "H5'"  H  N N 273 
U   "H5''" H  N N 274 
U   "H4'"  H  N N 275 
U   "H3'"  H  N N 276 
U   "HO3'" H  N N 277 
U   "H2'"  H  N N 278 
U   "HO2'" H  N N 279 
U   "H1'"  H  N N 280 
U   H3     H  N N 281 
U   H5     H  N N 282 
U   H6     H  N N 283 
# 
loop_
_chem_comp_bond.comp_id 
_chem_comp_bond.atom_id_1 
_chem_comp_bond.atom_id_2 
_chem_comp_bond.value_order 
_chem_comp_bond.pdbx_aromatic_flag 
_chem_comp_bond.pdbx_stereo_config 
_chem_comp_bond.pdbx_ordinal 
A   OP3   P      sing N N 1   
A   OP3   HOP3   sing N N 2   
A   P     OP1    doub N N 3   
A   P     OP2    sing N N 4   
A   P     "O5'"  sing N N 5   
A   OP2   HOP2   sing N N 6   
A   "O5'" "C5'"  sing N N 7   
A   "C5'" "C4'"  sing N N 8   
A   "C5'" "H5'"  sing N N 9   
A   "C5'" "H5''" sing N N 10  
A   "C4'" "O4'"  sing N N 11  
A   "C4'" "C3'"  sing N N 12  
A   "C4'" "H4'"  sing N N 13  
A   "O4'" "C1'"  sing N N 14  
A   "C3'" "O3'"  sing N N 15  
A   "C3'" "C2'"  sing N N 16  
A   "C3'" "H3'"  sing N N 17  
A   "O3'" "HO3'" sing N N 18  
A   "C2'" "O2'"  sing N N 19  
A   "C2'" "C1'"  sing N N 20  
A   "C2'" "H2'"  sing N N 21  
A   "O2'" "HO2'" sing N N 22  
A   "C1'" N9     sing N N 23  
A   "C1'" "H1'"  sing N N 24  
A   N9    C8     sing Y N 25  
A   N9    C4     sing Y N 26  
A   C8    N7     doub Y N 27  
A   C8    H8     sing N N 28  
A   N7    C5     sing Y N 29  
A   C5    C6     sing Y N 30  
A   C5    C4     doub Y N 31  
A   C6    N6     sing N N 32  
A   C6    N1     doub Y N 33  
A   N6    H61    sing N N 34  
A   N6    H62    sing N N 35  
A   N1    C2     sing Y N 36  
A   C2    N3     doub Y N 37  
A   C2    H2     sing N N 38  
A   N3    C4     sing Y N 39  
A2M P     OP1    doub N N 40  
A2M P     OP3    sing N N 41  
A2M P     "O5'"  sing N N 42  
A2M OP3   HOP3   sing N N 43  
A2M "O5'" "C5'"  sing N N 44  
A2M "C5'" "C4'"  sing N N 45  
A2M "C5'" "H5'"  sing N N 46  
A2M "C5'" "H5''" sing N N 47  
A2M "C4'" "O4'"  sing N N 48  
A2M "C4'" "C3'"  sing N N 49  
A2M "C4'" "H4'"  sing N N 50  
A2M "O4'" "C1'"  sing N N 51  
A2M "C3'" "O3'"  sing N N 52  
A2M "C3'" "C2'"  sing N N 53  
A2M "C3'" "H3'"  sing N N 54  
A2M "O3'" "HO3'" sing N N 55  
A2M "C2'" "O2'"  sing N N 56  
A2M "C2'" "C1'"  sing N N 57  
A2M "C2'" "H2'"  sing N N 58  
A2M "O2'" "CM'"  sing N N 59  
A2M "C1'" N9     sing N N 60  
A2M "C1'" "H1'"  sing N N 61  
A2M "CM'" "HM'1" sing N N 62  
A2M "CM'" "HM'2" sing N N 63  
A2M "CM'" "HM'3" sing N N 64  
A2M N9    C8     sing Y N 65  
A2M N9    C4     sing Y N 66  
A2M C8    N7     doub Y N 67  
A2M C8    H8     sing N N 68  
A2M N7    C5     sing Y N 69  
A2M C5    C6     sing Y N 70  
A2M C5    C4     doub Y N 71  
A2M C6    N6     sing N N 72  
A2M C6    N1     doub Y N 73  
A2M N6    H61    sing N N 74  
A2M N6    H62    sing N N 75  
A2M N1    C2     sing Y N 76  
A2M C2    N3     doub Y N 77  
A2M C2    H2     sing N N 78  
A2M N3    C4     sing Y N 79  
A2M P     OP2    sing N N 80  
A2M OP2   HOP2   sing N N 81  
C   OP3   P      sing N N 82  
C   OP3   HOP3   sing N N 83  
C   P     OP1    doub N N 84  
C   P     OP2    sing N N 85  
C   P     "O5'"  sing N N 86  
C   OP2   HOP2   sing N N 87  
C   "O5'" "C5'"  sing N N 88  
C   "C5'" "C4'"  sing N N 89  
C   "C5'" "H5'"  sing N N 90  
C   "C5'" "H5''" sing N N 91  
C   "C4'" "O4'"  sing N N 92  
C   "C4'" "C3'"  sing N N 93  
C   "C4'" "H4'"  sing N N 94  
C   "O4'" "C1'"  sing N N 95  
C   "C3'" "O3'"  sing N N 96  
C   "C3'" "C2'"  sing N N 97  
C   "C3'" "H3'"  sing N N 98  
C   "O3'" "HO3'" sing N N 99  
C   "C2'" "O2'"  sing N N 100 
C   "C2'" "C1'"  sing N N 101 
C   "C2'" "H2'"  sing N N 102 
C   "O2'" "HO2'" sing N N 103 
C   "C1'" N1     sing N N 104 
C   "C1'" "H1'"  sing N N 105 
C   N1    C2     sing N N 106 
C   N1    C6     sing N N 107 
C   C2    O2     doub N N 108 
C   C2    N3     sing N N 109 
C   N3    C4     doub N N 110 
C   C4    N4     sing N N 111 
C   C4    C5     sing N N 112 
C   N4    H41    sing N N 113 
C   N4    H42    sing N N 114 
C   C5    C6     doub N N 115 
C   C5    H5     sing N N 116 
C   C6    H6     sing N N 117 
G   OP3   P      sing N N 118 
G   OP3   HOP3   sing N N 119 
G   P     OP1    doub N N 120 
G   P     OP2    sing N N 121 
G   P     "O5'"  sing N N 122 
G   OP2   HOP2   sing N N 123 
G   "O5'" "C5'"  sing N N 124 
G   "C5'" "C4'"  sing N N 125 
G   "C5'" "H5'"  sing N N 126 
G   "C5'" "H5''" sing N N 127 
G   "C4'" "O4'"  sing N N 128 
G   "C4'" "C3'"  sing N N 129 
G   "C4'" "H4'"  sing N N 130 
G   "O4'" "C1'"  sing N N 131 
G   "C3'" "O3'"  sing N N 132 
G   "C3'" "C2'"  sing N N 133 
G   "C3'" "H3'"  sing N N 134 
G   "O3'" "HO3'" sing N N 135 
G   "C2'" "O2'"  sing N N 136 
G   "C2'" "C1'"  sing N N 137 
G   "C2'" "H2'"  sing N N 138 
G   "O2'" "HO2'" sing N N 139 
G   "C1'" N9     sing N N 140 
G   "C1'" "H1'"  sing N N 141 
G   N9    C8     sing Y N 142 
G   N9    C4     sing Y N 143 
G   C8    N7     doub Y N 144 
G   C8    H8     sing N N 145 
G   N7    C5     sing Y N 146 
G   C5    C6     sing N N 147 
G   C5    C4     doub Y N 148 
G   C6    O6     doub N N 149 
G   C6    N1     sing N N 150 
G   N1    C2     sing N N 151 
G   N1    H1     sing N N 152 
G   C2    N2     sing N N 153 
G   C2    N3     doub N N 154 
G   N2    H21    sing N N 155 
G   N2    H22    sing N N 156 
G   N3    C4     sing N N 157 
HOH O     H1     sing N N 158 
HOH O     H2     sing N N 159 
MTU P     OP1    doub N N 160 
MTU P     OP2    sing N N 161 
MTU P     "O5'"  sing N N 162 
MTU P     O1     sing N N 163 
MTU OP2   HO2P   sing N N 164 
MTU "O5'" "C5'"  sing N N 165 
MTU "C5'" "C4'"  sing N N 166 
MTU "C5'" "H5'"  sing N N 167 
MTU "C5'" "H5''" sing N N 168 
MTU "C4'" "O4'"  sing N N 169 
MTU "C4'" "C3'"  sing N N 170 
MTU "C4'" "H4'"  sing N N 171 
MTU "O4'" "C1'"  sing N N 172 
MTU "C1'" N9     sing N N 173 
MTU "C1'" "C2'"  sing N N 174 
MTU "C1'" "H1'"  sing N N 175 
MTU N9    C4     sing Y N 176 
MTU N9    C8     sing Y N 177 
MTU C4    N3     doub Y N 178 
MTU C4    C5     sing Y N 179 
MTU N3    C2     sing Y N 180 
MTU C2    N2     sing N N 181 
MTU C2    N1     doub Y N 182 
MTU N2    HN21   sing N N 183 
MTU N2    HN22   sing N N 184 
MTU N1    C6     sing Y N 185 
MTU C6    C5     doub Y N 186 
MTU C6    H6     sing N N 187 
MTU C5    N7     sing Y N 188 
MTU N7    C8     doub Y N 189 
MTU C8    H8     sing N N 190 
MTU "C2'" "O2'"  sing N N 191 
MTU "C2'" "C3'"  sing N N 192 
MTU "C2'" "H2'"  sing N N 193 
MTU "O2'" "HO2'" sing N N 194 
MTU "C3'" "O3'"  sing N N 195 
MTU "C3'" "H3'"  sing N N 196 
MTU "O3'" "HO3'" sing N N 197 
MTU O1    HO1    sing N N 198 
NCO CO    N1     sing N N 199 
NCO CO    N2     sing N N 200 
NCO CO    N3     sing N N 201 
NCO CO    N4     sing N N 202 
NCO CO    N5     sing N N 203 
NCO CO    N6     sing N N 204 
NCO N1    HN11   sing N N 205 
NCO N1    HN12   sing N N 206 
NCO N1    HN13   sing N N 207 
NCO N2    HN21   sing N N 208 
NCO N2    HN22   sing N N 209 
NCO N2    HN23   sing N N 210 
NCO N3    HN31   sing N N 211 
NCO N3    HN32   sing N N 212 
NCO N3    HN33   sing N N 213 
NCO N4    HN41   sing N N 214 
NCO N4    HN42   sing N N 215 
NCO N4    HN43   sing N N 216 
NCO N5    HN51   sing N N 217 
NCO N5    HN52   sing N N 218 
NCO N5    HN53   sing N N 219 
NCO N6    HN61   sing N N 220 
NCO N6    HN62   sing N N 221 
NCO N6    HN63   sing N N 222 
S9L O3P   P      sing N N 223 
S9L O3P   HO3P   sing N N 224 
S9L P     O2P    doub N N 225 
S9L P     O1P    sing N N 226 
S9L P     "O5'"  sing N N 227 
S9L O1P   HO1P   sing N N 228 
S9L "O5'" C12    sing N N 229 
S9L C12   C22    sing N N 230 
S9L C12   H121   sing N N 231 
S9L C12   H122   sing N N 232 
S9L C22   OH3    sing N N 233 
S9L C22   H221   sing N N 234 
S9L C22   H222   sing N N 235 
S9L OH3   C23    sing N N 236 
S9L C13   C23    sing N N 237 
S9L C13   OH4    sing N N 238 
S9L C13   H131   sing N N 239 
S9L C13   H132   sing N N 240 
S9L C23   H231   sing N N 241 
S9L C23   H232   sing N N 242 
S9L OH4   C24    sing N N 243 
S9L C14   C24    sing N N 244 
S9L C14   "O3'"  sing N N 245 
S9L C14   H141   sing N N 246 
S9L C14   H142   sing N N 247 
S9L C24   H241   sing N N 248 
S9L C24   H242   sing N N 249 
S9L "O3'" "HO3'" sing N N 250 
SO4 S     O1     doub N N 251 
SO4 S     O2     doub N N 252 
SO4 S     O3     sing N N 253 
SO4 S     O4     sing N N 254 
U   OP3   P      sing N N 255 
U   OP3   HOP3   sing N N 256 
U   P     OP1    doub N N 257 
U   P     OP2    sing N N 258 
U   P     "O5'"  sing N N 259 
U   OP2   HOP2   sing N N 260 
U   "O5'" "C5'"  sing N N 261 
U   "C5'" "C4'"  sing N N 262 
U   "C5'" "H5'"  sing N N 263 
U   "C5'" "H5''" sing N N 264 
U   "C4'" "O4'"  sing N N 265 
U   "C4'" "C3'"  sing N N 266 
U   "C4'" "H4'"  sing N N 267 
U   "O4'" "C1'"  sing N N 268 
U   "C3'" "O3'"  sing N N 269 
U   "C3'" "C2'"  sing N N 270 
U   "C3'" "H3'"  sing N N 271 
U   "O3'" "HO3'" sing N N 272 
U   "C2'" "O2'"  sing N N 273 
U   "C2'" "C1'"  sing N N 274 
U   "C2'" "H2'"  sing N N 275 
U   "O2'" "HO2'" sing N N 276 
U   "C1'" N1     sing N N 277 
U   "C1'" "H1'"  sing N N 278 
U   N1    C2     sing N N 279 
U   N1    C6     sing N N 280 
U   C2    O2     doub N N 281 
U   C2    N3     sing N N 282 
U   N3    C4     sing N N 283 
U   N3    H3     sing N N 284 
U   C4    O4     doub N N 285 
U   C4    C5     sing N N 286 
U   C5    C6     doub N N 287 
U   C5    H5     sing N N 288 
U   C6    H6     sing N N 289 
# 
loop_
_ndb_struct_conf_na.entry_id 
_ndb_struct_conf_na.feature 
3BBI 'double helix'         
3BBI 'a-form double helix'  
3BBI 'mismatched base pair' 
3BBI 'internal loop'        
# 
loop_
_ndb_struct_na_base_pair.model_number 
_ndb_struct_na_base_pair.i_label_asym_id 
_ndb_struct_na_base_pair.i_label_comp_id 
_ndb_struct_na_base_pair.i_label_seq_id 
_ndb_struct_na_base_pair.i_symmetry 
_ndb_struct_na_base_pair.j_label_asym_id 
_ndb_struct_na_base_pair.j_label_comp_id 
_ndb_struct_na_base_pair.j_label_seq_id 
_ndb_struct_na_base_pair.j_symmetry 
_ndb_struct_na_base_pair.shear 
_ndb_struct_na_base_pair.stretch 
_ndb_struct_na_base_pair.stagger 
_ndb_struct_na_base_pair.buckle 
_ndb_struct_na_base_pair.propeller 
_ndb_struct_na_base_pair.opening 
_ndb_struct_na_base_pair.pair_number 
_ndb_struct_na_base_pair.pair_name 
_ndb_struct_na_base_pair.i_auth_asym_id 
_ndb_struct_na_base_pair.i_auth_seq_id 
_ndb_struct_na_base_pair.i_PDB_ins_code 
_ndb_struct_na_base_pair.j_auth_asym_id 
_ndb_struct_na_base_pair.j_auth_seq_id 
_ndb_struct_na_base_pair.j_PDB_ins_code 
_ndb_struct_na_base_pair.hbond_type_28 
_ndb_struct_na_base_pair.hbond_type_12 
1 A C   2  1_555 B G   12 1_555 0.160  -0.136 -0.333 10.870  -19.281 1.864    1  A_C2:G13_B    A 2  ? B 13 ? 19 1  
1 A C   3  1_555 B G   11 1_555 0.114  -0.129 -0.231 -0.438  -7.890  -0.420   2  A_C3:G12_B    A 3  ? B 12 ? 19 1  
1 A C   4  1_555 B G   10 1_555 0.471  -0.101 0.069  0.097   5.057   3.567    3  A_C4:G11_B    A 4  ? B 11 ? 19 1  
1 A A2M 5  1_555 B A   8  1_555 6.762  -3.971 0.067  15.358  8.201   -27.629  4  A_A2M5:A9_B   A 5  ? B 9  ? ?  ?  
1 A U   7  1_555 B G   7  1_555 -7.924 -3.096 -0.288 12.779  2.404   -0.929   5  A_U7:G8_B     A 7  ? B 8  ? ?  ?  
1 A C   8  1_555 B A   6  1_555 -2.124 0.374  -1.020 20.910  -13.801 4.434    6  A_C8:A7_B     A 8  ? B 7  ? ?  ?  
1 A C   9  1_555 B G   5  1_555 0.173  -0.035 -0.245 9.971   -13.463 0.068    7  A_C9:G6_B     A 9  ? B 6  ? 19 1  
1 A A   10 1_555 B U   4  1_555 0.639  0.001  0.381  -0.265  -9.773  -2.132   8  A_A10:U5_B    A 10 ? B 5  ? 20 1  
1 A C   11 1_555 B G   3  1_555 -0.030 -0.029 0.583  2.004   -11.452 5.609    9  A_C11:G4_B    A 11 ? B 4  ? 19 1  
1 A C   12 1_555 B G   2  1_555 -0.125 -0.237 0.067  3.839   -13.192 4.787    10 A_C12:G3_B    A 12 ? B 3  ? 19 1  
1 A G   13 1_555 B C   1  1_555 0.071  0.028  0.093  -2.495  -10.476 7.481    11 A_G13:C2_B    A 13 ? B 2  ? 19 1  
1 B G   14 1_555 C C   19 1_555 -0.404 -0.138 0.409  1.985   -11.351 2.013    12 B_G15:C49_C   B 15 ? C 49 ? 19 1  
1 B G   15 1_555 C C   18 1_555 -0.363 -0.149 0.473  11.850  -12.715 -0.718   13 B_G16:C48_C   B 16 ? C 48 ? 19 1  
1 B C   16 1_555 C G   17 1_555 0.136  -0.153 0.019  8.676   -14.902 1.042    14 B_C17:G47_C   B 17 ? C 47 ? 19 1  
1 B A   17 1_555 C U   16 1_555 -0.252 -0.034 0.077  -0.200  -12.646 7.623    15 B_A18:U46_C   B 18 ? C 46 ? 20 1  
1 B G   18 1_555 C C   15 1_555 -0.386 -0.242 -0.636 -9.432  -9.243  3.554    16 B_G19:C45_C   B 19 ? C 45 ? 19 1  
1 B A   19 1_555 C C   14 1_555 2.318  0.244  -0.314 -13.047 -5.242  18.500   17 B_A20:C44_C   B 20 ? C 44 ? ?  1  
1 B G   20 1_555 C A   13 1_555 7.020  -4.646 -0.067 -6.932  1.092   -6.152   18 B_G21:A43_C   B 21 ? C 43 ? 11 10 
1 B A   21 1_555 C U   11 1_555 -4.018 -1.668 -0.190 -4.517  -8.162  -104.332 19 B_A22:U41_C   B 22 ? C 41 ? 24 4  
1 B A   22 1_555 C A   10 1_555 -4.105 1.266  -0.361 -0.722  -19.034 -97.371  20 B_A23:A40_C   B 23 ? C 40 ? ?  ?  
1 B A   23 1_555 C MTU 8  1_555 5.289  3.300  -0.367 -3.794  -8.695  -152.267 21 B_A24:MTU38_C B 24 ? C 38 ? ?  ?  
1 B C   24 1_555 A G   6  1_555 0.259  -0.248 0.232  19.040  -16.989 0.498    22 B_C25:G6_A    B 25 ? A 6  ? 19 1  
1 B A   25 1_555 C G   6  1_555 -0.087 1.398  -0.451 -10.077 -16.939 -20.895  23 B_A26:G36_C   B 26 ? C 36 ? 8  ?  
1 B C   26 1_555 C G   5  1_555 0.040  -0.172 0.135  6.705   -21.124 -1.978   24 B_C27:G35_C   B 27 ? C 35 ? 19 1  
1 B A   27 1_555 C U   4  1_555 0.012  -0.181 0.414  5.739   -20.450 -0.184   25 B_A28:U34_C   B 28 ? C 34 ? 20 1  
1 B C   28 1_555 C G   3  1_555 0.339  -0.191 0.018  6.649   -14.076 2.508    26 B_C29:G33_C   B 29 ? C 33 ? 19 1  
1 B G   29 1_555 C C   2  1_555 -0.135 -0.110 0.135  -6.814  -16.853 -3.730   27 B_G30:C32_C   B 30 ? C 32 ? 19 1  
1 B A   30 1_555 C U   1  1_555 0.382  -0.078 0.212  -3.663  -8.228  1.835    28 B_A31:U31_C   B 31 ? C 31 ? 20 1  
# 
loop_
_ndb_struct_na_base_pair_step.model_number 
_ndb_struct_na_base_pair_step.i_label_asym_id_1 
_ndb_struct_na_base_pair_step.i_label_comp_id_1 
_ndb_struct_na_base_pair_step.i_label_seq_id_1 
_ndb_struct_na_base_pair_step.i_symmetry_1 
_ndb_struct_na_base_pair_step.j_label_asym_id_1 
_ndb_struct_na_base_pair_step.j_label_comp_id_1 
_ndb_struct_na_base_pair_step.j_label_seq_id_1 
_ndb_struct_na_base_pair_step.j_symmetry_1 
_ndb_struct_na_base_pair_step.i_label_asym_id_2 
_ndb_struct_na_base_pair_step.i_label_comp_id_2 
_ndb_struct_na_base_pair_step.i_label_seq_id_2 
_ndb_struct_na_base_pair_step.i_symmetry_2 
_ndb_struct_na_base_pair_step.j_label_asym_id_2 
_ndb_struct_na_base_pair_step.j_label_comp_id_2 
_ndb_struct_na_base_pair_step.j_label_seq_id_2 
_ndb_struct_na_base_pair_step.j_symmetry_2 
_ndb_struct_na_base_pair_step.shift 
_ndb_struct_na_base_pair_step.slide 
_ndb_struct_na_base_pair_step.rise 
_ndb_struct_na_base_pair_step.tilt 
_ndb_struct_na_base_pair_step.roll 
_ndb_struct_na_base_pair_step.twist 
_ndb_struct_na_base_pair_step.x_displacement 
_ndb_struct_na_base_pair_step.y_displacement 
_ndb_struct_na_base_pair_step.helical_rise 
_ndb_struct_na_base_pair_step.inclination 
_ndb_struct_na_base_pair_step.tip 
_ndb_struct_na_base_pair_step.helical_twist 
_ndb_struct_na_base_pair_step.step_number 
_ndb_struct_na_base_pair_step.step_name 
_ndb_struct_na_base_pair_step.i_auth_asym_id_1 
_ndb_struct_na_base_pair_step.i_auth_seq_id_1 
_ndb_struct_na_base_pair_step.i_PDB_ins_code_1 
_ndb_struct_na_base_pair_step.j_auth_asym_id_1 
_ndb_struct_na_base_pair_step.j_auth_seq_id_1 
_ndb_struct_na_base_pair_step.j_PDB_ins_code_1 
_ndb_struct_na_base_pair_step.i_auth_asym_id_2 
_ndb_struct_na_base_pair_step.i_auth_seq_id_2 
_ndb_struct_na_base_pair_step.i_PDB_ins_code_2 
_ndb_struct_na_base_pair_step.j_auth_asym_id_2 
_ndb_struct_na_base_pair_step.j_auth_seq_id_2 
_ndb_struct_na_base_pair_step.j_PDB_ins_code_2 
1 A C   2  1_555 B G   12 1_555 A C   3  1_555 B G   11 1_555 -0.645 -1.737 3.591 -1.459 11.685 32.571  -4.754 0.857  2.844 20.036 
2.501   34.580  1  AA_C2C3:G12G13_BB     A 2  ? B 13 ? A 3  ? B 12 ? 
1 A C   3  1_555 B G   11 1_555 A C   4  1_555 B G   10 1_555 0.681  -1.629 3.448 -1.678 10.480 27.735  -5.305 -1.671 2.627 20.917 
3.349   29.659  2  AA_C3C4:G11G12_BB     A 3  ? B 12 ? A 4  ? B 11 ? 
1 A C   4  1_555 B G   10 1_555 A A2M 5  1_555 B A   8  1_555 -0.030 -0.740 5.077 -4.257 30.635 72.296  -1.928 -0.162 4.520 24.888 
3.459   77.797  3  AA_C4A2M5:A9G11_BB    A 4  ? B 11 ? A 5  ? B 9  ? 
1 A A2M 5  1_555 B A   8  1_555 A U   7  1_555 B G   7  1_555 -1.307 -0.089 3.491 0.174  1.211  5.606   -8.177 14.101 3.353 12.187 
-1.748  5.738   4  AA_A2M5U7:G8A9_BB     A 5  ? B 9  ? A 7  ? B 8  ? 
1 A U   7  1_555 B G   7  1_555 A C   8  1_555 B A   6  1_555 0.016  -0.964 3.156 -1.742 6.627  54.257  -1.429 -0.117 3.027 7.234 
1.901   54.656  5  AA_U7C8:A7G8_BB       A 7  ? B 8  ? A 8  ? B 7  ? 
1 A C   8  1_555 B A   6  1_555 A C   9  1_555 B G   5  1_555 -0.172 -1.521 3.754 -6.443 8.489  40.180  -3.146 -0.516 3.366 12.100 
9.184   41.512  6  AA_C8C9:G6A7_BB       A 8  ? B 7  ? A 9  ? B 6  ? 
1 A C   9  1_555 B G   5  1_555 A A   10 1_555 B U   4  1_555 -0.514 -1.771 3.378 -5.115 12.155 35.337  -4.259 0.160  2.692 19.218 
8.087   37.644  7  AA_C9A10:U5G6_BB      A 9  ? B 6  ? A 10 ? B 5  ? 
1 A A   10 1_555 B U   4  1_555 A C   11 1_555 B G   3  1_555 0.041  -1.853 3.144 -2.867 2.407  26.939  -4.507 -0.760 2.950 5.135 
6.117   27.193  8  AA_A10C11:G4U5_BB     A 10 ? B 5  ? A 11 ? B 4  ? 
1 A C   11 1_555 B G   3  1_555 A C   12 1_555 B G   2  1_555 -0.020 -2.020 2.987 3.720  6.474  32.621  -4.424 0.561  2.533 11.341 
-6.517  33.442  9  AA_C11C12:G3G4_BB     A 11 ? B 4  ? A 12 ? B 3  ? 
1 A C   12 1_555 B G   2  1_555 A G   13 1_555 B C   1  1_555 0.223  -1.538 3.313 1.406  10.256 31.695  -4.297 -0.168 2.705 18.181 
-2.493  33.302  10 AA_C12G13:C2G3_BB     A 12 ? B 3  ? A 13 ? B 2  ? 
1 B G   14 1_555 C C   19 1_555 B G   15 1_555 C C   18 1_555 -0.690 -1.089 2.934 -3.607 6.833  33.812  -2.748 0.672  2.726 11.561 
6.103   34.658  11 BB_G15G16:C48C49_CC   B 15 ? C 49 ? B 16 ? C 48 ? 
1 B G   15 1_555 C C   18 1_555 B C   16 1_555 C G   17 1_555 0.298  -1.291 3.392 2.627  7.308  35.445  -3.100 -0.111 3.087 11.829 
-4.252  36.259  12 BB_G16C17:G47C48_CC   B 16 ? C 48 ? B 17 ? C 47 ? 
1 B C   16 1_555 C G   17 1_555 B A   17 1_555 C U   16 1_555 0.554  -1.734 3.302 -0.723 12.613 29.752  -5.149 -1.113 2.376 23.286 
1.336   32.268  13 BB_C17A18:U46G47_CC   B 17 ? C 47 ? B 18 ? C 46 ? 
1 B A   17 1_555 C U   16 1_555 B G   18 1_555 C C   15 1_555 0.001  -2.027 3.500 2.817  9.991  29.788  -5.546 0.510  2.685 18.732 
-5.282  31.506  14 BB_A18G19:C45U46_CC   B 18 ? C 46 ? B 19 ? C 45 ? 
1 B G   18 1_555 C C   15 1_555 B A   19 1_555 C C   14 1_555 1.005  -1.273 3.371 -0.004 6.560  39.744  -2.593 -1.461 3.130 9.570 
0.006   40.260  15 BB_G19A20:C44C45_CC   B 19 ? C 45 ? B 20 ? C 44 ? 
1 B A   19 1_555 C C   14 1_555 B G   20 1_555 C A   13 1_555 -0.767 -0.954 3.199 6.713  5.699  58.575  -1.243 1.103  3.006 5.788 
-6.819  59.175  16 BB_A20G21:A43C44_CC   B 20 ? C 44 ? B 21 ? C 43 ? 
1 B G   20 1_555 C A   13 1_555 B A   21 1_555 C U   11 1_555 -2.444 -0.459 3.459 2.135  -0.515 11.822  -1.528 14.414 2.988 -2.473 
-10.249 12.023  17 BB_G21A22:U41A43_CC   B 21 ? C 43 ? B 22 ? C 41 ? 
1 B A   21 1_555 C U   11 1_555 B A   22 1_555 C A   10 1_555 -0.010 -2.307 3.433 -9.551 4.040  45.976  -3.228 -0.790 3.172 5.096 
12.048  47.069  18 BB_A22A23:A40U41_CC   B 22 ? C 41 ? B 23 ? C 40 ? 
1 B A   22 1_555 C A   10 1_555 B A   23 1_555 C MTU 8  1_555 -3.215 -3.066 3.488 -2.069 -1.179 72.911  -2.537 2.631  3.608 -0.992 
1.741   72.945  19 BB_A23A24:MTU38A40_CC B 23 ? C 40 ? B 24 ? C 38 ? 
1 B A   23 1_555 C MTU 8  1_555 B C   24 1_555 A G   6  1_555 2.415  -0.109 3.006 -0.917 7.360  -31.878 -0.994 4.141  3.021 
-13.179 -1.641  -32.708 20 BB_A24C25:G6MTU38_AC  B 24 ? C 38 ? B 25 ? A 6  ? 
1 B C   24 1_555 A G   6  1_555 B A   25 1_555 C G   6  1_555 0.099  -2.103 3.846 5.083  5.330  46.706  -3.121 0.350  3.591 6.674 
-6.365  47.251  21 BB_C25A26:G36G6_CA    B 25 ? A 6  ? B 26 ? C 36 ? 
1 B A   25 1_555 C G   6  1_555 B C   26 1_555 C G   5  1_555 1.004  -0.725 2.898 -5.222 3.844  30.319  -1.985 -2.732 2.584 7.246 
9.843   30.989  22 BB_A26C27:G35G36_CC   B 26 ? C 36 ? B 27 ? C 35 ? 
1 B C   26 1_555 C G   5  1_555 B A   27 1_555 C U   4  1_555 0.231  -1.193 3.222 -1.627 7.541  35.472  -2.917 -0.586 2.903 12.199 
2.632   36.275  23 BB_C27A28:U34G35_CC   B 27 ? C 35 ? B 28 ? C 34 ? 
1 B A   27 1_555 C U   4  1_555 B C   28 1_555 C G   3  1_555 0.468  -1.044 3.290 4.410  -0.464 33.608  -1.716 -0.082 3.336 -0.798 
-7.586  33.891  24 BB_A28C29:G33U34_CC   B 28 ? C 34 ? B 29 ? C 33 ? 
1 B C   28 1_555 C G   3  1_555 B G   29 1_555 C C   2  1_555 0.059  -1.494 3.427 1.414  11.801 34.533  -3.987 0.098  2.785 19.189 
-2.299  36.462  25 BB_C29G30:C32G33_CC   B 29 ? C 33 ? B 30 ? C 32 ? 
1 B G   29 1_555 C C   2  1_555 B A   30 1_555 C U   1  1_555 0.897  -1.691 3.118 3.835  4.747  31.928  -3.798 -0.978 2.928 8.531 
-6.892  32.491  26 BB_G30A31:U31C32_CC   B 30 ? C 32 ? B 31 ? C 31 ? 
# 
loop_
_pdbx_entity_nonpoly.entity_id 
_pdbx_entity_nonpoly.name 
_pdbx_entity_nonpoly.comp_id 
4 'SULFATE ION'           SO4 
5 'COBALT HEXAMMINE(III)' NCO 
6 water                   HOH 
# 
_pdbx_initial_refinement_model.id               1 
_pdbx_initial_refinement_model.entity_id_list   ? 
_pdbx_initial_refinement_model.type             'experimental model' 
_pdbx_initial_refinement_model.source_name      PDB 
_pdbx_initial_refinement_model.accession_code   2OUE 
_pdbx_initial_refinement_model.details          ? 
# 
